data_7XRG
# 
_entry.id   7XRG 
# 
_audit_conform.dict_name       mmcif_pdbx.dic 
_audit_conform.dict_version    5.380 
_audit_conform.dict_location   http://mmcif.pdb.org/dictionaries/ascii/mmcif_pdbx.dic 
# 
loop_
_database_2.database_id 
_database_2.database_code 
_database_2.pdbx_database_accession 
_database_2.pdbx_DOI 
PDB   7XRG         pdb_00007xrg 10.2210/pdb7xrg/pdb 
WWPDB D_1300029447 ?            ?                   
# 
_pdbx_database_status.status_code                     REL 
_pdbx_database_status.status_code_sf                  REL 
_pdbx_database_status.status_code_mr                  ? 
_pdbx_database_status.entry_id                        7XRG 
_pdbx_database_status.recvd_initial_deposition_date   2022-05-10 
_pdbx_database_status.SG_entry                        N 
_pdbx_database_status.deposit_site                    PDBJ 
_pdbx_database_status.process_site                    PDBJ 
_pdbx_database_status.status_code_cs                  ? 
_pdbx_database_status.status_code_nmr_data            ? 
_pdbx_database_status.methods_development_category    ? 
_pdbx_database_status.pdb_format_compatible           Y 
# 
loop_
_audit_author.name 
_audit_author.pdbx_ordinal 
_audit_author.identifier_ORCID 
'Zhao, G.H.'  1 ?                   
'Zhang, X.R.' 2 0000-0002-9197-0875 
# 
_citation.abstract                  ? 
_citation.abstract_id_CAS           ? 
_citation.book_id_ISBN              ? 
_citation.book_publisher            ? 
_citation.book_publisher_city       ? 
_citation.book_title                ? 
_citation.coordinate_linkage        ? 
_citation.country                   ? 
_citation.database_id_Medline       ? 
_citation.details                   ? 
_citation.id                        primary 
_citation.journal_abbrev            'To Be Published' 
_citation.journal_id_ASTM           ? 
_citation.journal_id_CSD            0353 
_citation.journal_id_ISSN           ? 
_citation.journal_full              ? 
_citation.journal_issue             ? 
_citation.journal_volume            ? 
_citation.language                  ? 
_citation.page_first                ? 
_citation.page_last                 ? 
_citation.title                     'ferritin nanocage assembly with nickel ion' 
_citation.year                      ? 
_citation.database_id_CSD           ? 
_citation.pdbx_database_id_DOI      ? 
_citation.pdbx_database_id_PubMed   ? 
_citation.pdbx_database_id_patent   ? 
_citation.unpublished_flag          ? 
# 
loop_
_citation_author.citation_id 
_citation_author.name 
_citation_author.ordinal 
_citation_author.identifier_ORCID 
primary 'Zhao, G.H.'  1 ?                   
primary 'Zhang, X.R.' 2 0000-0002-9197-0875 
# 
_cell.angle_alpha                  90.000 
_cell.angle_alpha_esd              ? 
_cell.angle_beta                   90.000 
_cell.angle_beta_esd               ? 
_cell.angle_gamma                  90.000 
_cell.angle_gamma_esd              ? 
_cell.entry_id                     7XRG 
_cell.details                      ? 
_cell.formula_units_Z              ? 
_cell.length_a                     117.278 
_cell.length_a_esd                 ? 
_cell.length_b                     117.278 
_cell.length_b_esd                 ? 
_cell.length_c                     117.278 
_cell.length_c_esd                 ? 
_cell.volume                       ? 
_cell.volume_esd                   ? 
_cell.Z_PDB                        24 
_cell.reciprocal_angle_alpha       ? 
_cell.reciprocal_angle_beta        ? 
_cell.reciprocal_angle_gamma       ? 
_cell.reciprocal_angle_alpha_esd   ? 
_cell.reciprocal_angle_beta_esd    ? 
_cell.reciprocal_angle_gamma_esd   ? 
_cell.reciprocal_length_a          ? 
_cell.reciprocal_length_b          ? 
_cell.reciprocal_length_c          ? 
_cell.reciprocal_length_a_esd      ? 
_cell.reciprocal_length_b_esd      ? 
_cell.reciprocal_length_c_esd      ? 
_cell.pdbx_unique_axis             ? 
_cell.pdbx_esd_method              ? 
# 
_symmetry.entry_id                         7XRG 
_symmetry.cell_setting                     ? 
_symmetry.Int_Tables_number                207 
_symmetry.space_group_name_Hall            ? 
_symmetry.space_group_name_H-M             'P 4 3 2' 
_symmetry.pdbx_full_space_group_name_H-M   ? 
# 
loop_
_entity.id 
_entity.type 
_entity.src_method 
_entity.pdbx_description 
_entity.formula_weight 
_entity.pdbx_number_of_molecules 
_entity.pdbx_ec 
_entity.pdbx_mutation 
_entity.pdbx_fragment 
_entity.details 
1 polymer     man Ferritin          19582.912 1  1.16.3.1 'Q81E, Q88R, T158H, L160H' ? ? 
2 non-polymer syn 'NICKEL (II) ION' 58.693    2  ?        ?                          ? ? 
3 non-polymer syn 'FE (III) ION'    55.845    2  ?        ?                          ? ? 
4 water       nat water             18.015    95 ?        ?                          ? ? 
# 
_entity_poly.entity_id                      1 
_entity_poly.type                           'polypeptide(L)' 
_entity_poly.nstd_linkage                   no 
_entity_poly.nstd_monomer                   no 
_entity_poly.pdbx_seq_one_letter_code       
;MASQVRQNYHEDCEASINKQINMELYASYVYLSMAYYFERDDVALPGFAKFFKESSDEEREHAQTFMKYQNKRGGRIVLQ
EIAAPSMREWGTGLEALQAALDLEKQVNQSLLELHSTASGNNDPHLTKLLEDEYLEEQVDSIKKIGDMITKLKRAGPHGH
GEYMFDKELN
;
_entity_poly.pdbx_seq_one_letter_code_can   
;MASQVRQNYHEDCEASINKQINMELYASYVYLSMAYYFERDDVALPGFAKFFKESSDEEREHAQTFMKYQNKRGGRIVLQ
EIAAPSMREWGTGLEALQAALDLEKQVNQSLLELHSTASGNNDPHLTKLLEDEYLEEQVDSIKKIGDMITKLKRAGPHGH
GEYMFDKELN
;
_entity_poly.pdbx_strand_id                 A 
_entity_poly.pdbx_target_identifier         ? 
# 
loop_
_entity_poly_seq.entity_id 
_entity_poly_seq.num 
_entity_poly_seq.mon_id 
_entity_poly_seq.hetero 
1 1   MET n 
1 2   ALA n 
1 3   SER n 
1 4   GLN n 
1 5   VAL n 
1 6   ARG n 
1 7   GLN n 
1 8   ASN n 
1 9   TYR n 
1 10  HIS n 
1 11  GLU n 
1 12  ASP n 
1 13  CYS n 
1 14  GLU n 
1 15  ALA n 
1 16  SER n 
1 17  ILE n 
1 18  ASN n 
1 19  LYS n 
1 20  GLN n 
1 21  ILE n 
1 22  ASN n 
1 23  MET n 
1 24  GLU n 
1 25  LEU n 
1 26  TYR n 
1 27  ALA n 
1 28  SER n 
1 29  TYR n 
1 30  VAL n 
1 31  TYR n 
1 32  LEU n 
1 33  SER n 
1 34  MET n 
1 35  ALA n 
1 36  TYR n 
1 37  TYR n 
1 38  PHE n 
1 39  GLU n 
1 40  ARG n 
1 41  ASP n 
1 42  ASP n 
1 43  VAL n 
1 44  ALA n 
1 45  LEU n 
1 46  PRO n 
1 47  GLY n 
1 48  PHE n 
1 49  ALA n 
1 50  LYS n 
1 51  PHE n 
1 52  PHE n 
1 53  LYS n 
1 54  GLU n 
1 55  SER n 
1 56  SER n 
1 57  ASP n 
1 58  GLU n 
1 59  GLU n 
1 60  ARG n 
1 61  GLU n 
1 62  HIS n 
1 63  ALA n 
1 64  GLN n 
1 65  THR n 
1 66  PHE n 
1 67  MET n 
1 68  LYS n 
1 69  TYR n 
1 70  GLN n 
1 71  ASN n 
1 72  LYS n 
1 73  ARG n 
1 74  GLY n 
1 75  GLY n 
1 76  ARG n 
1 77  ILE n 
1 78  VAL n 
1 79  LEU n 
1 80  GLN n 
1 81  GLU n 
1 82  ILE n 
1 83  ALA n 
1 84  ALA n 
1 85  PRO n 
1 86  SER n 
1 87  MET n 
1 88  ARG n 
1 89  GLU n 
1 90  TRP n 
1 91  GLY n 
1 92  THR n 
1 93  GLY n 
1 94  LEU n 
1 95  GLU n 
1 96  ALA n 
1 97  LEU n 
1 98  GLN n 
1 99  ALA n 
1 100 ALA n 
1 101 LEU n 
1 102 ASP n 
1 103 LEU n 
1 104 GLU n 
1 105 LYS n 
1 106 GLN n 
1 107 VAL n 
1 108 ASN n 
1 109 GLN n 
1 110 SER n 
1 111 LEU n 
1 112 LEU n 
1 113 GLU n 
1 114 LEU n 
1 115 HIS n 
1 116 SER n 
1 117 THR n 
1 118 ALA n 
1 119 SER n 
1 120 GLY n 
1 121 ASN n 
1 122 ASN n 
1 123 ASP n 
1 124 PRO n 
1 125 HIS n 
1 126 LEU n 
1 127 THR n 
1 128 LYS n 
1 129 LEU n 
1 130 LEU n 
1 131 GLU n 
1 132 ASP n 
1 133 GLU n 
1 134 TYR n 
1 135 LEU n 
1 136 GLU n 
1 137 GLU n 
1 138 GLN n 
1 139 VAL n 
1 140 ASP n 
1 141 SER n 
1 142 ILE n 
1 143 LYS n 
1 144 LYS n 
1 145 ILE n 
1 146 GLY n 
1 147 ASP n 
1 148 MET n 
1 149 ILE n 
1 150 THR n 
1 151 LYS n 
1 152 LEU n 
1 153 LYS n 
1 154 ARG n 
1 155 ALA n 
1 156 GLY n 
1 157 PRO n 
1 158 HIS n 
1 159 GLY n 
1 160 HIS n 
1 161 GLY n 
1 162 GLU n 
1 163 TYR n 
1 164 MET n 
1 165 PHE n 
1 166 ASP n 
1 167 LYS n 
1 168 GLU n 
1 169 LEU n 
1 170 ASN n 
# 
_entity_src_gen.entity_id                          1 
_entity_src_gen.pdbx_src_id                        1 
_entity_src_gen.pdbx_alt_source_flag               sample 
_entity_src_gen.pdbx_seq_type                      'Biological sequence' 
_entity_src_gen.pdbx_beg_seq_num                   1 
_entity_src_gen.pdbx_end_seq_num                   170 
_entity_src_gen.gene_src_common_name               ? 
_entity_src_gen.gene_src_genus                     ? 
_entity_src_gen.pdbx_gene_src_gene                 ? 
_entity_src_gen.gene_src_species                   ? 
_entity_src_gen.gene_src_strain                    ? 
_entity_src_gen.gene_src_tissue                    ? 
_entity_src_gen.gene_src_tissue_fraction           ? 
_entity_src_gen.gene_src_details                   ? 
_entity_src_gen.pdbx_gene_src_fragment             ? 
_entity_src_gen.pdbx_gene_src_scientific_name      'Penaeus japonicus' 
_entity_src_gen.pdbx_gene_src_ncbi_taxonomy_id     27405 
_entity_src_gen.pdbx_gene_src_variant              ? 
_entity_src_gen.pdbx_gene_src_cell_line            ? 
_entity_src_gen.pdbx_gene_src_atcc                 ? 
_entity_src_gen.pdbx_gene_src_organ                ? 
_entity_src_gen.pdbx_gene_src_organelle            ? 
_entity_src_gen.pdbx_gene_src_cell                 ? 
_entity_src_gen.pdbx_gene_src_cellular_location    ? 
_entity_src_gen.host_org_common_name               ? 
_entity_src_gen.pdbx_host_org_scientific_name      'Escherichia coli' 
_entity_src_gen.pdbx_host_org_ncbi_taxonomy_id     562 
_entity_src_gen.host_org_genus                     ? 
_entity_src_gen.pdbx_host_org_gene                 ? 
_entity_src_gen.pdbx_host_org_organ                ? 
_entity_src_gen.host_org_species                   ? 
_entity_src_gen.pdbx_host_org_tissue               ? 
_entity_src_gen.pdbx_host_org_tissue_fraction      ? 
_entity_src_gen.pdbx_host_org_strain               ? 
_entity_src_gen.pdbx_host_org_variant              ? 
_entity_src_gen.pdbx_host_org_cell_line            ? 
_entity_src_gen.pdbx_host_org_atcc                 ? 
_entity_src_gen.pdbx_host_org_culture_collection   ? 
_entity_src_gen.pdbx_host_org_cell                 ? 
_entity_src_gen.pdbx_host_org_organelle            ? 
_entity_src_gen.pdbx_host_org_cellular_location    ? 
_entity_src_gen.pdbx_host_org_vector_type          ? 
_entity_src_gen.pdbx_host_org_vector               ? 
_entity_src_gen.host_org_details                   ? 
_entity_src_gen.expression_system_id               ? 
_entity_src_gen.plasmid_name                       ? 
_entity_src_gen.plasmid_details                    ? 
_entity_src_gen.pdbx_description                   ? 
# 
_struct_ref.id                         1 
_struct_ref.db_name                    UNP 
_struct_ref.db_code                    T2B7E1_PENJP 
_struct_ref.pdbx_db_accession          T2B7E1 
_struct_ref.pdbx_db_isoform            ? 
_struct_ref.entity_id                  1 
_struct_ref.pdbx_seq_one_letter_code   
;MASQVRQNYHEDCEASINKQINMELYASYVYLSMAYYFERDDVALPGFAKFFKESSDEEREHAQTFMKYQNKRGGRIVLQ
QIAAPSMQEWGTGLEALQAALDLEKQVNQSLLELHSTASGNNDPHLTKLLEDEYLEEQVDSIKKIGDMITKLKRAGPTGL
GEYMFDKELN
;
_struct_ref.pdbx_align_begin           1 
# 
_struct_ref_seq.align_id                      1 
_struct_ref_seq.ref_id                        1 
_struct_ref_seq.pdbx_PDB_id_code              7XRG 
_struct_ref_seq.pdbx_strand_id                A 
_struct_ref_seq.seq_align_beg                 1 
_struct_ref_seq.pdbx_seq_align_beg_ins_code   ? 
_struct_ref_seq.seq_align_end                 170 
_struct_ref_seq.pdbx_seq_align_end_ins_code   ? 
_struct_ref_seq.pdbx_db_accession             T2B7E1 
_struct_ref_seq.db_align_beg                  1 
_struct_ref_seq.pdbx_db_align_beg_ins_code    ? 
_struct_ref_seq.db_align_end                  170 
_struct_ref_seq.pdbx_db_align_end_ins_code    ? 
_struct_ref_seq.pdbx_auth_seq_align_beg       1 
_struct_ref_seq.pdbx_auth_seq_align_end       170 
# 
loop_
_struct_ref_seq_dif.align_id 
_struct_ref_seq_dif.pdbx_pdb_id_code 
_struct_ref_seq_dif.mon_id 
_struct_ref_seq_dif.pdbx_pdb_strand_id 
_struct_ref_seq_dif.seq_num 
_struct_ref_seq_dif.pdbx_pdb_ins_code 
_struct_ref_seq_dif.pdbx_seq_db_name 
_struct_ref_seq_dif.pdbx_seq_db_accession_code 
_struct_ref_seq_dif.db_mon_id 
_struct_ref_seq_dif.pdbx_seq_db_seq_num 
_struct_ref_seq_dif.details 
_struct_ref_seq_dif.pdbx_auth_seq_num 
_struct_ref_seq_dif.pdbx_ordinal 
1 7XRG GLU A 81  ? UNP T2B7E1 GLN 81  'engineered mutation' 81  1 
1 7XRG ARG A 88  ? UNP T2B7E1 GLN 88  'engineered mutation' 88  2 
1 7XRG HIS A 158 ? UNP T2B7E1 THR 158 'engineered mutation' 158 3 
1 7XRG HIS A 160 ? UNP T2B7E1 LEU 160 'engineered mutation' 160 4 
# 
loop_
_chem_comp.id 
_chem_comp.type 
_chem_comp.mon_nstd_flag 
_chem_comp.name 
_chem_comp.pdbx_synonyms 
_chem_comp.formula 
_chem_comp.formula_weight 
ALA 'L-peptide linking' y ALANINE           ? 'C3 H7 N O2'     89.093  
ARG 'L-peptide linking' y ARGININE          ? 'C6 H15 N4 O2 1' 175.209 
ASN 'L-peptide linking' y ASPARAGINE        ? 'C4 H8 N2 O3'    132.118 
ASP 'L-peptide linking' y 'ASPARTIC ACID'   ? 'C4 H7 N O4'     133.103 
CYS 'L-peptide linking' y CYSTEINE          ? 'C3 H7 N O2 S'   121.158 
FE  non-polymer         . 'FE (III) ION'    ? 'Fe 3'           55.845  
GLN 'L-peptide linking' y GLUTAMINE         ? 'C5 H10 N2 O3'   146.144 
GLU 'L-peptide linking' y 'GLUTAMIC ACID'   ? 'C5 H9 N O4'     147.129 
GLY 'peptide linking'   y GLYCINE           ? 'C2 H5 N O2'     75.067  
HIS 'L-peptide linking' y HISTIDINE         ? 'C6 H10 N3 O2 1' 156.162 
HOH non-polymer         . WATER             ? 'H2 O'           18.015  
ILE 'L-peptide linking' y ISOLEUCINE        ? 'C6 H13 N O2'    131.173 
LEU 'L-peptide linking' y LEUCINE           ? 'C6 H13 N O2'    131.173 
LYS 'L-peptide linking' y LYSINE            ? 'C6 H15 N2 O2 1' 147.195 
MET 'L-peptide linking' y METHIONINE        ? 'C5 H11 N O2 S'  149.211 
NI  non-polymer         . 'NICKEL (II) ION' ? 'Ni 2'           58.693  
PHE 'L-peptide linking' y PHENYLALANINE     ? 'C9 H11 N O2'    165.189 
PRO 'L-peptide linking' y PROLINE           ? 'C5 H9 N O2'     115.130 
SER 'L-peptide linking' y SERINE            ? 'C3 H7 N O3'     105.093 
THR 'L-peptide linking' y THREONINE         ? 'C4 H9 N O3'     119.119 
TRP 'L-peptide linking' y TRYPTOPHAN        ? 'C11 H12 N2 O2'  204.225 
TYR 'L-peptide linking' y TYROSINE          ? 'C9 H11 N O3'    181.189 
VAL 'L-peptide linking' y VALINE            ? 'C5 H11 N O2'    117.146 
# 
_exptl.absorpt_coefficient_mu     ? 
_exptl.absorpt_correction_T_max   ? 
_exptl.absorpt_correction_T_min   ? 
_exptl.absorpt_correction_type    ? 
_exptl.absorpt_process_details    ? 
_exptl.entry_id                   7XRG 
_exptl.crystals_number            1 
_exptl.details                    ? 
_exptl.method                     'X-RAY DIFFRACTION' 
_exptl.method_details             ? 
# 
_exptl_crystal.colour                       ? 
_exptl_crystal.density_diffrn               ? 
_exptl_crystal.density_Matthews             3.43 
_exptl_crystal.density_method               ? 
_exptl_crystal.density_percent_sol          64.16 
_exptl_crystal.description                  ? 
_exptl_crystal.F_000                        ? 
_exptl_crystal.id                           1 
_exptl_crystal.preparation                  ? 
_exptl_crystal.size_max                     ? 
_exptl_crystal.size_mid                     ? 
_exptl_crystal.size_min                     ? 
_exptl_crystal.size_rad                     ? 
_exptl_crystal.colour_lustre                ? 
_exptl_crystal.colour_modifier              ? 
_exptl_crystal.colour_primary               ? 
_exptl_crystal.density_meas                 ? 
_exptl_crystal.density_meas_esd             ? 
_exptl_crystal.density_meas_gt              ? 
_exptl_crystal.density_meas_lt              ? 
_exptl_crystal.density_meas_temp            ? 
_exptl_crystal.density_meas_temp_esd        ? 
_exptl_crystal.density_meas_temp_gt         ? 
_exptl_crystal.density_meas_temp_lt         ? 
_exptl_crystal.pdbx_crystal_image_url       ? 
_exptl_crystal.pdbx_crystal_image_format    ? 
_exptl_crystal.pdbx_mosaicity               ? 
_exptl_crystal.pdbx_mosaicity_esd           ? 
_exptl_crystal.pdbx_mosaic_method           ? 
_exptl_crystal.pdbx_mosaic_block_size       ? 
_exptl_crystal.pdbx_mosaic_block_size_esd   ? 
# 
_exptl_crystal_grow.apparatus       ? 
_exptl_crystal_grow.atmosphere      ? 
_exptl_crystal_grow.crystal_id      1 
_exptl_crystal_grow.details         ? 
_exptl_crystal_grow.method          EVAPORATION 
_exptl_crystal_grow.method_ref      ? 
_exptl_crystal_grow.pH              ? 
_exptl_crystal_grow.pressure        ? 
_exptl_crystal_grow.pressure_esd    ? 
_exptl_crystal_grow.seeding         ? 
_exptl_crystal_grow.seeding_ref     ? 
_exptl_crystal_grow.temp            293 
_exptl_crystal_grow.temp_details    ? 
_exptl_crystal_grow.temp_esd        ? 
_exptl_crystal_grow.time            ? 
_exptl_crystal_grow.pdbx_details    'hepes, sodium chloride' 
_exptl_crystal_grow.pdbx_pH_range   ? 
# 
_diffrn.ambient_environment              ? 
_diffrn.ambient_temp                     293 
_diffrn.ambient_temp_details             ? 
_diffrn.ambient_temp_esd                 ? 
_diffrn.crystal_id                       1 
_diffrn.crystal_support                  ? 
_diffrn.crystal_treatment                ? 
_diffrn.details                          ? 
_diffrn.id                               1 
_diffrn.ambient_pressure                 ? 
_diffrn.ambient_pressure_esd             ? 
_diffrn.ambient_pressure_gt              ? 
_diffrn.ambient_pressure_lt              ? 
_diffrn.ambient_temp_gt                  ? 
_diffrn.ambient_temp_lt                  ? 
_diffrn.pdbx_serial_crystal_experiment   N 
# 
_diffrn_detector.details                      ? 
_diffrn_detector.detector                     CCD 
_diffrn_detector.diffrn_id                    1 
_diffrn_detector.type                         'RAYONIX MX-225' 
_diffrn_detector.area_resol_mean              ? 
_diffrn_detector.dtime                        ? 
_diffrn_detector.pdbx_frames_total            ? 
_diffrn_detector.pdbx_collection_time_total   ? 
_diffrn_detector.pdbx_collection_date         2020-11-09 
_diffrn_detector.pdbx_frequency               ? 
# 
_diffrn_radiation.collimation                      ? 
_diffrn_radiation.diffrn_id                        1 
_diffrn_radiation.filter_edge                      ? 
_diffrn_radiation.inhomogeneity                    ? 
_diffrn_radiation.monochromator                    ? 
_diffrn_radiation.polarisn_norm                    ? 
_diffrn_radiation.polarisn_ratio                   ? 
_diffrn_radiation.probe                            ? 
_diffrn_radiation.type                             ? 
_diffrn_radiation.xray_symbol                      ? 
_diffrn_radiation.wavelength_id                    1 
_diffrn_radiation.pdbx_monochromatic_or_laue_m_l   M 
_diffrn_radiation.pdbx_wavelength_list             ? 
_diffrn_radiation.pdbx_wavelength                  ? 
_diffrn_radiation.pdbx_diffrn_protocol             'SINGLE WAVELENGTH' 
_diffrn_radiation.pdbx_analyzer                    ? 
_diffrn_radiation.pdbx_scattering_type             x-ray 
# 
_diffrn_radiation_wavelength.id           1 
_diffrn_radiation_wavelength.wavelength   0.979 
_diffrn_radiation_wavelength.wt           1.0 
# 
_diffrn_source.current                     ? 
_diffrn_source.details                     ? 
_diffrn_source.diffrn_id                   1 
_diffrn_source.power                       ? 
_diffrn_source.size                        ? 
_diffrn_source.source                      SYNCHROTRON 
_diffrn_source.target                      ? 
_diffrn_source.type                        'NFPSS BEAMLINE BL18U' 
_diffrn_source.voltage                     ? 
_diffrn_source.take-off_angle              ? 
_diffrn_source.pdbx_wavelength_list        0.979 
_diffrn_source.pdbx_wavelength             ? 
_diffrn_source.pdbx_synchrotron_beamline   BL18U 
_diffrn_source.pdbx_synchrotron_site       NFPSS 
# 
_reflns.B_iso_Wilson_estimate                          ? 
_reflns.entry_id                                       7XRG 
_reflns.data_reduction_details                         ? 
_reflns.data_reduction_method                          ? 
_reflns.d_resolution_high                              1.9 
_reflns.d_resolution_low                               58.64 
_reflns.details                                        ? 
_reflns.limit_h_max                                    ? 
_reflns.limit_h_min                                    ? 
_reflns.limit_k_max                                    ? 
_reflns.limit_k_min                                    ? 
_reflns.limit_l_max                                    ? 
_reflns.limit_l_min                                    ? 
_reflns.number_all                                     ? 
_reflns.number_obs                                     21291 
_reflns.observed_criterion                             ? 
_reflns.observed_criterion_F_max                       ? 
_reflns.observed_criterion_F_min                       ? 
_reflns.observed_criterion_I_max                       ? 
_reflns.observed_criterion_I_min                       ? 
_reflns.observed_criterion_sigma_F                     ? 
_reflns.observed_criterion_sigma_I                     ? 
_reflns.percent_possible_obs                           95.12 
_reflns.R_free_details                                 ? 
_reflns.Rmerge_F_all                                   ? 
_reflns.Rmerge_F_obs                                   ? 
_reflns.Friedel_coverage                               ? 
_reflns.number_gt                                      ? 
_reflns.threshold_expression                           ? 
_reflns.pdbx_redundancy                                1 
_reflns.pdbx_Rmerge_I_obs                              ? 
_reflns.pdbx_Rmerge_I_all                              ? 
_reflns.pdbx_Rsym_value                                ? 
_reflns.pdbx_netI_over_av_sigmaI                       ? 
_reflns.pdbx_netI_over_sigmaI                          4.1 
_reflns.pdbx_res_netI_over_av_sigmaI_2                 ? 
_reflns.pdbx_res_netI_over_sigmaI_2                    ? 
_reflns.pdbx_chi_squared                               ? 
_reflns.pdbx_scaling_rejects                           ? 
_reflns.pdbx_d_res_high_opt                            ? 
_reflns.pdbx_d_res_low_opt                             ? 
_reflns.pdbx_d_res_opt_method                          ? 
_reflns.phase_calculation_details                      ? 
_reflns.pdbx_Rrim_I_all                                ? 
_reflns.pdbx_Rpim_I_all                                ? 
_reflns.pdbx_d_opt                                     ? 
_reflns.pdbx_number_measured_all                       ? 
_reflns.pdbx_diffrn_id                                 1 
_reflns.pdbx_ordinal                                   1 
_reflns.pdbx_CC_half                                   0.992 
_reflns.pdbx_CC_star                                   ? 
_reflns.pdbx_R_split                                   ? 
_reflns.pdbx_aniso_diffraction_limit_axis_1_ortho[1]   ? 
_reflns.pdbx_aniso_diffraction_limit_axis_1_ortho[2]   ? 
_reflns.pdbx_aniso_diffraction_limit_axis_1_ortho[3]   ? 
_reflns.pdbx_aniso_diffraction_limit_axis_2_ortho[1]   ? 
_reflns.pdbx_aniso_diffraction_limit_axis_2_ortho[2]   ? 
_reflns.pdbx_aniso_diffraction_limit_axis_2_ortho[3]   ? 
_reflns.pdbx_aniso_diffraction_limit_axis_3_ortho[1]   ? 
_reflns.pdbx_aniso_diffraction_limit_axis_3_ortho[2]   ? 
_reflns.pdbx_aniso_diffraction_limit_axis_3_ortho[3]   ? 
_reflns.pdbx_aniso_diffraction_limit_1                 ? 
_reflns.pdbx_aniso_diffraction_limit_2                 ? 
_reflns.pdbx_aniso_diffraction_limit_3                 ? 
_reflns.pdbx_aniso_B_tensor_eigenvector_1_ortho[1]     ? 
_reflns.pdbx_aniso_B_tensor_eigenvector_1_ortho[2]     ? 
_reflns.pdbx_aniso_B_tensor_eigenvector_1_ortho[3]     ? 
_reflns.pdbx_aniso_B_tensor_eigenvector_2_ortho[1]     ? 
_reflns.pdbx_aniso_B_tensor_eigenvector_2_ortho[2]     ? 
_reflns.pdbx_aniso_B_tensor_eigenvector_2_ortho[3]     ? 
_reflns.pdbx_aniso_B_tensor_eigenvector_3_ortho[1]     ? 
_reflns.pdbx_aniso_B_tensor_eigenvector_3_ortho[2]     ? 
_reflns.pdbx_aniso_B_tensor_eigenvector_3_ortho[3]     ? 
_reflns.pdbx_aniso_B_tensor_eigenvalue_1               ? 
_reflns.pdbx_aniso_B_tensor_eigenvalue_2               ? 
_reflns.pdbx_aniso_B_tensor_eigenvalue_3               ? 
_reflns.pdbx_orthogonalization_convention              ? 
_reflns.pdbx_percent_possible_ellipsoidal              ? 
_reflns.pdbx_percent_possible_spherical                ? 
_reflns.pdbx_percent_possible_ellipsoidal_anomalous    ? 
_reflns.pdbx_percent_possible_spherical_anomalous      ? 
_reflns.pdbx_redundancy_anomalous                      ? 
_reflns.pdbx_CC_half_anomalous                         ? 
_reflns.pdbx_absDiff_over_sigma_anomalous              ? 
_reflns.pdbx_percent_possible_anomalous                ? 
_reflns.pdbx_observed_signal_threshold                 ? 
_reflns.pdbx_signal_type                               ? 
_reflns.pdbx_signal_details                            ? 
_reflns.pdbx_signal_software_id                        ? 
_reflns.pdbx_CC_split_method                           ? 
# 
_reflns_shell.d_res_high                                    1.9 
_reflns_shell.d_res_low                                     1.968 
_reflns_shell.meanI_over_sigI_all                           ? 
_reflns_shell.meanI_over_sigI_obs                           ? 
_reflns_shell.number_measured_all                           ? 
_reflns_shell.number_measured_obs                           ? 
_reflns_shell.number_possible                               ? 
_reflns_shell.number_unique_all                             ? 
_reflns_shell.number_unique_obs                             1833 
_reflns_shell.percent_possible_all                          ? 
_reflns_shell.percent_possible_obs                          ? 
_reflns_shell.Rmerge_F_all                                  ? 
_reflns_shell.Rmerge_F_obs                                  ? 
_reflns_shell.Rmerge_I_all                                  ? 
_reflns_shell.Rmerge_I_obs                                  ? 
_reflns_shell.meanI_over_sigI_gt                            ? 
_reflns_shell.meanI_over_uI_all                             ? 
_reflns_shell.meanI_over_uI_gt                              ? 
_reflns_shell.number_measured_gt                            ? 
_reflns_shell.number_unique_gt                              ? 
_reflns_shell.percent_possible_gt                           ? 
_reflns_shell.Rmerge_F_gt                                   ? 
_reflns_shell.Rmerge_I_gt                                   ? 
_reflns_shell.pdbx_redundancy                               ? 
_reflns_shell.pdbx_Rsym_value                               ? 
_reflns_shell.pdbx_chi_squared                              ? 
_reflns_shell.pdbx_netI_over_sigmaI_all                     ? 
_reflns_shell.pdbx_netI_over_sigmaI_obs                     ? 
_reflns_shell.pdbx_Rrim_I_all                               ? 
_reflns_shell.pdbx_Rpim_I_all                               ? 
_reflns_shell.pdbx_rejects                                  ? 
_reflns_shell.pdbx_ordinal                                  1 
_reflns_shell.pdbx_diffrn_id                                1 
_reflns_shell.pdbx_CC_half                                  0.992 
_reflns_shell.pdbx_CC_star                                  ? 
_reflns_shell.pdbx_R_split                                  ? 
_reflns_shell.pdbx_percent_possible_ellipsoidal             ? 
_reflns_shell.pdbx_percent_possible_spherical               ? 
_reflns_shell.pdbx_percent_possible_ellipsoidal_anomalous   ? 
_reflns_shell.pdbx_percent_possible_spherical_anomalous     ? 
_reflns_shell.pdbx_redundancy_anomalous                     ? 
_reflns_shell.pdbx_CC_half_anomalous                        ? 
_reflns_shell.pdbx_absDiff_over_sigma_anomalous             ? 
_reflns_shell.pdbx_percent_possible_anomalous               ? 
# 
_refine.aniso_B[1][1]                            ? 
_refine.aniso_B[1][2]                            ? 
_refine.aniso_B[1][3]                            ? 
_refine.aniso_B[2][2]                            ? 
_refine.aniso_B[2][3]                            ? 
_refine.aniso_B[3][3]                            ? 
_refine.B_iso_max                                75.430 
_refine.B_iso_mean                               29.4943 
_refine.B_iso_min                                12.830 
_refine.correlation_coeff_Fo_to_Fc               ? 
_refine.correlation_coeff_Fo_to_Fc_free          ? 
_refine.details                                  ? 
_refine.diff_density_max                         ? 
_refine.diff_density_max_esd                     ? 
_refine.diff_density_min                         ? 
_refine.diff_density_min_esd                     ? 
_refine.diff_density_rms                         ? 
_refine.diff_density_rms_esd                     ? 
_refine.entry_id                                 7XRG 
_refine.pdbx_refine_id                           'X-RAY DIFFRACTION' 
_refine.ls_abs_structure_details                 ? 
_refine.ls_abs_structure_Flack                   ? 
_refine.ls_abs_structure_Flack_esd               ? 
_refine.ls_abs_structure_Rogers                  ? 
_refine.ls_abs_structure_Rogers_esd              ? 
_refine.ls_d_res_high                            1.9000 
_refine.ls_d_res_low                             58.6400 
_refine.ls_extinction_coef                       ? 
_refine.ls_extinction_coef_esd                   ? 
_refine.ls_extinction_expression                 ? 
_refine.ls_extinction_method                     ? 
_refine.ls_goodness_of_fit_all                   ? 
_refine.ls_goodness_of_fit_all_esd               ? 
_refine.ls_goodness_of_fit_obs                   ? 
_refine.ls_goodness_of_fit_obs_esd               ? 
_refine.ls_hydrogen_treatment                    ? 
_refine.ls_matrix_type                           ? 
_refine.ls_number_constraints                    ? 
_refine.ls_number_parameters                     ? 
_refine.ls_number_reflns_all                     ? 
_refine.ls_number_reflns_obs                     21291 
_refine.ls_number_reflns_R_free                  2000 
_refine.ls_number_reflns_R_work                  19291 
_refine.ls_number_restraints                     ? 
_refine.ls_percent_reflns_obs                    95.1300 
_refine.ls_percent_reflns_R_free                 9.3900 
_refine.ls_R_factor_all                          ? 
_refine.ls_R_factor_obs                          0.1928 
_refine.ls_R_factor_R_free                       0.2218 
_refine.ls_R_factor_R_free_error                 ? 
_refine.ls_R_factor_R_free_error_details         ? 
_refine.ls_R_factor_R_work                       0.1898 
_refine.ls_R_Fsqd_factor_obs                     ? 
_refine.ls_R_I_factor_obs                        ? 
_refine.ls_redundancy_reflns_all                 ? 
_refine.ls_redundancy_reflns_obs                 ? 
_refine.ls_restrained_S_all                      ? 
_refine.ls_restrained_S_obs                      ? 
_refine.ls_shift_over_esd_max                    ? 
_refine.ls_shift_over_esd_mean                   ? 
_refine.ls_structure_factor_coef                 ? 
_refine.ls_weighting_details                     ? 
_refine.ls_weighting_scheme                      ? 
_refine.ls_wR_factor_all                         ? 
_refine.ls_wR_factor_obs                         ? 
_refine.ls_wR_factor_R_free                      ? 
_refine.ls_wR_factor_R_work                      ? 
_refine.occupancy_max                            ? 
_refine.occupancy_min                            ? 
_refine.solvent_model_details                    'FLAT BULK SOLVENT MODEL' 
_refine.solvent_model_param_bsol                 ? 
_refine.solvent_model_param_ksol                 ? 
_refine.pdbx_R_complete                          ? 
_refine.ls_R_factor_gt                           ? 
_refine.ls_goodness_of_fit_gt                    ? 
_refine.ls_goodness_of_fit_ref                   ? 
_refine.ls_shift_over_su_max                     ? 
_refine.ls_shift_over_su_max_lt                  ? 
_refine.ls_shift_over_su_mean                    ? 
_refine.ls_shift_over_su_mean_lt                 ? 
_refine.pdbx_ls_sigma_I                          ? 
_refine.pdbx_ls_sigma_F                          1.350 
_refine.pdbx_ls_sigma_Fsqd                       ? 
_refine.pdbx_data_cutoff_high_absF               ? 
_refine.pdbx_data_cutoff_high_rms_absF           ? 
_refine.pdbx_data_cutoff_low_absF                ? 
_refine.pdbx_isotropic_thermal_model             ? 
_refine.pdbx_ls_cross_valid_method               THROUGHOUT 
_refine.pdbx_method_to_determine_struct          'MOLECULAR REPLACEMENT' 
_refine.pdbx_starting_model                      6A4U 
_refine.pdbx_stereochemistry_target_values       ML 
_refine.pdbx_R_Free_selection_details            ? 
_refine.pdbx_stereochem_target_val_spec_case     ? 
_refine.pdbx_overall_ESU_R                       ? 
_refine.pdbx_overall_ESU_R_Free                  ? 
_refine.pdbx_solvent_vdw_probe_radii             1.1100 
_refine.pdbx_solvent_ion_probe_radii             ? 
_refine.pdbx_solvent_shrinkage_radii             0.9000 
_refine.pdbx_real_space_R                        ? 
_refine.pdbx_density_correlation                 ? 
_refine.pdbx_pd_number_of_powder_patterns        ? 
_refine.pdbx_pd_number_of_points                 ? 
_refine.pdbx_pd_meas_number_of_points            ? 
_refine.pdbx_pd_proc_ls_prof_R_factor            ? 
_refine.pdbx_pd_proc_ls_prof_wR_factor           ? 
_refine.pdbx_pd_Marquardt_correlation_coeff      ? 
_refine.pdbx_pd_Fsqrd_R_factor                   ? 
_refine.pdbx_pd_ls_matrix_band_width             ? 
_refine.pdbx_overall_phase_error                 22.9900 
_refine.pdbx_overall_SU_R_free_Cruickshank_DPI   ? 
_refine.pdbx_overall_SU_R_free_Blow_DPI          ? 
_refine.pdbx_overall_SU_R_Blow_DPI               ? 
_refine.pdbx_TLS_residual_ADP_flag               ? 
_refine.pdbx_diffrn_id                           1 
_refine.overall_SU_B                             ? 
_refine.overall_SU_ML                            0.2000 
_refine.overall_SU_R_Cruickshank_DPI             ? 
_refine.overall_SU_R_free                        ? 
_refine.overall_FOM_free_R_set                   ? 
_refine.overall_FOM_work_R_set                   ? 
_refine.pdbx_average_fsc_overall                 ? 
_refine.pdbx_average_fsc_work                    ? 
_refine.pdbx_average_fsc_free                    ? 
# 
_refine_hist.pdbx_refine_id                   'X-RAY DIFFRACTION' 
_refine_hist.cycle_id                         final 
_refine_hist.details                          ? 
_refine_hist.d_res_high                       1.9000 
_refine_hist.d_res_low                        58.6400 
_refine_hist.number_atoms_solvent             95 
_refine_hist.number_atoms_total               1465 
_refine_hist.number_reflns_all                ? 
_refine_hist.number_reflns_obs                ? 
_refine_hist.number_reflns_R_free             ? 
_refine_hist.number_reflns_R_work             ? 
_refine_hist.R_factor_all                     ? 
_refine_hist.R_factor_obs                     ? 
_refine_hist.R_factor_R_free                  ? 
_refine_hist.R_factor_R_work                  ? 
_refine_hist.pdbx_number_residues_total       169 
_refine_hist.pdbx_B_iso_mean_ligand           42.22 
_refine_hist.pdbx_B_iso_mean_solvent          32.26 
_refine_hist.pdbx_number_atoms_protein        1366 
_refine_hist.pdbx_number_atoms_nucleic_acid   0 
_refine_hist.pdbx_number_atoms_ligand         4 
_refine_hist.pdbx_number_atoms_lipid          ? 
_refine_hist.pdbx_number_atoms_carb           ? 
_refine_hist.pdbx_pseudo_atom_details         ? 
# 
loop_
_refine_ls_shell.pdbx_refine_id 
_refine_ls_shell.d_res_high 
_refine_ls_shell.d_res_low 
_refine_ls_shell.number_reflns_all 
_refine_ls_shell.number_reflns_obs 
_refine_ls_shell.number_reflns_R_free 
_refine_ls_shell.number_reflns_R_work 
_refine_ls_shell.percent_reflns_obs 
_refine_ls_shell.percent_reflns_R_free 
_refine_ls_shell.R_factor_all 
_refine_ls_shell.R_factor_obs 
_refine_ls_shell.R_factor_R_free 
_refine_ls_shell.R_factor_R_free_error 
_refine_ls_shell.R_factor_R_work 
_refine_ls_shell.redundancy_reflns_all 
_refine_ls_shell.redundancy_reflns_obs 
_refine_ls_shell.wR_factor_all 
_refine_ls_shell.wR_factor_obs 
_refine_ls_shell.wR_factor_R_free 
_refine_ls_shell.wR_factor_R_work 
_refine_ls_shell.pdbx_R_complete 
_refine_ls_shell.pdbx_total_number_of_bins_used 
_refine_ls_shell.pdbx_phase_error 
_refine_ls_shell.pdbx_fsc_work 
_refine_ls_shell.pdbx_fsc_free 
'X-RAY DIFFRACTION' 1.9000 1.9500  1278 . 120 1158 83.0000  . . . 0.3121 0.0000 0.2444 . . . . . . . 14 . . . 
'X-RAY DIFFRACTION' 1.9500 2.0000  1379 . 130 1249 88.0000  . . . 0.2448 0.0000 0.2181 . . . . . . . 14 . . . 
'X-RAY DIFFRACTION' 2.0000 2.0600  1456 . 137 1319 93.0000  . . . 0.2303 0.0000 0.2113 . . . . . . . 14 . . . 
'X-RAY DIFFRACTION' 2.0600 2.1200  1028 . 96  932  66.0000  . . . 0.2880 0.0000 0.2021 . . . . . . . 14 . . . 
'X-RAY DIFFRACTION' 2.1300 2.2000  1562 . 146 1416 100.0000 . . . 0.2411 0.0000 0.1975 . . . . . . . 14 . . . 
'X-RAY DIFFRACTION' 2.2000 2.2900  1580 . 149 1431 100.0000 . . . 0.2823 0.0000 0.2049 . . . . . . . 14 . . . 
'X-RAY DIFFRACTION' 2.2900 2.3900  1590 . 150 1440 100.0000 . . . 0.2660 0.0000 0.1993 . . . . . . . 14 . . . 
'X-RAY DIFFRACTION' 2.3900 2.5200  1561 . 146 1415 100.0000 . . . 0.2724 0.0000 0.2156 . . . . . . . 14 . . . 
'X-RAY DIFFRACTION' 2.5200 2.6800  1593 . 150 1443 100.0000 . . . 0.2176 0.0000 0.2077 . . . . . . . 14 . . . 
'X-RAY DIFFRACTION' 2.6800 2.8800  1584 . 148 1436 100.0000 . . . 0.2340 0.0000 0.2163 . . . . . . . 14 . . . 
'X-RAY DIFFRACTION' 2.8800 3.1700  1611 . 152 1459 100.0000 . . . 0.2472 0.0000 0.2075 . . . . . . . 14 . . . 
'X-RAY DIFFRACTION' 3.1800 3.6300  1624 . 152 1472 100.0000 . . . 0.2223 0.0000 0.1881 . . . . . . . 14 . . . 
'X-RAY DIFFRACTION' 3.6300 4.5800  1653 . 155 1498 100.0000 . . . 0.1912 0.0000 0.1566 . . . . . . . 14 . . . 
'X-RAY DIFFRACTION' 4.5800 58.6400 1792 . 169 1623 100.0000 . . . 0.1729 0.0000 0.1671 . . . . . . . 14 . . . 
# 
_struct.entry_id                     7XRG 
_struct.title                        'ferritin nanocage assembly with nickel ion' 
_struct.pdbx_model_details           ? 
_struct.pdbx_formula_weight          ? 
_struct.pdbx_formula_weight_method   ? 
_struct.pdbx_model_type_details      ? 
_struct.pdbx_CASP_flag               N 
# 
_struct_keywords.entry_id        7XRG 
_struct_keywords.text            'PROTEIN BINDING' 
_struct_keywords.pdbx_keywords   'PROTEIN BINDING' 
# 
loop_
_struct_asym.id 
_struct_asym.pdbx_blank_PDB_chainid_flag 
_struct_asym.pdbx_modified 
_struct_asym.entity_id 
_struct_asym.details 
A N N 1 ? 
B N N 2 ? 
C N N 2 ? 
D N N 3 ? 
E N N 3 ? 
F N N 4 ? 
# 
loop_
_struct_conf.conf_type_id 
_struct_conf.id 
_struct_conf.pdbx_PDB_helix_id 
_struct_conf.beg_label_comp_id 
_struct_conf.beg_label_asym_id 
_struct_conf.beg_label_seq_id 
_struct_conf.pdbx_beg_PDB_ins_code 
_struct_conf.end_label_comp_id 
_struct_conf.end_label_asym_id 
_struct_conf.end_label_seq_id 
_struct_conf.pdbx_end_PDB_ins_code 
_struct_conf.beg_auth_comp_id 
_struct_conf.beg_auth_asym_id 
_struct_conf.beg_auth_seq_id 
_struct_conf.end_auth_comp_id 
_struct_conf.end_auth_asym_id 
_struct_conf.end_auth_seq_id 
_struct_conf.pdbx_PDB_helix_class 
_struct_conf.details 
_struct_conf.pdbx_PDB_helix_length 
HELX_P HELX_P1 AA1 HIS A 10  ? PHE A 38  ? HIS A 10  PHE A 38  1 ? 29 
HELX_P HELX_P2 AA2 LEU A 45  ? GLY A 74  ? LEU A 45  GLY A 74  1 ? 30 
HELX_P HELX_P3 AA3 THR A 92  ? ASN A 121 ? THR A 92  ASN A 121 1 ? 30 
HELX_P HELX_P4 AA4 ASP A 123 ? TYR A 134 ? ASP A 123 TYR A 134 1 ? 12 
HELX_P HELX_P5 AA5 TYR A 134 ? GLY A 156 ? TYR A 134 GLY A 156 1 ? 23 
HELX_P HELX_P6 AA6 HIS A 158 ? ASN A 170 ? HIS A 158 ASN A 170 1 ? 13 
# 
_struct_conf_type.id          HELX_P 
_struct_conf_type.criteria    ? 
_struct_conf_type.reference   ? 
# 
loop_
_struct_conn.id 
_struct_conn.conn_type_id 
_struct_conn.pdbx_leaving_atom_flag 
_struct_conn.pdbx_PDB_id 
_struct_conn.ptnr1_label_asym_id 
_struct_conn.ptnr1_label_comp_id 
_struct_conn.ptnr1_label_seq_id 
_struct_conn.ptnr1_label_atom_id 
_struct_conn.pdbx_ptnr1_label_alt_id 
_struct_conn.pdbx_ptnr1_PDB_ins_code 
_struct_conn.pdbx_ptnr1_standard_comp_id 
_struct_conn.ptnr1_symmetry 
_struct_conn.ptnr2_label_asym_id 
_struct_conn.ptnr2_label_comp_id 
_struct_conn.ptnr2_label_seq_id 
_struct_conn.ptnr2_label_atom_id 
_struct_conn.pdbx_ptnr2_label_alt_id 
_struct_conn.pdbx_ptnr2_PDB_ins_code 
_struct_conn.ptnr1_auth_asym_id 
_struct_conn.ptnr1_auth_comp_id 
_struct_conn.ptnr1_auth_seq_id 
_struct_conn.ptnr2_auth_asym_id 
_struct_conn.ptnr2_auth_comp_id 
_struct_conn.ptnr2_auth_seq_id 
_struct_conn.ptnr2_symmetry 
_struct_conn.pdbx_ptnr3_label_atom_id 
_struct_conn.pdbx_ptnr3_label_seq_id 
_struct_conn.pdbx_ptnr3_label_comp_id 
_struct_conn.pdbx_ptnr3_label_asym_id 
_struct_conn.pdbx_ptnr3_label_alt_id 
_struct_conn.pdbx_ptnr3_PDB_ins_code 
_struct_conn.details 
_struct_conn.pdbx_dist_value 
_struct_conn.pdbx_value_order 
_struct_conn.pdbx_role 
metalc1  metalc ? ? A GLU 24  OE1 ? ? ? 1_555 D FE . FE ? ? A GLU 24  A FE 203 1_555  ? ? ? ? ? ? ? 1.971 ? ? 
metalc2  metalc ? ? A GLU 59  OE1 ? ? ? 1_555 D FE . FE ? ? A GLU 59  A FE 203 1_555  ? ? ? ? ? ? ? 1.979 ? ? 
metalc3  metalc ? ? A HIS 62  ND1 ? ? ? 1_555 D FE . FE ? ? A HIS 62  A FE 203 1_555  ? ? ? ? ? ? ? 2.168 ? ? 
metalc4  metalc ? ? A GLU 95  OE1 ? ? ? 1_555 C NI . NI ? ? A GLU 95  A NI 202 1_555  ? ? ? ? ? ? ? 2.526 ? ? 
metalc5  metalc ? ? A GLU 95  OE1 ? ? ? 1_555 C NI . NI ? ? A GLU 95  A NI 202 4_565  ? ? ? ? ? ? ? 2.526 ? ? 
metalc6  metalc ? ? A GLU 137 OE1 ? ? ? 1_555 E FE . FE ? ? A GLU 137 A FE 204 1_555  ? ? ? ? ? ? ? 2.203 ? ? 
metalc7  metalc ? ? A SER 141 OG  A ? ? 1_555 E FE . FE ? ? A SER 141 A FE 204 1_555  ? ? ? ? ? ? ? 2.660 ? ? 
metalc8  metalc ? ? A SER 141 OG  B ? ? 1_555 E FE . FE ? ? A SER 141 A FE 204 1_555  ? ? ? ? ? ? ? 2.169 ? ? 
metalc9  metalc ? ? A HIS 160 NE2 ? ? ? 1_555 B NI . NI ? ? A HIS 160 A NI 201 1_555  ? ? ? ? ? ? ? 2.112 ? ? 
metalc10 metalc ? ? A HIS 160 NE2 ? ? ? 1_555 B NI . NI ? ? A HIS 160 A NI 201 16_655 ? ? ? ? ? ? ? 2.112 ? ? 
# 
_struct_conn_type.id          metalc 
_struct_conn_type.criteria    ? 
_struct_conn_type.reference   ? 
# 
_struct_mon_prot_cis.pdbx_id                1 
_struct_mon_prot_cis.label_comp_id          GLY 
_struct_mon_prot_cis.label_seq_id           156 
_struct_mon_prot_cis.label_asym_id          A 
_struct_mon_prot_cis.label_alt_id           . 
_struct_mon_prot_cis.pdbx_PDB_ins_code      ? 
_struct_mon_prot_cis.auth_comp_id           GLY 
_struct_mon_prot_cis.auth_seq_id            156 
_struct_mon_prot_cis.auth_asym_id           A 
_struct_mon_prot_cis.pdbx_label_comp_id_2   PRO 
_struct_mon_prot_cis.pdbx_label_seq_id_2    157 
_struct_mon_prot_cis.pdbx_label_asym_id_2   A 
_struct_mon_prot_cis.pdbx_PDB_ins_code_2    ? 
_struct_mon_prot_cis.pdbx_auth_comp_id_2    PRO 
_struct_mon_prot_cis.pdbx_auth_seq_id_2     157 
_struct_mon_prot_cis.pdbx_auth_asym_id_2    A 
_struct_mon_prot_cis.pdbx_PDB_model_num     1 
_struct_mon_prot_cis.pdbx_omega_angle       8.47 
# 
_atom_sites.entry_id                    7XRG 
_atom_sites.Cartn_transf_matrix[1][1]   ? 
_atom_sites.Cartn_transf_matrix[1][2]   ? 
_atom_sites.Cartn_transf_matrix[1][3]   ? 
_atom_sites.Cartn_transf_matrix[2][1]   ? 
_atom_sites.Cartn_transf_matrix[2][2]   ? 
_atom_sites.Cartn_transf_matrix[2][3]   ? 
_atom_sites.Cartn_transf_matrix[3][1]   ? 
_atom_sites.Cartn_transf_matrix[3][2]   ? 
_atom_sites.Cartn_transf_matrix[3][3]   ? 
_atom_sites.Cartn_transf_vector[1]      ? 
_atom_sites.Cartn_transf_vector[2]      ? 
_atom_sites.Cartn_transf_vector[3]      ? 
_atom_sites.fract_transf_matrix[1][1]   -0.00328491 
_atom_sites.fract_transf_matrix[1][2]   -0.00774013 
_atom_sites.fract_transf_matrix[1][3]   -0.00141756 
_atom_sites.fract_transf_matrix[2][1]   -0.00645900 
_atom_sites.fract_transf_matrix[2][2]   0.00177485 
_atom_sites.fract_transf_matrix[2][3]   0.00527645 
_atom_sites.fract_transf_matrix[3][1]   -0.00449449 
_atom_sites.fract_transf_matrix[3][2]   0.00310645 
_atom_sites.fract_transf_matrix[3][3]   -0.00654670 
_atom_sites.fract_transf_vector[1]      0.250196 
_atom_sites.fract_transf_vector[2]      0.412505 
_atom_sites.fract_transf_vector[3]      -0.162232 
_atom_sites.solution_primary            ? 
_atom_sites.solution_secondary          ? 
_atom_sites.solution_hydrogens          ? 
_atom_sites.special_details             ? 
# 
loop_
_atom_type.symbol 
C  
FE 
N  
NI 
O  
S  
# 
loop_
_atom_site.group_PDB 
_atom_site.id 
_atom_site.type_symbol 
_atom_site.label_atom_id 
_atom_site.label_alt_id 
_atom_site.label_comp_id 
_atom_site.label_asym_id 
_atom_site.label_entity_id 
_atom_site.label_seq_id 
_atom_site.pdbx_PDB_ins_code 
_atom_site.Cartn_x 
_atom_site.Cartn_y 
_atom_site.Cartn_z 
_atom_site.occupancy 
_atom_site.B_iso_or_equiv 
_atom_site.pdbx_formal_charge 
_atom_site.auth_seq_id 
_atom_site.auth_comp_id 
_atom_site.auth_asym_id 
_atom_site.auth_atom_id 
_atom_site.pdbx_PDB_model_num 
ATOM   1    N  N   . ALA A 1 2   ? 25.993  16.484  11.454  1.00 46.30 ? 2   ALA A N   1 
ATOM   2    C  CA  . ALA A 1 2   ? 25.048  15.460  11.010  1.00 54.78 ? 2   ALA A CA  1 
ATOM   3    C  C   . ALA A 1 2   ? 24.913  14.366  12.067  1.00 49.95 ? 2   ALA A C   1 
ATOM   4    O  O   . ALA A 1 2   ? 25.530  14.426  13.133  1.00 46.78 ? 2   ALA A O   1 
ATOM   5    C  CB  . ALA A 1 2   ? 25.485  14.847  9.661   1.00 39.54 ? 2   ALA A CB  1 
ATOM   6    N  N   . SER A 1 3   ? 24.099  13.363  11.760  1.00 43.08 ? 3   SER A N   1 
ATOM   7    C  CA  . SER A 1 3   ? 23.968  12.217  12.647  1.00 31.26 ? 3   SER A CA  1 
ATOM   8    C  C   . SER A 1 3   ? 25.291  11.475  12.764  1.00 29.32 ? 3   SER A C   1 
ATOM   9    O  O   . SER A 1 3   ? 25.993  11.270  11.768  1.00 31.34 ? 3   SER A O   1 
ATOM   10   C  CB  . SER A 1 3   ? 22.892  11.268  12.113  1.00 31.83 ? 3   SER A CB  1 
ATOM   11   O  OG  . SER A 1 3   ? 22.791  10.136  12.953  1.00 35.86 ? 3   SER A OG  1 
ATOM   12   N  N   . GLN A 1 4   ? 25.611  11.040  13.990  1.00 26.33 ? 4   GLN A N   1 
ATOM   13   C  CA  . GLN A 1 4   ? 26.808  10.243  14.220  1.00 23.12 ? 4   GLN A CA  1 
ATOM   14   C  C   . GLN A 1 4   ? 26.786  8.927   13.451  1.00 28.40 ? 4   GLN A C   1 
ATOM   15   O  O   . GLN A 1 4   ? 27.853  8.329   13.247  1.00 24.65 ? 4   GLN A O   1 
ATOM   16   C  CB  . GLN A 1 4   ? 26.974  9.942   15.718  1.00 26.11 ? 4   GLN A CB  1 
ATOM   17   C  CG  . GLN A 1 4   ? 25.777  9.137   16.280  1.00 28.71 ? 4   GLN A CG  1 
ATOM   18   C  CD  . GLN A 1 4   ? 25.831  8.865   17.767  1.00 33.48 ? 4   GLN A CD  1 
ATOM   19   O  OE1 . GLN A 1 4   ? 26.897  8.860   18.387  1.00 32.28 ? 4   GLN A OE1 1 
ATOM   20   N  NE2 . GLN A 1 4   ? 24.664  8.649   18.356  1.00 25.02 ? 4   GLN A NE2 1 
ATOM   21   N  N   . VAL A 1 5   ? 25.602  8.440   13.056  1.00 23.94 ? 5   VAL A N   1 
ATOM   22   C  CA  . VAL A 1 5   ? 25.521  7.183   12.317  1.00 27.44 ? 5   VAL A CA  1 
ATOM   23   C  C   . VAL A 1 5   ? 25.513  7.375   10.801  1.00 30.02 ? 5   VAL A C   1 
ATOM   24   O  O   . VAL A 1 5   ? 25.742  6.405   10.066  1.00 28.83 ? 5   VAL A O   1 
ATOM   25   C  CB  . VAL A 1 5   ? 24.279  6.357   12.730  1.00 26.84 ? 5   VAL A CB  1 
ATOM   26   C  CG1 . VAL A 1 5   ? 24.236  6.145   14.253  1.00 26.11 ? 5   VAL A CG1 1 
ATOM   27   C  CG2 . VAL A 1 5   ? 22.981  7.021   12.261  1.00 26.52 ? 5   VAL A CG2 1 
ATOM   28   N  N   . ARG A 1 6   ? 25.275  8.586   10.305  1.00 28.22 ? 6   ARG A N   1 
ATOM   29   C  CA  . ARG A 1 6   ? 25.007  8.735   8.881   1.00 23.56 ? 6   ARG A CA  1 
ATOM   30   C  C   . ARG A 1 6   ? 26.252  8.395   8.076   1.00 29.29 ? 6   ARG A C   1 
ATOM   31   O  O   . ARG A 1 6   ? 27.347  8.880   8.384   1.00 29.55 ? 6   ARG A O   1 
ATOM   32   C  CB  . ARG A 1 6   ? 24.538  10.154  8.566   1.00 29.11 ? 6   ARG A CB  1 
ATOM   33   C  CG  . ARG A 1 6   ? 23.913  10.302  7.175   1.00 25.81 ? 6   ARG A CG  1 
ATOM   34   C  CD  . ARG A 1 6   ? 23.645  11.767  6.816   1.00 24.86 ? 6   ARG A CD  1 
ATOM   35   N  NE  . ARG A 1 6   ? 22.816  11.845  5.619   1.00 28.85 ? 6   ARG A NE  1 
ATOM   36   C  CZ  . ARG A 1 6   ? 21.601  12.372  5.606   1.00 28.90 ? 6   ARG A CZ  1 
ATOM   37   N  NH1 . ARG A 1 6   ? 20.895  12.404  4.482   1.00 29.96 ? 6   ARG A NH1 1 
ATOM   38   N  NH2 . ARG A 1 6   ? 21.080  12.859  6.724   1.00 30.29 ? 6   ARG A NH2 1 
ATOM   39   N  N   . GLN A 1 7   ? 26.090  7.545   7.057   1.00 26.14 ? 7   GLN A N   1 
ATOM   40   C  CA  . GLN A 1 7   ? 27.191  7.211   6.165   1.00 25.67 ? 7   GLN A CA  1 
ATOM   41   C  C   . GLN A 1 7   ? 26.618  6.816   4.804   1.00 30.26 ? 7   GLN A C   1 
ATOM   42   O  O   . GLN A 1 7   ? 25.756  5.937   4.730   1.00 27.47 ? 7   GLN A O   1 
ATOM   43   C  CB  . GLN A 1 7   ? 28.023  6.055   6.731   1.00 25.13 ? 7   GLN A CB  1 
ATOM   44   C  CG  . GLN A 1 7   ? 29.331  5.860   6.015   1.00 27.37 ? 7   GLN A CG  1 
ATOM   45   C  CD  . GLN A 1 7   ? 30.201  4.795   6.638   1.00 32.33 ? 7   GLN A CD  1 
ATOM   46   O  OE1 . GLN A 1 7   ? 29.823  4.154   7.616   1.00 28.77 ? 7   GLN A OE1 1 
ATOM   47   N  NE2 . GLN A 1 7   ? 31.434  4.708   6.164   1.00 32.43 ? 7   GLN A NE2 1 
ATOM   48   N  N   . ASN A 1 8   ? 27.102  7.443   3.727   1.00 24.94 ? 8   ASN A N   1 
ATOM   49   C  CA  . ASN A 1 8   ? 26.648  7.143   2.365   1.00 26.85 ? 8   ASN A CA  1 
ATOM   50   C  C   . ASN A 1 8   ? 25.126  7.255   2.230   1.00 27.63 ? 8   ASN A C   1 
ATOM   51   O  O   . ASN A 1 8   ? 24.481  6.490   1.502   1.00 26.77 ? 8   ASN A O   1 
ATOM   52   C  CB  . ASN A 1 8   ? 27.132  5.758   1.916   1.00 26.56 ? 8   ASN A CB  1 
ATOM   53   C  CG  . ASN A 1 8   ? 26.916  5.521   0.421   1.00 31.13 ? 8   ASN A CG  1 
ATOM   54   O  OD1 . ASN A 1 8   ? 27.200  6.395   -0.391  1.00 29.31 ? 8   ASN A OD1 1 
ATOM   55   N  ND2 . ASN A 1 8   ? 26.401  4.347   0.056   1.00 27.66 ? 8   ASN A ND2 1 
ATOM   56   N  N   . TYR A 1 9   ? 24.538  8.239   2.902   1.00 23.39 ? 9   TYR A N   1 
ATOM   57   C  CA  . TYR A 1 9   ? 23.087  8.431   2.868   1.00 23.90 ? 9   TYR A CA  1 
ATOM   58   C  C   . TYR A 1 9   ? 22.784  9.816   2.315   1.00 27.35 ? 9   TYR A C   1 
ATOM   59   O  O   . TYR A 1 9   ? 22.993  10.823  3.001   1.00 32.96 ? 9   TYR A O   1 
ATOM   60   C  CB  . TYR A 1 9   ? 22.480  8.259   4.254   1.00 26.82 ? 9   TYR A CB  1 
ATOM   61   C  CG  . TYR A 1 9   ? 20.971  8.103   4.273   1.00 27.13 ? 9   TYR A CG  1 
ATOM   62   C  CD1 . TYR A 1 9   ? 20.329  7.190   3.440   1.00 25.27 ? 9   TYR A CD1 1 
ATOM   63   C  CD2 . TYR A 1 9   ? 20.195  8.848   5.159   1.00 28.14 ? 9   TYR A CD2 1 
ATOM   64   C  CE1 . TYR A 1 9   ? 18.929  7.039   3.484   1.00 27.32 ? 9   TYR A CE1 1 
ATOM   65   C  CE2 . TYR A 1 9   ? 18.815  8.697   5.212   1.00 28.67 ? 9   TYR A CE2 1 
ATOM   66   C  CZ  . TYR A 1 9   ? 18.196  7.797   4.375   1.00 23.32 ? 9   TYR A CZ  1 
ATOM   67   O  OH  . TYR A 1 9   ? 16.834  7.672   4.429   1.00 27.68 ? 9   TYR A OH  1 
ATOM   68   N  N   . HIS A 1 10  ? 22.250  9.859   1.103   1.00 25.78 ? 10  HIS A N   1 
ATOM   69   C  CA  . HIS A 1 10  ? 22.149  11.099  0.351   1.00 36.05 ? 10  HIS A CA  1 
ATOM   70   C  C   . HIS A 1 10  ? 20.827  11.784  0.678   1.00 33.11 ? 10  HIS A C   1 
ATOM   71   O  O   . HIS A 1 10  ? 19.803  11.128  0.882   1.00 29.91 ? 10  HIS A O   1 
ATOM   72   C  CB  . HIS A 1 10  ? 22.276  10.792  -1.148  1.00 35.19 ? 10  HIS A CB  1 
ATOM   73   C  CG  . HIS A 1 10  ? 22.249  12.000  -2.044  1.00 48.93 ? 10  HIS A CG  1 
ATOM   74   N  ND1 . HIS A 1 10  ? 21.176  12.862  -2.127  1.00 49.47 ? 10  HIS A ND1 1 
ATOM   75   C  CD2 . HIS A 1 10  ? 23.181  12.481  -2.905  1.00 51.19 ? 10  HIS A CD2 1 
ATOM   76   C  CE1 . HIS A 1 10  ? 21.447  13.824  -2.992  1.00 45.81 ? 10  HIS A CE1 1 
ATOM   77   N  NE2 . HIS A 1 10  ? 22.656  13.614  -3.482  1.00 52.49 ? 10  HIS A NE2 1 
ATOM   78   N  N   . GLU A 1 11  ? 20.854  13.122  0.709   1.00 26.87 ? 11  GLU A N   1 
ATOM   79   C  CA  . GLU A 1 11  ? 19.677  13.881  1.132   1.00 29.11 ? 11  GLU A CA  1 
ATOM   80   C  C   . GLU A 1 11  ? 18.465  13.644  0.236   1.00 30.79 ? 11  GLU A C   1 
ATOM   81   O  O   . GLU A 1 11  ? 17.325  13.752  0.708   1.00 27.81 ? 11  GLU A O   1 
ATOM   82   C  CB  . GLU A 1 11  ? 20.034  15.374  1.213   1.00 36.66 ? 11  GLU A CB  1 
ATOM   83   C  CG  . GLU A 1 11  ? 20.538  15.965  -0.114  1.00 54.07 ? 11  GLU A CG  1 
ATOM   84   C  CD  . GLU A 1 11  ? 20.653  17.494  -0.091  1.00 61.70 ? 11  GLU A CD  1 
ATOM   85   O  OE1 . GLU A 1 11  ? 20.485  18.135  -1.159  1.00 68.16 ? 11  GLU A OE1 1 
ATOM   86   O  OE2 . GLU A 1 11  ? 20.884  18.049  1.005   1.00 50.12 ? 11  GLU A OE2 1 
ATOM   87   N  N   . ASP A 1 12  ? 18.674  13.314  -1.046  1.00 27.16 ? 12  ASP A N   1 
ATOM   88   C  CA  . ASP A 1 12  ? 17.538  13.032  -1.925  1.00 31.13 ? 12  ASP A CA  1 
ATOM   89   C  C   . ASP A 1 12  ? 16.865  11.716  -1.559  1.00 32.25 ? 12  ASP A C   1 
ATOM   90   O  O   . ASP A 1 12  ? 15.644  11.565  -1.717  1.00 27.76 ? 12  ASP A O   1 
ATOM   91   C  CB  . ASP A 1 12  ? 17.984  12.968  -3.385  1.00 37.30 ? 12  ASP A CB  1 
ATOM   92   C  CG  . ASP A 1 12  ? 18.480  14.302  -3.915  1.00 44.97 ? 12  ASP A CG  1 
ATOM   93   O  OD1 . ASP A 1 12  ? 18.342  15.334  -3.220  1.00 40.77 ? 12  ASP A OD1 1 
ATOM   94   O  OD2 . ASP A 1 12  ? 19.010  14.303  -5.046  1.00 44.01 ? 12  ASP A OD2 1 
ATOM   95   N  N   . CYS A 1 13  ? 17.653  10.733  -1.124  1.00 30.96 ? 13  CYS A N   1 
ATOM   96   C  CA  . CYS A 1 13  ? 17.065  9.486   -0.652  1.00 27.21 ? 13  CYS A CA  1 
ATOM   97   C  C   . CYS A 1 13  ? 16.302  9.707   0.645   1.00 25.74 ? 13  CYS A C   1 
ATOM   98   O  O   . CYS A 1 13  ? 15.180  9.211   0.800   1.00 28.42 ? 13  CYS A O   1 
ATOM   99   C  CB  . CYS A 1 13  ? 18.156  8.437   -0.475  1.00 28.53 ? 13  CYS A CB  1 
ATOM   100  S  SG  . CYS A 1 13  ? 18.994  8.021   -2.032  1.00 30.68 ? 13  CYS A SG  1 
ATOM   101  N  N   . GLU A 1 14  ? 16.884  10.482  1.568   1.00 24.36 ? 14  GLU A N   1 
ATOM   102  C  CA  . GLU A 1 14  ? 16.202  10.842  2.806   1.00 28.76 ? 14  GLU A CA  1 
ATOM   103  C  C   . GLU A 1 14  ? 14.838  11.478  2.534   1.00 31.92 ? 14  GLU A C   1 
ATOM   104  O  O   . GLU A 1 14  ? 13.832  11.094  3.143   1.00 26.40 ? 14  GLU A O   1 
ATOM   105  C  CB  . GLU A 1 14  ? 17.090  11.776  3.634   1.00 25.47 ? 14  GLU A CB  1 
ATOM   106  C  CG  . GLU A 1 14  ? 16.520  12.161  4.984   1.00 28.41 ? 14  GLU A CG  1 
ATOM   107  C  CD  . GLU A 1 14  ? 17.381  13.181  5.724   1.00 35.23 ? 14  GLU A CD  1 
ATOM   108  O  OE1 . GLU A 1 14  ? 18.498  13.485  5.240   1.00 34.63 ? 14  GLU A OE1 1 
ATOM   109  O  OE2 . GLU A 1 14  ? 16.966  13.649  6.813   1.00 28.33 ? 14  GLU A OE2 1 
ATOM   110  N  N   . ALA A 1 15  ? 14.783  12.453  1.617   1.00 27.17 ? 15  ALA A N   1 
ATOM   111  C  CA  . ALA A 1 15  ? 13.511  13.113  1.314   1.00 29.01 ? 15  ALA A CA  1 
ATOM   112  C  C   . ALA A 1 15  ? 12.539  12.166  0.619   1.00 28.07 ? 15  ALA A C   1 
ATOM   113  O  O   . ALA A 1 15  ? 11.328  12.196  0.880   1.00 26.72 ? 15  ALA A O   1 
ATOM   114  C  CB  . ALA A 1 15  ? 13.749  14.346  0.441   1.00 38.06 ? 15  ALA A CB  1 
ATOM   115  N  N   . SER A 1 16  ? 13.048  11.336  -0.285  1.00 23.99 ? 16  SER A N   1 
ATOM   116  C  CA  A SER A 1 16  ? 12.189  10.390  -0.993  0.66 29.18 ? 16  SER A CA  1 
ATOM   117  C  CA  B SER A 1 16  ? 12.189  10.387  -0.991  0.34 29.16 ? 16  SER A CA  1 
ATOM   118  C  C   . SER A 1 16  ? 11.522  9.410   -0.026  1.00 29.03 ? 16  SER A C   1 
ATOM   119  O  O   . SER A 1 16  ? 10.355  9.030   -0.212  1.00 28.10 ? 16  SER A O   1 
ATOM   120  C  CB  A SER A 1 16  ? 13.011  9.636   -2.036  0.66 30.03 ? 16  SER A CB  1 
ATOM   121  C  CB  B SER A 1 16  ? 13.007  9.630   -2.037  0.34 29.99 ? 16  SER A CB  1 
ATOM   122  O  OG  A SER A 1 16  ? 13.310  10.464  -3.150  0.66 32.61 ? 16  SER A OG  1 
ATOM   123  O  OG  B SER A 1 16  ? 12.171  8.959   -2.965  0.34 30.59 ? 16  SER A OG  1 
ATOM   124  N  N   . ILE A 1 17  ? 12.248  8.980   1.005   1.00 25.69 ? 17  ILE A N   1 
ATOM   125  C  CA  . ILE A 1 17  ? 11.667  8.069   1.992   1.00 24.87 ? 17  ILE A CA  1 
ATOM   126  C  C   . ILE A 1 17  ? 10.587  8.766   2.813   1.00 27.75 ? 17  ILE A C   1 
ATOM   127  O  O   . ILE A 1 17  ? 9.559   8.161   3.147   1.00 29.54 ? 17  ILE A O   1 
ATOM   128  C  CB  . ILE A 1 17  ? 12.784  7.470   2.867   1.00 27.28 ? 17  ILE A CB  1 
ATOM   129  C  CG1 . ILE A 1 17  ? 13.564  6.441   2.049   1.00 29.08 ? 17  ILE A CG1 1 
ATOM   130  C  CG2 . ILE A 1 17  ? 12.238  6.873   4.192   1.00 22.42 ? 17  ILE A CG2 1 
ATOM   131  C  CD1 . ILE A 1 17  ? 14.752  5.892   2.752   1.00 32.72 ? 17  ILE A CD1 1 
ATOM   132  N  N   . ASN A 1 18  ? 10.780  10.045  3.144   1.00 24.13 ? 18  ASN A N   1 
ATOM   133  C  CA  . ASN A 1 18  ? 9.727   10.754  3.861   1.00 26.25 ? 18  ASN A CA  1 
ATOM   134  C  C   . ASN A 1 18  ? 8.467   10.830  3.016   1.00 27.45 ? 18  ASN A C   1 
ATOM   135  O  O   . ASN A 1 18  ? 7.358   10.626  3.522   1.00 30.07 ? 18  ASN A O   1 
ATOM   136  C  CB  . ASN A 1 18  ? 10.191  12.150  4.260   1.00 25.29 ? 18  ASN A CB  1 
ATOM   137  C  CG  . ASN A 1 18  ? 11.059  12.133  5.489   1.00 29.31 ? 18  ASN A CG  1 
ATOM   138  O  OD1 . ASN A 1 18  ? 10.950  11.242  6.338   1.00 26.85 ? 18  ASN A OD1 1 
ATOM   139  N  ND2 . ASN A 1 18  ? 11.948  13.111  5.591   1.00 27.74 ? 18  ASN A ND2 1 
ATOM   140  N  N   . LYS A 1 19  ? 8.616   11.106  1.718   1.00 27.29 ? 19  LYS A N   1 
ATOM   141  C  CA  . LYS A 1 19  ? 7.440   11.127  0.855   1.00 29.15 ? 19  LYS A CA  1 
ATOM   142  C  C   . LYS A 1 19  ? 6.792   9.752   0.776   1.00 27.31 ? 19  LYS A C   1 
ATOM   143  O  O   . LYS A 1 19  ? 5.561   9.635   0.770   1.00 27.39 ? 19  LYS A O   1 
ATOM   144  C  CB  . LYS A 1 19  ? 7.806   11.625  -0.543  1.00 32.09 ? 19  LYS A CB  1 
ATOM   145  C  CG  . LYS A 1 19  ? 7.787   13.160  -0.686  1.00 40.34 ? 19  LYS A CG  1 
ATOM   146  C  CD  . LYS A 1 19  ? 8.789   13.627  -1.741  1.00 63.37 ? 19  LYS A CD  1 
ATOM   147  C  CE  . LYS A 1 19  ? 9.311   15.042  -1.463  1.00 62.03 ? 19  LYS A CE  1 
ATOM   148  N  NZ  . LYS A 1 19  ? 10.568  15.355  -2.226  1.00 54.03 ? 19  LYS A NZ  1 
ATOM   149  N  N   . GLN A 1 20  ? 7.601   8.697   0.692   1.00 27.39 ? 20  GLN A N   1 
ATOM   150  C  CA  . GLN A 1 20  ? 7.031   7.356   0.619   1.00 27.21 ? 20  GLN A CA  1 
ATOM   151  C  C   . GLN A 1 20  ? 6.318   6.994   1.919   1.00 25.61 ? 20  GLN A C   1 
ATOM   152  O  O   . GLN A 1 20  ? 5.272   6.334   1.895   1.00 26.60 ? 20  GLN A O   1 
ATOM   153  C  CB  . GLN A 1 20  ? 8.127   6.342   0.288   1.00 26.64 ? 20  GLN A CB  1 
ATOM   154  C  CG  . GLN A 1 20  ? 7.585   4.956   0.059   1.00 28.29 ? 20  GLN A CG  1 
ATOM   155  C  CD  . GLN A 1 20  ? 6.833   4.869   -1.255  1.00 33.32 ? 20  GLN A CD  1 
ATOM   156  O  OE1 . GLN A 1 20  ? 7.215   5.490   -2.244  1.00 34.28 ? 20  GLN A OE1 1 
ATOM   157  N  NE2 . GLN A 1 20  ? 5.748   4.120   -1.262  1.00 28.31 ? 20  GLN A NE2 1 
ATOM   158  N  N   . ILE A 1 21  ? 6.848   7.439   3.063   1.00 24.67 ? 21  ILE A N   1 
ATOM   159  C  CA  . ILE A 1 21  ? 6.144   7.225   4.331   1.00 27.15 ? 21  ILE A CA  1 
ATOM   160  C  C   . ILE A 1 21  ? 4.735   7.794   4.251   1.00 31.27 ? 21  ILE A C   1 
ATOM   161  O  O   . ILE A 1 21  ? 3.752   7.145   4.637   1.00 23.64 ? 21  ILE A O   1 
ATOM   162  C  CB  . ILE A 1 21  ? 6.923   7.849   5.500   1.00 26.61 ? 21  ILE A CB  1 
ATOM   163  C  CG1 . ILE A 1 21  ? 8.195   7.049   5.804   1.00 21.91 ? 21  ILE A CG1 1 
ATOM   164  C  CG2 . ILE A 1 21  ? 6.011   7.968   6.731   1.00 22.67 ? 21  ILE A CG2 1 
ATOM   165  C  CD1 . ILE A 1 21  ? 9.160   7.781   6.695   1.00 22.06 ? 21  ILE A CD1 1 
ATOM   166  N  N   . ASN A 1 22  ? 4.612   9.024   3.737   1.00 23.41 ? 22  ASN A N   1 
ATOM   167  C  CA  . ASN A 1 22  ? 3.284   9.615   3.627   1.00 25.16 ? 22  ASN A CA  1 
ATOM   168  C  C   . ASN A 1 22  ? 2.413   8.797   2.698   1.00 23.36 ? 22  ASN A C   1 
ATOM   169  O  O   . ASN A 1 22  ? 1.206   8.651   2.933   1.00 27.10 ? 22  ASN A O   1 
ATOM   170  C  CB  . ASN A 1 22  ? 3.363   11.056  3.122   1.00 26.22 ? 22  ASN A CB  1 
ATOM   171  C  CG  . ASN A 1 22  ? 2.022   11.753  3.185   1.00 29.49 ? 22  ASN A CG  1 
ATOM   172  O  OD1 . ASN A 1 22  ? 1.293   11.809  2.201   1.00 28.23 ? 22  ASN A OD1 1 
ATOM   173  N  ND2 . ASN A 1 22  ? 1.671   12.248  4.360   1.00 26.40 ? 22  ASN A ND2 1 
ATOM   174  N  N   . MET A 1 23  ? 2.999   8.252   1.632   1.00 22.17 ? 23  MET A N   1 
ATOM   175  C  CA  . MET A 1 23  ? 2.154   7.578   0.659   1.00 18.58 ? 23  MET A CA  1 
ATOM   176  C  C   . MET A 1 23  ? 1.650   6.250   1.224   1.00 25.14 ? 23  MET A C   1 
ATOM   177  O  O   . MET A 1 23  ? 0.509   5.852   0.961   1.00 25.87 ? 23  MET A O   1 
ATOM   178  C  CB  . MET A 1 23  ? 2.915   7.353   -0.640  1.00 24.91 ? 23  MET A CB  1 
ATOM   179  C  CG  . MET A 1 23  ? 2.101   6.650   -1.703  1.00 27.68 ? 23  MET A CG  1 
ATOM   180  S  SD  . MET A 1 23  ? 3.130   6.355   -3.152  1.00 30.53 ? 23  MET A SD  1 
ATOM   181  C  CE  . MET A 1 23  ? 1.868   6.030   -4.380  1.00 33.50 ? 23  MET A CE  1 
ATOM   182  N  N   . GLU A 1 24  ? 2.496   5.546   1.988   1.00 27.27 ? 24  GLU A N   1 
ATOM   183  C  CA  . GLU A 1 24  ? 2.062   4.310   2.647   1.00 25.75 ? 24  GLU A CA  1 
ATOM   184  C  C   . GLU A 1 24  ? 0.933   4.574   3.631   1.00 23.96 ? 24  GLU A C   1 
ATOM   185  O  O   . GLU A 1 24  ? -0.040  3.806   3.704   1.00 26.11 ? 24  GLU A O   1 
ATOM   186  C  CB  . GLU A 1 24  ? 3.236   3.658   3.393   1.00 28.26 ? 24  GLU A CB  1 
ATOM   187  C  CG  . GLU A 1 24  ? 4.457   3.265   2.565   1.00 27.30 ? 24  GLU A CG  1 
ATOM   188  C  CD  . GLU A 1 24  ? 4.188   2.134   1.605   1.00 28.69 ? 24  GLU A CD  1 
ATOM   189  O  OE1 . GLU A 1 24  ? 3.255   1.338   1.846   1.00 33.59 ? 24  GLU A OE1 1 
ATOM   190  O  OE2 . GLU A 1 24  ? 4.940   2.013   0.625   1.00 31.13 ? 24  GLU A OE2 1 
ATOM   191  N  N   . LEU A 1 25  ? 1.067   5.631   4.436   1.00 21.13 ? 25  LEU A N   1 
ATOM   192  C  CA  . LEU A 1 25  ? 0.001   5.991   5.368   1.00 22.41 ? 25  LEU A CA  1 
ATOM   193  C  C   . LEU A 1 25  ? -1.289  6.308   4.623   1.00 29.76 ? 25  LEU A C   1 
ATOM   194  O  O   . LEU A 1 25  ? -2.378  5.892   5.044   1.00 26.58 ? 25  LEU A O   1 
ATOM   195  C  CB  . LEU A 1 25  ? 0.436   7.183   6.236   1.00 26.73 ? 25  LEU A CB  1 
ATOM   196  C  CG  . LEU A 1 25  ? 1.605   6.910   7.192   1.00 28.18 ? 25  LEU A CG  1 
ATOM   197  C  CD1 . LEU A 1 25  ? 2.138   8.220   7.770   1.00 27.20 ? 25  LEU A CD1 1 
ATOM   198  C  CD2 . LEU A 1 25  ? 1.208   5.942   8.311   1.00 23.87 ? 25  LEU A CD2 1 
ATOM   199  N  N   . TYR A 1 26  ? -1.186  7.036   3.503   1.00 23.87 ? 26  TYR A N   1 
ATOM   200  C  CA  . TYR A 1 26  ? -2.377  7.314   2.707   1.00 27.04 ? 26  TYR A CA  1 
ATOM   201  C  C   . TYR A 1 26  ? -3.037  6.020   2.255   1.00 24.95 ? 26  TYR A C   1 
ATOM   202  O  O   . TYR A 1 26  ? -4.255  5.847   2.396   1.00 24.86 ? 26  TYR A O   1 
ATOM   203  C  CB  . TYR A 1 26  ? -2.034  8.181   1.492   1.00 26.80 ? 26  TYR A CB  1 
ATOM   204  C  CG  . TYR A 1 26  ? -3.248  8.364   0.581   1.00 27.75 ? 26  TYR A CG  1 
ATOM   205  C  CD1 . TYR A 1 26  ? -4.315  9.176   0.961   1.00 27.80 ? 26  TYR A CD1 1 
ATOM   206  C  CD2 . TYR A 1 26  ? -3.332  7.699   -0.650  1.00 28.04 ? 26  TYR A CD2 1 
ATOM   207  C  CE1 . TYR A 1 26  ? -5.442  9.334   0.130   1.00 26.13 ? 26  TYR A CE1 1 
ATOM   208  C  CE2 . TYR A 1 26  ? -4.446  7.851   -1.484  1.00 22.20 ? 26  TYR A CE2 1 
ATOM   209  C  CZ  . TYR A 1 26  ? -5.495  8.657   -1.082  1.00 28.15 ? 26  TYR A CZ  1 
ATOM   210  O  OH  . TYR A 1 26  ? -6.600  8.805   -1.901  1.00 33.69 ? 26  TYR A OH  1 
ATOM   211  N  N   . ALA A 1 27  ? -2.243  5.090   1.719   1.00 26.00 ? 27  ALA A N   1 
ATOM   212  C  CA  . ALA A 1 27  ? -2.805  3.802   1.307   1.00 25.71 ? 27  ALA A CA  1 
ATOM   213  C  C   . ALA A 1 27  ? -3.448  3.077   2.482   1.00 28.41 ? 27  ALA A C   1 
ATOM   214  O  O   . ALA A 1 27  ? -4.506  2.455   2.328   1.00 23.56 ? 27  ALA A O   1 
ATOM   215  C  CB  . ALA A 1 27  ? -1.729  2.919   0.673   1.00 28.22 ? 27  ALA A CB  1 
ATOM   216  N  N   . SER A 1 28  ? -2.829  3.142   3.664   1.00 24.84 ? 28  SER A N   1 
ATOM   217  C  CA  . SER A 1 28  ? -3.450  2.516   4.827   1.00 23.71 ? 28  SER A CA  1 
ATOM   218  C  C   . SER A 1 28  ? -4.808  3.142   5.116   1.00 23.14 ? 28  SER A C   1 
ATOM   219  O  O   . SER A 1 28  ? -5.761  2.446   5.492   1.00 23.08 ? 28  SER A O   1 
ATOM   220  C  CB  . SER A 1 28  ? -2.534  2.622   6.049   1.00 24.74 ? 28  SER A CB  1 
ATOM   221  O  OG  . SER A 1 28  ? -3.212  2.131   7.204   1.00 25.46 ? 28  SER A OG  1 
ATOM   222  N  N   . TYR A 1 29  ? -4.931  4.451   4.909   1.00 21.49 ? 29  TYR A N   1 
ATOM   223  C  CA  . TYR A 1 29  ? -6.172  5.124   5.269   1.00 22.20 ? 29  TYR A CA  1 
ATOM   224  C  C   . TYR A 1 29  ? -7.252  4.856   4.247   1.00 23.20 ? 29  TYR A C   1 
ATOM   225  O  O   . TYR A 1 29  ? -8.417  4.706   4.624   1.00 23.85 ? 29  TYR A O   1 
ATOM   226  C  CB  . TYR A 1 29  ? -5.867  6.613   5.469   1.00 24.95 ? 29  TYR A CB  1 
ATOM   227  C  CG  . TYR A 1 29  ? -6.941  7.535   5.982   1.00 22.19 ? 29  TYR A CG  1 
ATOM   228  C  CD1 . TYR A 1 29  ? -7.684  7.186   7.085   1.00 22.78 ? 29  TYR A CD1 1 
ATOM   229  C  CD2 . TYR A 1 29  ? -6.902  8.896   5.651   1.00 23.84 ? 29  TYR A CD2 1 
ATOM   230  C  CE1 . TYR A 1 29  ? -8.588  8.068   7.671   1.00 25.97 ? 29  TYR A CE1 1 
ATOM   231  C  CE2 . TYR A 1 29  ? -7.770  9.808   6.255   1.00 25.37 ? 29  TYR A CE2 1 
ATOM   232  C  CZ  . TYR A 1 29  ? -8.613  9.388   7.270   1.00 26.14 ? 29  TYR A CZ  1 
ATOM   233  O  OH  . TYR A 1 29  ? -9.495  10.281  7.871   1.00 23.03 ? 29  TYR A OH  1 
ATOM   234  N  N   . VAL A 1 30  ? -6.871  4.718   2.972   1.00 25.01 ? 30  VAL A N   1 
ATOM   235  C  CA  . VAL A 1 30  ? -7.820  4.314   1.939   1.00 22.50 ? 30  VAL A CA  1 
ATOM   236  C  C   . VAL A 1 30  ? -8.405  2.951   2.271   1.00 24.14 ? 30  VAL A C   1 
ATOM   237  O  O   . VAL A 1 30  ? -9.623  2.736   2.186   1.00 24.25 ? 30  VAL A O   1 
ATOM   238  C  CB  . VAL A 1 30  ? -7.125  4.291   0.568   1.00 22.46 ? 30  VAL A CB  1 
ATOM   239  C  CG1 . VAL A 1 30  ? -7.941  3.479   -0.426  1.00 22.01 ? 30  VAL A CG1 1 
ATOM   240  C  CG2 . VAL A 1 30  ? -6.901  5.701   0.075   1.00 25.20 ? 30  VAL A CG2 1 
ATOM   241  N  N   . TYR A 1 31  ? -7.539  2.011   2.675   1.00 22.42 ? 31  TYR A N   1 
ATOM   242  C  CA  . TYR A 1 31  ? -8.008  0.670   2.996   1.00 20.79 ? 31  TYR A CA  1 
ATOM   243  C  C   . TYR A 1 31  ? -8.851  0.666   4.269   1.00 18.40 ? 31  TYR A C   1 
ATOM   244  O  O   . TYR A 1 31  ? -9.815  -0.101  4.364   1.00 25.02 ? 31  TYR A O   1 
ATOM   245  C  CB  . TYR A 1 31  ? -6.810  -0.273  3.137   1.00 19.24 ? 31  TYR A CB  1 
ATOM   246  C  CG  . TYR A 1 31  ? -6.181  -0.641  1.814   1.00 25.61 ? 31  TYR A CG  1 
ATOM   247  C  CD1 . TYR A 1 31  ? -6.956  -0.816  0.676   1.00 30.41 ? 31  TYR A CD1 1 
ATOM   248  C  CD2 . TYR A 1 31  ? -4.816  -0.843  1.707   1.00 23.83 ? 31  TYR A CD2 1 
ATOM   249  C  CE1 . TYR A 1 31  ? -6.383  -1.157  -0.536  1.00 34.76 ? 31  TYR A CE1 1 
ATOM   250  C  CE2 . TYR A 1 31  ? -4.238  -1.192  0.501   1.00 24.13 ? 31  TYR A CE2 1 
ATOM   251  C  CZ  . TYR A 1 31  ? -5.027  -1.346  -0.615  1.00 34.97 ? 31  TYR A CZ  1 
ATOM   252  O  OH  . TYR A 1 31  ? -4.460  -1.697  -1.817  1.00 34.81 ? 31  TYR A OH  1 
ATOM   253  N  N   . LEU A 1 32  ? -8.502  1.493   5.259   1.00 21.58 ? 32  LEU A N   1 
ATOM   254  C  CA  . LEU A 1 32  ? -9.367  1.633   6.426   1.00 21.97 ? 32  LEU A CA  1 
ATOM   255  C  C   . LEU A 1 32  ? -10.766 2.065   5.998   1.00 30.32 ? 32  LEU A C   1 
ATOM   256  O  O   . LEU A 1 32  ? -11.770 1.510   6.458   1.00 22.62 ? 32  LEU A O   1 
ATOM   257  C  CB  . LEU A 1 32  ? -8.777  2.637   7.417   1.00 25.37 ? 32  LEU A CB  1 
ATOM   258  C  CG  . LEU A 1 32  ? -9.536  2.774   8.735   1.00 28.98 ? 32  LEU A CG  1 
ATOM   259  C  CD1 . LEU A 1 32  ? -9.305  1.534   9.601   1.00 26.44 ? 32  LEU A CD1 1 
ATOM   260  C  CD2 . LEU A 1 32  ? -9.101  4.025   9.469   1.00 24.06 ? 32  LEU A CD2 1 
ATOM   261  N  N   . SER A 1 33  ? -10.843 3.071   5.117   1.00 24.65 ? 33  SER A N   1 
ATOM   262  C  CA  . SER A 1 33  ? -12.123 3.541   4.602   1.00 21.15 ? 33  SER A CA  1 
ATOM   263  C  C   . SER A 1 33  ? -12.917 2.408   3.979   1.00 24.66 ? 33  SER A C   1 
ATOM   264  O  O   . SER A 1 33  ? -14.103 2.221   4.274   1.00 26.01 ? 33  SER A O   1 
ATOM   265  C  CB  . SER A 1 33  ? -11.888 4.637   3.562   1.00 23.90 ? 33  SER A CB  1 
ATOM   266  O  OG  . SER A 1 33  ? -13.142 5.111   3.098   1.00 27.08 ? 33  SER A OG  1 
ATOM   267  N  N   . MET A 1 34  ? -12.263 1.644   3.105   1.00 23.63 ? 34  MET A N   1 
ATOM   268  C  CA  . MET A 1 34  ? -12.921 0.542   2.423   1.00 24.39 ? 34  MET A CA  1 
ATOM   269  C  C   . MET A 1 34  ? -13.417 -0.482  3.429   1.00 25.02 ? 34  MET A C   1 
ATOM   270  O  O   . MET A 1 34  ? -14.569 -0.933  3.360   1.00 24.72 ? 34  MET A O   1 
ATOM   271  C  CB  . MET A 1 34  ? -11.923 -0.098  1.460   1.00 25.62 ? 34  MET A CB  1 
ATOM   272  C  CG  . MET A 1 34  ? -11.784 0.629   0.152   1.00 25.14 ? 34  MET A CG  1 
ATOM   273  S  SD  . MET A 1 34  ? -10.595 -0.218  -0.889  1.00 28.55 ? 34  MET A SD  1 
ATOM   274  C  CE  . MET A 1 34  ? -10.321 0.937   -2.238  1.00 26.48 ? 34  MET A CE  1 
ATOM   275  N  N   . ALA A 1 35  ? -12.560 -0.830  4.400   1.00 21.45 ? 35  ALA A N   1 
ATOM   276  C  CA  . ALA A 1 35  ? -12.891 -1.845  5.396   1.00 23.85 ? 35  ALA A CA  1 
ATOM   277  C  C   . ALA A 1 35  ? -14.228 -1.561  6.076   1.00 26.45 ? 35  ALA A C   1 
ATOM   278  O  O   . ALA A 1 35  ? -15.095 -2.443  6.177   1.00 26.51 ? 35  ALA A O   1 
ATOM   279  C  CB  . ALA A 1 35  ? -11.770 -1.906  6.431   1.00 22.13 ? 35  ALA A CB  1 
ATOM   280  N  N   . TYR A 1 36  ? -14.414 -0.327  6.554   1.00 22.39 ? 36  TYR A N   1 
ATOM   281  C  CA  . TYR A 1 36  ? -15.638 -0.015  7.275   1.00 22.14 ? 36  TYR A CA  1 
ATOM   282  C  C   . TYR A 1 36  ? -16.786 0.279   6.332   1.00 27.10 ? 36  TYR A C   1 
ATOM   283  O  O   . TYR A 1 36  ? -17.946 0.056   6.698   1.00 27.88 ? 36  TYR A O   1 
ATOM   284  C  CB  . TYR A 1 36  ? -15.383 1.125   8.260   1.00 25.91 ? 36  TYR A CB  1 
ATOM   285  C  CG  . TYR A 1 36  ? -14.634 0.570   9.442   1.00 25.13 ? 36  TYR A CG  1 
ATOM   286  C  CD1 . TYR A 1 36  ? -13.251 0.413   9.401   1.00 27.71 ? 36  TYR A CD1 1 
ATOM   287  C  CD2 . TYR A 1 36  ? -15.314 0.119   10.568  1.00 27.20 ? 36  TYR A CD2 1 
ATOM   288  C  CE1 . TYR A 1 36  ? -12.565 -0.134  10.465  1.00 27.60 ? 36  TYR A CE1 1 
ATOM   289  C  CE2 . TYR A 1 36  ? -14.637 -0.444  11.635  1.00 28.85 ? 36  TYR A CE2 1 
ATOM   290  C  CZ  . TYR A 1 36  ? -13.262 -0.578  11.574  1.00 29.23 ? 36  TYR A CZ  1 
ATOM   291  O  OH  . TYR A 1 36  ? -12.582 -1.133  12.639  1.00 32.02 ? 36  TYR A OH  1 
ATOM   292  N  N   . TYR A 1 37  ? -16.489 0.742   5.116   1.00 24.81 ? 37  TYR A N   1 
ATOM   293  C  CA  . TYR A 1 37  ? -17.534 0.809   4.103   1.00 29.97 ? 37  TYR A CA  1 
ATOM   294  C  C   . TYR A 1 37  ? -18.209 -0.549  3.945   1.00 26.56 ? 37  TYR A C   1 
ATOM   295  O  O   . TYR A 1 37  ? -19.439 -0.650  3.924   1.00 24.74 ? 37  TYR A O   1 
ATOM   296  C  CB  . TYR A 1 37  ? -16.949 1.286   2.771   1.00 23.93 ? 37  TYR A CB  1 
ATOM   297  C  CG  . TYR A 1 37  ? -17.929 1.128   1.604   1.00 24.57 ? 37  TYR A CG  1 
ATOM   298  C  CD1 . TYR A 1 37  ? -18.997 2.016   1.429   1.00 27.38 ? 37  TYR A CD1 1 
ATOM   299  C  CD2 . TYR A 1 37  ? -17.784 0.098   0.690   1.00 24.91 ? 37  TYR A CD2 1 
ATOM   300  C  CE1 . TYR A 1 37  ? -19.891 1.854   0.365   1.00 25.62 ? 37  TYR A CE1 1 
ATOM   301  C  CE2 . TYR A 1 37  ? -18.671 -0.067  -0.370  1.00 27.59 ? 37  TYR A CE2 1 
ATOM   302  C  CZ  . TYR A 1 37  ? -19.713 0.812   -0.523  1.00 30.28 ? 37  TYR A CZ  1 
ATOM   303  O  OH  . TYR A 1 37  ? -20.572 0.631   -1.579  1.00 31.41 ? 37  TYR A OH  1 
ATOM   304  N  N   . PHE A 1 38  ? -17.424 -1.613  3.887   1.00 26.58 ? 38  PHE A N   1 
ATOM   305  C  CA  . PHE A 1 38  ? -18.004 -2.936  3.707   1.00 23.96 ? 38  PHE A CA  1 
ATOM   306  C  C   . PHE A 1 38  ? -18.664 -3.495  4.967   1.00 27.14 ? 38  PHE A C   1 
ATOM   307  O  O   . PHE A 1 38  ? -19.241 -4.589  4.907   1.00 24.84 ? 38  PHE A O   1 
ATOM   308  C  CB  . PHE A 1 38  ? -16.933 -3.878  3.160   1.00 23.76 ? 38  PHE A CB  1 
ATOM   309  C  CG  . PHE A 1 38  ? -16.654 -3.627  1.716   1.00 26.43 ? 38  PHE A CG  1 
ATOM   310  C  CD1 . PHE A 1 38  ? -17.647 -3.853  0.770   1.00 27.15 ? 38  PHE A CD1 1 
ATOM   311  C  CD2 . PHE A 1 38  ? -15.447 -3.098  1.302   1.00 24.06 ? 38  PHE A CD2 1 
ATOM   312  C  CE1 . PHE A 1 38  ? -17.423 -3.592  -0.576  1.00 26.07 ? 38  PHE A CE1 1 
ATOM   313  C  CE2 . PHE A 1 38  ? -15.210 -2.834  -0.050  1.00 25.36 ? 38  PHE A CE2 1 
ATOM   314  C  CZ  . PHE A 1 38  ? -16.196 -3.086  -0.986  1.00 26.24 ? 38  PHE A CZ  1 
ATOM   315  N  N   . GLU A 1 39  ? -18.644 -2.757  6.078   1.00 21.90 ? 39  GLU A N   1 
ATOM   316  C  CA  . GLU A 1 39  ? -19.405 -3.119  7.268   1.00 25.05 ? 39  GLU A CA  1 
ATOM   317  C  C   . GLU A 1 39  ? -20.680 -2.291  7.433   1.00 24.26 ? 39  GLU A C   1 
ATOM   318  O  O   . GLU A 1 39  ? -21.375 -2.433  8.446   1.00 23.47 ? 39  GLU A O   1 
ATOM   319  C  CB  . GLU A 1 39  ? -18.538 -2.979  8.511   1.00 30.39 ? 39  GLU A CB  1 
ATOM   320  C  CG  . GLU A 1 39  ? -17.402 -3.954  8.525   1.00 26.95 ? 39  GLU A CG  1 
ATOM   321  C  CD  . GLU A 1 39  ? -16.762 -4.091  9.902   1.00 42.28 ? 39  GLU A CD  1 
ATOM   322  O  OE1 . GLU A 1 39  ? -16.993 -3.224  10.780  1.00 31.53 ? 39  GLU A OE1 1 
ATOM   323  O  OE2 . GLU A 1 39  ? -16.045 -5.095  10.106  1.00 43.64 ? 39  GLU A OE2 1 
ATOM   324  N  N   . ARG A 1 40  ? -21.018 -1.448  6.460   1.00 26.60 ? 40  ARG A N   1 
ATOM   325  C  CA  . ARG A 1 40  ? -22.302 -0.746  6.503   1.00 24.74 ? 40  ARG A CA  1 
ATOM   326  C  C   . ARG A 1 40  ? -23.457 -1.740  6.453   1.00 26.34 ? 40  ARG A C   1 
ATOM   327  O  O   . ARG A 1 40  ? -23.381 -2.772  5.779   1.00 25.14 ? 40  ARG A O   1 
ATOM   328  C  CB  . ARG A 1 40  ? -22.414 0.231   5.328   1.00 22.27 ? 40  ARG A CB  1 
ATOM   329  C  CG  . ARG A 1 40  ? -21.628 1.537   5.524   1.00 26.65 ? 40  ARG A CG  1 
ATOM   330  C  CD  . ARG A 1 40  ? -21.485 2.290   4.203   1.00 24.75 ? 40  ARG A CD  1 
ATOM   331  N  NE  . ARG A 1 40  ? -22.796 2.574   3.613   1.00 25.84 ? 40  ARG A NE  1 
ATOM   332  C  CZ  . ARG A 1 40  ? -23.022 3.497   2.678   1.00 39.20 ? 40  ARG A CZ  1 
ATOM   333  N  NH1 . ARG A 1 40  ? -22.031 4.267   2.235   1.00 29.37 ? 40  ARG A NH1 1 
ATOM   334  N  NH2 . ARG A 1 40  ? -24.253 3.656   2.191   1.00 37.01 ? 40  ARG A NH2 1 
ATOM   335  N  N   . ASP A 1 41  ? -24.552 -1.417  7.162   1.00 20.84 ? 41  ASP A N   1 
ATOM   336  C  CA  . ASP A 1 41  ? -25.674 -2.347  7.179   1.00 25.12 ? 41  ASP A CA  1 
ATOM   337  C  C   . ASP A 1 41  ? -26.247 -2.567  5.783   1.00 23.90 ? 41  ASP A C   1 
ATOM   338  O  O   . ASP A 1 41  ? -26.868 -3.608  5.531   1.00 24.30 ? 41  ASP A O   1 
ATOM   339  C  CB  . ASP A 1 41  ? -26.798 -1.875  8.112   1.00 24.45 ? 41  ASP A CB  1 
ATOM   340  C  CG  . ASP A 1 41  ? -27.574 -0.689  7.556   1.00 28.35 ? 41  ASP A CG  1 
ATOM   341  O  OD1 . ASP A 1 41  ? -27.096 0.467   7.633   1.00 30.30 ? 41  ASP A OD1 1 
ATOM   342  O  OD2 . ASP A 1 41  ? -28.623 -0.948  6.920   1.00 26.40 ? 41  ASP A OD2 1 
ATOM   343  N  N   . ASP A 1 42  ? -26.076 -1.597  4.874   1.00 23.96 ? 42  ASP A N   1 
ATOM   344  C  CA  . ASP A 1 42  ? -26.574 -1.702  3.508   1.00 23.44 ? 42  ASP A CA  1 
ATOM   345  C  C   . ASP A 1 42  ? -25.508 -2.198  2.539   1.00 29.77 ? 42  ASP A C   1 
ATOM   346  O  O   . ASP A 1 42  ? -25.735 -2.190  1.323   1.00 25.14 ? 42  ASP A O   1 
ATOM   347  C  CB  . ASP A 1 42  ? -27.164 -0.354  3.024   1.00 26.15 ? 42  ASP A CB  1 
ATOM   348  C  CG  . ASP A 1 42  ? -26.171 0.794   3.057   1.00 35.08 ? 42  ASP A CG  1 
ATOM   349  O  OD1 . ASP A 1 42  ? -25.001 0.595   3.441   1.00 28.13 ? 42  ASP A OD1 1 
ATOM   350  O  OD2 . ASP A 1 42  ? -26.560 1.920   2.665   1.00 31.92 ? 42  ASP A OD2 1 
ATOM   351  N  N   . VAL A 1 43  ? -24.362 -2.657  3.045   1.00 22.87 ? 43  VAL A N   1 
ATOM   352  C  CA  . VAL A 1 43  ? -23.338 -3.244  2.188   1.00 24.13 ? 43  VAL A CA  1 
ATOM   353  C  C   . VAL A 1 43  ? -23.073 -4.670  2.655   1.00 24.75 ? 43  VAL A C   1 
ATOM   354  O  O   . VAL A 1 43  ? -23.309 -5.628  1.912   1.00 23.16 ? 43  VAL A O   1 
ATOM   355  C  CB  . VAL A 1 43  ? -22.043 -2.405  2.189   1.00 22.54 ? 43  VAL A CB  1 
ATOM   356  C  CG1 . VAL A 1 43  ? -20.983 -3.063  1.280   1.00 24.09 ? 43  VAL A CG1 1 
ATOM   357  C  CG2 . VAL A 1 43  ? -22.328 -0.962  1.771   1.00 24.57 ? 43  VAL A CG2 1 
ATOM   358  N  N   . ALA A 1 44  ? -22.546 -4.814  3.875   1.00 22.18 ? 44  ALA A N   1 
ATOM   359  C  CA  . ALA A 1 44  ? -22.492 -6.090  4.599   1.00 26.42 ? 44  ALA A CA  1 
ATOM   360  C  C   . ALA A 1 44  ? -21.766 -7.188  3.807   1.00 24.20 ? 44  ALA A C   1 
ATOM   361  O  O   . ALA A 1 44  ? -22.322 -8.243  3.492   1.00 26.78 ? 44  ALA A O   1 
ATOM   362  C  CB  . ALA A 1 44  ? -23.903 -6.538  4.994   1.00 26.20 ? 44  ALA A CB  1 
ATOM   363  N  N   . LEU A 1 45  ? -20.486 -6.936  3.523   1.00 24.56 ? 45  LEU A N   1 
ATOM   364  C  CA  . LEU A 1 45  ? -19.603 -7.885  2.843   1.00 22.47 ? 45  LEU A CA  1 
ATOM   365  C  C   . LEU A 1 45  ? -18.426 -8.162  3.771   1.00 24.82 ? 45  LEU A C   1 
ATOM   366  O  O   . LEU A 1 45  ? -17.360 -7.543  3.646   1.00 24.47 ? 45  LEU A O   1 
ATOM   367  C  CB  . LEU A 1 45  ? -19.132 -7.344  1.495   1.00 20.77 ? 45  LEU A CB  1 
ATOM   368  C  CG  . LEU A 1 45  ? -20.219 -7.424  0.414   1.00 23.40 ? 45  LEU A CG  1 
ATOM   369  C  CD1 . LEU A 1 45  ? -19.988 -6.341  -0.651  1.00 25.97 ? 45  LEU A CD1 1 
ATOM   370  C  CD2 . LEU A 1 45  ? -20.273 -8.807  -0.234  1.00 27.09 ? 45  LEU A CD2 1 
ATOM   371  N  N   . PRO A 1 46  ? -18.589 -9.082  4.722   1.00 23.89 ? 46  PRO A N   1 
ATOM   372  C  CA  . PRO A 1 46  ? -17.555 -9.252  5.756   1.00 22.58 ? 46  PRO A CA  1 
ATOM   373  C  C   . PRO A 1 46  ? -16.232 -9.779  5.221   1.00 22.94 ? 46  PRO A C   1 
ATOM   374  O  O   . PRO A 1 46  ? -15.175 -9.489  5.809   1.00 27.08 ? 46  PRO A O   1 
ATOM   375  C  CB  . PRO A 1 46  ? -18.208 -10.244 6.741   1.00 25.47 ? 46  PRO A CB  1 
ATOM   376  C  CG  . PRO A 1 46  ? -19.265 -10.942 5.927   1.00 30.65 ? 46  PRO A CG  1 
ATOM   377  C  CD  . PRO A 1 46  ? -19.786 -9.899  4.985   1.00 28.43 ? 46  PRO A CD  1 
ATOM   378  N  N   . GLY A 1 47  ? -16.251 -10.545 4.129   1.00 22.20 ? 47  GLY A N   1 
ATOM   379  C  CA  . GLY A 1 47  ? -15.001 -10.997 3.537   1.00 25.24 ? 47  GLY A CA  1 
ATOM   380  C  C   . GLY A 1 47  ? -14.175 -9.845  3.001   1.00 25.90 ? 47  GLY A C   1 
ATOM   381  O  O   . GLY A 1 47  ? -12.976 -9.746  3.268   1.00 22.69 ? 47  GLY A O   1 
ATOM   382  N  N   . PHE A 1 48  ? -14.810 -8.957  2.228   1.00 22.84 ? 48  PHE A N   1 
ATOM   383  C  CA  . PHE A 1 48  ? -14.132 -7.744  1.770   1.00 22.14 ? 48  PHE A CA  1 
ATOM   384  C  C   . PHE A 1 48  ? -13.700 -6.867  2.939   1.00 21.76 ? 48  PHE A C   1 
ATOM   385  O  O   . PHE A 1 48  ? -12.600 -6.295  2.928   1.00 23.66 ? 48  PHE A O   1 
ATOM   386  C  CB  . PHE A 1 48  ? -15.056 -6.954  0.838   1.00 24.77 ? 48  PHE A CB  1 
ATOM   387  C  CG  . PHE A 1 48  ? -15.142 -7.520  -0.549  1.00 21.76 ? 48  PHE A CG  1 
ATOM   388  C  CD1 . PHE A 1 48  ? -14.159 -7.231  -1.487  1.00 27.55 ? 48  PHE A CD1 1 
ATOM   389  C  CD2 . PHE A 1 48  ? -16.218 -8.322  -0.925  1.00 22.72 ? 48  PHE A CD2 1 
ATOM   390  C  CE1 . PHE A 1 48  ? -14.235 -7.752  -2.778  1.00 26.28 ? 48  PHE A CE1 1 
ATOM   391  C  CE2 . PHE A 1 48  ? -16.313 -8.850  -2.232  1.00 24.52 ? 48  PHE A CE2 1 
ATOM   392  C  CZ  . PHE A 1 48  ? -15.322 -8.564  -3.145  1.00 25.83 ? 48  PHE A CZ  1 
ATOM   393  N  N   . ALA A 1 49  ? -14.558 -6.725  3.950   1.00 21.57 ? 49  ALA A N   1 
ATOM   394  C  CA  . ALA A 1 49  ? -14.194 -5.897  5.098   1.00 23.77 ? 49  ALA A CA  1 
ATOM   395  C  C   . ALA A 1 49  ? -12.916 -6.412  5.760   1.00 29.00 ? 49  ALA A C   1 
ATOM   396  O  O   . ALA A 1 49  ? -11.983 -5.638  6.018   1.00 23.66 ? 49  ALA A O   1 
ATOM   397  C  CB  . ALA A 1 49  ? -15.347 -5.852  6.095   1.00 20.76 ? 49  ALA A CB  1 
ATOM   398  N  N   . LYS A 1 50  ? -12.848 -7.727  6.006   1.00 24.06 ? 50  LYS A N   1 
ATOM   399  C  CA  . LYS A 1 50  ? -11.655 -8.355  6.590   1.00 29.95 ? 50  LYS A CA  1 
ATOM   400  C  C   . LYS A 1 50  ? -10.436 -8.145  5.707   1.00 25.11 ? 50  LYS A C   1 
ATOM   401  O  O   . LYS A 1 50  ? -9.359  -7.784  6.189   1.00 25.48 ? 50  LYS A O   1 
ATOM   402  C  CB  . LYS A 1 50  ? -11.895 -9.861  6.789   1.00 25.65 ? 50  LYS A CB  1 
ATOM   403  C  CG  . LYS A 1 50  ? -10.842 -10.618 7.641   1.00 27.64 ? 50  LYS A CG  1 
ATOM   404  C  CD  . LYS A 1 50  ? -11.217 -12.122 7.704   1.00 38.99 ? 50  LYS A CD  1 
ATOM   405  C  CE  . LYS A 1 50  ? -10.161 -12.981 8.422   1.00 50.81 ? 50  LYS A CE  1 
ATOM   406  N  NZ  . LYS A 1 50  ? -8.935  -13.292 7.623   1.00 53.83 ? 50  LYS A NZ  1 
ATOM   407  N  N   . PHE A 1 51  ? -10.591 -8.391  4.402   1.00 22.78 ? 51  PHE A N   1 
ATOM   408  C  CA  . PHE A 1 51  ? -9.485  -8.217  3.472   1.00 25.37 ? 51  PHE A CA  1 
ATOM   409  C  C   . PHE A 1 51  ? -8.915  -6.802  3.530   1.00 25.78 ? 51  PHE A C   1 
ATOM   410  O  O   . PHE A 1 51  ? -7.689  -6.616  3.532   1.00 23.54 ? 51  PHE A O   1 
ATOM   411  C  CB  . PHE A 1 51  ? -9.940  -8.546  2.049   1.00 22.44 ? 51  PHE A CB  1 
ATOM   412  C  CG  . PHE A 1 51  ? -8.867  -8.353  1.020   1.00 25.11 ? 51  PHE A CG  1 
ATOM   413  C  CD1 . PHE A 1 51  ? -7.878  -9.317  0.831   1.00 28.37 ? 51  PHE A CD1 1 
ATOM   414  C  CD2 . PHE A 1 51  ? -8.827  -7.198  0.245   1.00 27.62 ? 51  PHE A CD2 1 
ATOM   415  C  CE1 . PHE A 1 51  ? -6.882  -9.133  -0.127  1.00 29.53 ? 51  PHE A CE1 1 
ATOM   416  C  CE2 . PHE A 1 51  ? -7.834  -7.005  -0.708  1.00 27.89 ? 51  PHE A CE2 1 
ATOM   417  C  CZ  . PHE A 1 51  ? -6.866  -7.972  -0.899  1.00 27.02 ? 51  PHE A CZ  1 
ATOM   418  N  N   . PHE A 1 52  ? -9.779  -5.786  3.562   1.00 23.53 ? 52  PHE A N   1 
ATOM   419  C  CA  . PHE A 1 52  ? -9.250  -4.426  3.536   1.00 22.32 ? 52  PHE A CA  1 
ATOM   420  C  C   . PHE A 1 52  ? -8.783  -3.954  4.911   1.00 21.98 ? 52  PHE A C   1 
ATOM   421  O  O   . PHE A 1 52  ? -7.878  -3.111  4.984   1.00 22.42 ? 52  PHE A O   1 
ATOM   422  C  CB  . PHE A 1 52  ? -10.295 -3.468  2.941   1.00 22.02 ? 52  PHE A CB  1 
ATOM   423  C  CG  . PHE A 1 52  ? -10.470 -3.631  1.451   1.00 23.96 ? 52  PHE A CG  1 
ATOM   424  C  CD1 . PHE A 1 52  ? -9.403  -3.410  0.589   1.00 25.20 ? 52  PHE A CD1 1 
ATOM   425  C  CD2 . PHE A 1 52  ? -11.689 -4.025  0.916   1.00 24.42 ? 52  PHE A CD2 1 
ATOM   426  C  CE1 . PHE A 1 52  ? -9.543  -3.565  -0.781  1.00 30.95 ? 52  PHE A CE1 1 
ATOM   427  C  CE2 . PHE A 1 52  ? -11.839 -4.188  -0.461  1.00 28.46 ? 52  PHE A CE2 1 
ATOM   428  C  CZ  . PHE A 1 52  ? -10.757 -3.964  -1.308  1.00 28.36 ? 52  PHE A CZ  1 
ATOM   429  N  N   . LYS A 1 53  ? -9.353  -4.470  6.008   1.00 25.27 ? 53  LYS A N   1 
ATOM   430  C  CA  . LYS A 1 53  ? -8.758  -4.203  7.325   1.00 22.43 ? 53  LYS A CA  1 
ATOM   431  C  C   . LYS A 1 53  ? -7.331  -4.727  7.388   1.00 24.01 ? 53  LYS A C   1 
ATOM   432  O  O   . LYS A 1 53  ? -6.423  -4.034  7.874   1.00 26.37 ? 53  LYS A O   1 
ATOM   433  C  CB  . LYS A 1 53  ? -9.569  -4.831  8.474   1.00 23.88 ? 53  LYS A CB  1 
ATOM   434  C  CG  . LYS A 1 53  ? -10.918 -4.232  8.773   1.00 41.42 ? 53  LYS A CG  1 
ATOM   435  C  CD  . LYS A 1 53  ? -11.594 -4.935  9.946   1.00 43.02 ? 53  LYS A CD  1 
ATOM   436  C  CE  . LYS A 1 53  ? -12.986 -4.394  10.206  1.00 45.91 ? 53  LYS A CE  1 
ATOM   437  N  NZ  . LYS A 1 53  ? -13.668 -5.134  11.306  1.00 38.98 ? 53  LYS A NZ  1 
ATOM   438  N  N   . GLU A 1 54  ? -7.114  -5.969  6.935   1.00 22.35 ? 54  GLU A N   1 
ATOM   439  C  CA  . GLU A 1 54  ? -5.761  -6.518  6.974   1.00 25.31 ? 54  GLU A CA  1 
ATOM   440  C  C   . GLU A 1 54  ? -4.826  -5.740  6.057   1.00 25.33 ? 54  GLU A C   1 
ATOM   441  O  O   . GLU A 1 54  ? -3.669  -5.482  6.413   1.00 24.93 ? 54  GLU A O   1 
ATOM   442  C  CB  . GLU A 1 54  ? -5.782  -8.005  6.616   1.00 26.39 ? 54  GLU A CB  1 
ATOM   443  C  CG  . GLU A 1 54  ? -6.557  -8.816  7.665   1.00 34.88 ? 54  GLU A CG  1 
ATOM   444  C  CD  . GLU A 1 54  ? -6.839  -10.266 7.266   1.00 48.49 ? 54  GLU A CD  1 
ATOM   445  O  OE1 . GLU A 1 54  ? -7.226  -11.043 8.172   1.00 39.70 ? 54  GLU A OE1 1 
ATOM   446  O  OE2 . GLU A 1 54  ? -6.699  -10.624 6.069   1.00 48.18 ? 54  GLU A OE2 1 
ATOM   447  N  N   . SER A 1 55  ? -5.307  -5.342  4.884   1.00 22.12 ? 55  SER A N   1 
ATOM   448  C  CA  . SER A 1 55  ? -4.478  -4.532  3.993   1.00 25.54 ? 55  SER A CA  1 
ATOM   449  C  C   . SER A 1 55  ? -4.133  -3.195  4.635   1.00 22.24 ? 55  SER A C   1 
ATOM   450  O  O   . SER A 1 55  ? -3.012  -2.689  4.478   1.00 24.89 ? 55  SER A O   1 
ATOM   451  C  CB  . SER A 1 55  ? -5.200  -4.311  2.663   1.00 25.05 ? 55  SER A CB  1 
ATOM   452  O  OG  . SER A 1 55  ? -5.518  -5.552  2.075   1.00 30.41 ? 55  SER A OG  1 
ATOM   453  N  N   . SER A 1 56  ? -5.081  -2.602  5.367   1.00 22.84 ? 56  SER A N   1 
ATOM   454  C  CA  . SER A 1 56  ? -4.799  -1.322  6.010   1.00 23.83 ? 56  SER A CA  1 
ATOM   455  C  C   . SER A 1 56  ? -3.723  -1.474  7.074   1.00 26.46 ? 56  SER A C   1 
ATOM   456  O  O   . SER A 1 56  ? -2.829  -0.627  7.191   1.00 24.15 ? 56  SER A O   1 
ATOM   457  C  CB  . SER A 1 56  ? -6.078  -0.742  6.616   1.00 23.05 ? 56  SER A CB  1 
ATOM   458  O  OG  . SER A 1 56  ? -5.821  0.406   7.405   1.00 23.30 ? 56  SER A OG  1 
ATOM   459  N  N   . ASP A 1 57  ? -3.797  -2.553  7.859   1.00 23.39 ? 57  ASP A N   1 
ATOM   460  C  CA  . ASP A 1 57  ? -2.757  -2.844  8.842   1.00 22.24 ? 57  ASP A CA  1 
ATOM   461  C  C   . ASP A 1 57  ? -1.403  -3.018  8.170   1.00 23.77 ? 57  ASP A C   1 
ATOM   462  O  O   . ASP A 1 57  ? -0.389  -2.489  8.646   1.00 25.65 ? 57  ASP A O   1 
ATOM   463  C  CB  . ASP A 1 57  ? -3.140  -4.115  9.621   1.00 22.68 ? 57  ASP A CB  1 
ATOM   464  C  CG  . ASP A 1 57  ? -4.305  -3.898  10.566  1.00 33.59 ? 57  ASP A CG  1 
ATOM   465  O  OD1 . ASP A 1 57  ? -4.677  -2.725  10.840  1.00 29.62 ? 57  ASP A OD1 1 
ATOM   466  O  OD2 . ASP A 1 57  ? -4.876  -4.918  11.021  1.00 33.00 ? 57  ASP A OD2 1 
ATOM   467  N  N   . GLU A 1 58  ? -1.363  -3.748  7.055   1.00 25.16 ? 58  GLU A N   1 
ATOM   468  C  CA  . GLU A 1 58  ? -0.098  -3.965  6.357   1.00 25.84 ? 58  GLU A CA  1 
ATOM   469  C  C   . GLU A 1 58  ? 0.521   -2.648  5.906   1.00 25.85 ? 58  GLU A C   1 
ATOM   470  O  O   . GLU A 1 58  ? 1.729   -2.435  6.066   1.00 25.59 ? 58  GLU A O   1 
ATOM   471  C  CB  . GLU A 1 58  ? -0.317  -4.881  5.153   1.00 24.73 ? 58  GLU A CB  1 
ATOM   472  C  CG  . GLU A 1 58  ? -0.538  -6.322  5.537   1.00 30.16 ? 58  GLU A CG  1 
ATOM   473  C  CD  . GLU A 1 58  ? -0.921  -7.177  4.332   1.00 39.94 ? 58  GLU A CD  1 
ATOM   474  O  OE1 . GLU A 1 58  ? -1.043  -8.402  4.503   1.00 50.77 ? 58  GLU A OE1 1 
ATOM   475  O  OE2 . GLU A 1 58  ? -1.115  -6.621  3.222   1.00 41.12 ? 58  GLU A OE2 1 
ATOM   476  N  N   . GLU A 1 59  ? -0.294  -1.754  5.333   1.00 25.27 ? 59  GLU A N   1 
ATOM   477  C  CA  . GLU A 1 59  ? 0.243   -0.498  4.819   1.00 24.01 ? 59  GLU A CA  1 
ATOM   478  C  C   . GLU A 1 59  ? 0.809   0.371   5.937   1.00 23.20 ? 59  GLU A C   1 
ATOM   479  O  O   . GLU A 1 59  ? 1.817   1.063   5.743   1.00 23.96 ? 59  GLU A O   1 
ATOM   480  C  CB  . GLU A 1 59  ? -0.836  0.247   4.040   1.00 22.49 ? 59  GLU A CB  1 
ATOM   481  C  CG  . GLU A 1 59  ? -1.251  -0.451  2.736   1.00 23.22 ? 59  GLU A CG  1 
ATOM   482  C  CD  . GLU A 1 59  ? -0.084  -0.762  1.806   1.00 31.94 ? 59  GLU A CD  1 
ATOM   483  O  OE1 . GLU A 1 59  ? 0.931   -0.045  1.847   1.00 32.73 ? 59  GLU A OE1 1 
ATOM   484  O  OE2 . GLU A 1 59  ? -0.176  -1.728  1.015   1.00 34.06 ? 59  GLU A OE2 1 
ATOM   485  N  N   . ARG A 1 60  ? 0.168   0.376   7.110   1.00 22.47 ? 60  ARG A N   1 
ATOM   486  C  CA  . ARG A 1 60  ? 0.754   1.107   8.228   1.00 21.16 ? 60  ARG A CA  1 
ATOM   487  C  C   . ARG A 1 60  ? 2.073   0.480   8.636   1.00 28.00 ? 60  ARG A C   1 
ATOM   488  O  O   . ARG A 1 60  ? 3.029   1.183   8.986   1.00 26.67 ? 60  ARG A O   1 
ATOM   489  C  CB  . ARG A 1 60  ? -0.208  1.134   9.410   1.00 25.07 ? 60  ARG A CB  1 
ATOM   490  C  CG  . ARG A 1 60  ? 0.343   1.846   10.632  1.00 31.95 ? 60  ARG A CG  1 
ATOM   491  C  CD  . ARG A 1 60  ? -0.707  1.954   11.717  1.00 27.89 ? 60  ARG A CD  1 
ATOM   492  N  NE  . ARG A 1 60  ? -1.129  0.622   12.135  1.00 35.06 ? 60  ARG A NE  1 
ATOM   493  C  CZ  . ARG A 1 60  ? -2.254  0.027   11.741  1.00 38.81 ? 60  ARG A CZ  1 
ATOM   494  N  NH1 . ARG A 1 60  ? -3.105  0.659   10.929  1.00 34.49 ? 60  ARG A NH1 1 
ATOM   495  N  NH2 . ARG A 1 60  ? -2.528  -1.206  12.157  1.00 37.97 ? 60  ARG A NH2 1 
ATOM   496  N  N   . GLU A 1 61  ? 2.151   -0.852  8.588   1.00 25.96 ? 61  GLU A N   1 
ATOM   497  C  CA  . GLU A 1 61  ? 3.413   -1.508  8.904   1.00 23.78 ? 61  GLU A CA  1 
ATOM   498  C  C   . GLU A 1 61  ? 4.480   -1.147  7.880   1.00 25.46 ? 61  GLU A C   1 
ATOM   499  O  O   . GLU A 1 61  ? 5.647   -0.968  8.244   1.00 25.64 ? 61  GLU A O   1 
ATOM   500  C  CB  . GLU A 1 61  ? 3.187   -3.019  8.992   1.00 28.94 ? 61  GLU A CB  1 
ATOM   501  C  CG  . GLU A 1 61  ? 2.717   -3.417  10.389  1.00 40.14 ? 61  GLU A CG  1 
ATOM   502  C  CD  . GLU A 1 61  ? 1.898   -4.716  10.409  1.00 57.57 ? 61  GLU A CD  1 
ATOM   503  O  OE1 . GLU A 1 61  ? 0.995   -4.834  11.274  1.00 56.42 ? 61  GLU A OE1 1 
ATOM   504  O  OE2 . GLU A 1 61  ? 2.130   -5.600  9.545   1.00 57.54 ? 61  GLU A OE2 1 
ATOM   505  N  N   . HIS A 1 62  ? 4.097   -0.991  6.601   1.00 25.59 ? 62  HIS A N   1 
ATOM   506  C  CA  . HIS A 1 62  ? 5.055   -0.535  5.589   1.00 25.28 ? 62  HIS A CA  1 
ATOM   507  C  C   . HIS A 1 62  ? 5.597   0.846   5.932   1.00 21.39 ? 62  HIS A C   1 
ATOM   508  O  O   . HIS A 1 62  ? 6.797   1.105   5.785   1.00 25.20 ? 62  HIS A O   1 
ATOM   509  C  CB  . HIS A 1 62  ? 4.407   -0.478  4.204   1.00 28.04 ? 62  HIS A CB  1 
ATOM   510  C  CG  . HIS A 1 62  ? 3.961   -1.804  3.684   1.00 30.59 ? 62  HIS A CG  1 
ATOM   511  N  ND1 . HIS A 1 62  ? 3.226   -1.933  2.527   1.00 31.69 ? 62  HIS A ND1 1 
ATOM   512  C  CD2 . HIS A 1 62  ? 4.134   -3.059  4.167   1.00 27.88 ? 62  HIS A CD2 1 
ATOM   513  C  CE1 . HIS A 1 62  ? 2.955   -3.210  2.321   1.00 39.67 ? 62  HIS A CE1 1 
ATOM   514  N  NE2 . HIS A 1 62  ? 3.494   -3.914  3.303   1.00 32.74 ? 62  HIS A NE2 1 
ATOM   515  N  N   . ALA A 1 63  ? 4.717   1.750   6.375   1.00 26.23 ? 63  ALA A N   1 
ATOM   516  C  CA  . ALA A 1 63  ? 5.141   3.093   6.759   1.00 26.96 ? 63  ALA A CA  1 
ATOM   517  C  C   . ALA A 1 63  ? 6.080   3.052   7.950   1.00 31.39 ? 63  ALA A C   1 
ATOM   518  O  O   . ALA A 1 63  ? 7.095   3.766   7.978   1.00 23.43 ? 63  ALA A O   1 
ATOM   519  C  CB  . ALA A 1 63  ? 3.921   3.960   7.090   1.00 21.46 ? 63  ALA A CB  1 
ATOM   520  N  N   . GLN A 1 64  ? 5.754   2.231   8.952   1.00 23.64 ? 64  GLN A N   1 
ATOM   521  C  CA  . GLN A 1 64  ? 6.585   2.170   10.147  1.00 21.53 ? 64  GLN A CA  1 
ATOM   522  C  C   . GLN A 1 64  ? 7.960   1.595   9.839   1.00 25.68 ? 64  GLN A C   1 
ATOM   523  O  O   . GLN A 1 64  ? 8.961   2.010   10.433  1.00 23.18 ? 64  GLN A O   1 
ATOM   524  C  CB  . GLN A 1 64  ? 5.872   1.341   11.221  1.00 23.29 ? 64  GLN A CB  1 
ATOM   525  C  CG  . GLN A 1 64  ? 4.796   2.120   11.988  1.00 25.86 ? 64  GLN A CG  1 
ATOM   526  C  CD  . GLN A 1 64  ? 3.722   1.217   12.601  1.00 33.12 ? 64  GLN A CD  1 
ATOM   527  O  OE1 . GLN A 1 64  ? 3.784   0.006   12.490  1.00 37.59 ? 64  GLN A OE1 1 
ATOM   528  N  NE2 . GLN A 1 64  ? 2.747   1.818   13.261  1.00 37.85 ? 64  GLN A NE2 1 
ATOM   529  N  N   . THR A 1 65  ? 8.036   0.642   8.911   1.00 24.08 ? 65  THR A N   1 
ATOM   530  C  CA  . THR A 1 65  ? 9.334   0.096   8.544   1.00 24.39 ? 65  THR A CA  1 
ATOM   531  C  C   . THR A 1 65  ? 10.207  1.145   7.857   1.00 23.04 ? 65  THR A C   1 
ATOM   532  O  O   . THR A 1 65  ? 11.426  1.175   8.077   1.00 23.55 ? 65  THR A O   1 
ATOM   533  C  CB  . THR A 1 65  ? 9.136   -1.154  7.679   1.00 24.23 ? 65  THR A CB  1 
ATOM   534  O  OG1 . THR A 1 65  ? 8.519   -2.177  8.487   1.00 23.83 ? 65  THR A OG1 1 
ATOM   535  C  CG2 . THR A 1 65  ? 10.459  -1.662  7.108   1.00 25.13 ? 65  THR A CG2 1 
ATOM   536  N  N   . PHE A 1 66  ? 9.613   2.018   7.040   1.00 22.27 ? 66  PHE A N   1 
ATOM   537  C  CA  . PHE A 1 66  ? 10.381  3.123   6.454   1.00 21.90 ? 66  PHE A CA  1 
ATOM   538  C  C   . PHE A 1 66  ? 10.807  4.125   7.524   1.00 22.92 ? 66  PHE A C   1 
ATOM   539  O  O   . PHE A 1 66  ? 11.898  4.712   7.449   1.00 22.29 ? 66  PHE A O   1 
ATOM   540  C  CB  . PHE A 1 66  ? 9.550   3.847   5.396   1.00 19.55 ? 66  PHE A CB  1 
ATOM   541  C  CG  . PHE A 1 66  ? 9.658   3.270   4.010   1.00 25.50 ? 66  PHE A CG  1 
ATOM   542  C  CD1 . PHE A 1 66  ? 10.896  3.073   3.404   1.00 21.56 ? 66  PHE A CD1 1 
ATOM   543  C  CD2 . PHE A 1 66  ? 8.504   2.945   3.308   1.00 21.96 ? 66  PHE A CD2 1 
ATOM   544  C  CE1 . PHE A 1 66  ? 10.976  2.530   2.109   1.00 23.25 ? 66  PHE A CE1 1 
ATOM   545  C  CE2 . PHE A 1 66  ? 8.562   2.409   2.020   1.00 24.80 ? 66  PHE A CE2 1 
ATOM   546  C  CZ  . PHE A 1 66  ? 9.799   2.197   1.422   1.00 26.56 ? 66  PHE A CZ  1 
ATOM   547  N  N   . MET A 1 67  ? 9.951   4.342   8.522   1.00 21.55 ? 67  MET A N   1 
ATOM   548  C  CA  . MET A 1 67  ? 10.282  5.286   9.581   1.00 22.50 ? 67  MET A CA  1 
ATOM   549  C  C   . MET A 1 67  ? 11.449  4.742   10.384  1.00 29.72 ? 67  MET A C   1 
ATOM   550  O  O   . MET A 1 67  ? 12.392  5.470   10.728  1.00 22.41 ? 67  MET A O   1 
ATOM   551  C  CB  . MET A 1 67  ? 9.073   5.473   10.498  1.00 21.13 ? 67  MET A CB  1 
ATOM   552  C  CG  . MET A 1 67  ? 8.037   6.394   9.869   1.00 20.71 ? 67  MET A CG  1 
ATOM   553  S  SD  . MET A 1 67  ? 6.422   6.420   10.664  1.00 25.32 ? 67  MET A SD  1 
ATOM   554  C  CE  . MET A 1 67  ? 6.836   7.184   12.225  1.00 25.15 ? 67  MET A CE  1 
ATOM   555  N  N   . LYS A 1 68  ? 11.397  3.447   10.694  1.00 22.92 ? 68  LYS A N   1 
ATOM   556  C  CA  . LYS A 1 68  ? 12.537  2.801   11.329  1.00 25.15 ? 68  LYS A CA  1 
ATOM   557  C  C   . LYS A 1 68  ? 13.780  2.913   10.462  1.00 24.21 ? 68  LYS A C   1 
ATOM   558  O  O   . LYS A 1 68  ? 14.889  3.135   10.972  1.00 25.18 ? 68  LYS A O   1 
ATOM   559  C  CB  . LYS A 1 68  ? 12.211  1.330   11.598  1.00 24.95 ? 68  LYS A CB  1 
ATOM   560  C  CG  . LYS A 1 68  ? 13.325  0.595   12.318  1.00 36.20 ? 68  LYS A CG  1 
ATOM   561  C  CD  . LYS A 1 68  ? 12.862  -0.748  12.860  1.00 43.58 ? 68  LYS A CD  1 
ATOM   562  C  CE  . LYS A 1 68  ? 14.014  -1.446  13.574  1.00 49.14 ? 68  LYS A CE  1 
ATOM   563  N  NZ  . LYS A 1 68  ? 14.008  -1.123  15.024  1.00 54.07 ? 68  LYS A NZ  1 
ATOM   564  N  N   . TYR A 1 69  ? 13.622  2.713   9.149   1.00 21.10 ? 69  TYR A N   1 
ATOM   565  C  CA  . TYR A 1 69  ? 14.773  2.766   8.258   1.00 23.12 ? 69  TYR A CA  1 
ATOM   566  C  C   . TYR A 1 69  ? 15.394  4.158   8.248   1.00 24.70 ? 69  TYR A C   1 
ATOM   567  O  O   . TYR A 1 69  ? 16.626  4.305   8.249   1.00 27.68 ? 69  TYR A O   1 
ATOM   568  C  CB  . TYR A 1 69  ? 14.367  2.356   6.841   1.00 23.36 ? 69  TYR A CB  1 
ATOM   569  C  CG  . TYR A 1 69  ? 15.556  2.260   5.922   1.00 22.49 ? 69  TYR A CG  1 
ATOM   570  C  CD1 . TYR A 1 69  ? 16.269  1.070   5.804   1.00 25.64 ? 69  TYR A CD1 1 
ATOM   571  C  CD2 . TYR A 1 69  ? 15.979  3.362   5.180   1.00 22.19 ? 69  TYR A CD2 1 
ATOM   572  C  CE1 . TYR A 1 69  ? 17.354  0.974   4.978   1.00 26.09 ? 69  TYR A CE1 1 
ATOM   573  C  CE2 . TYR A 1 69  ? 17.073  3.279   4.340   1.00 24.60 ? 69  TYR A CE2 1 
ATOM   574  C  CZ  . TYR A 1 69  ? 17.765  2.086   4.245   1.00 26.59 ? 69  TYR A CZ  1 
ATOM   575  O  OH  . TYR A 1 69  ? 18.881  1.988   3.442   1.00 22.31 ? 69  TYR A OH  1 
ATOM   576  N  N   . GLN A 1 70  ? 14.553  5.184   8.227   1.00 20.74 ? 70  GLN A N   1 
ATOM   577  C  CA  . GLN A 1 70  ? 15.049  6.560   8.237   1.00 24.68 ? 70  GLN A CA  1 
ATOM   578  C  C   . GLN A 1 70  ? 15.953  6.791   9.446   1.00 26.33 ? 70  GLN A C   1 
ATOM   579  O  O   . GLN A 1 70  ? 17.069  7.310   9.317   1.00 22.02 ? 70  GLN A O   1 
ATOM   580  C  CB  . GLN A 1 70  ? 13.848  7.519   8.229   1.00 24.44 ? 70  GLN A CB  1 
ATOM   581  C  CG  . GLN A 1 70  ? 14.166  9.021   8.065   1.00 29.20 ? 70  GLN A CG  1 
ATOM   582  C  CD  . GLN A 1 70  ? 14.518  9.356   6.636   1.00 25.52 ? 70  GLN A CD  1 
ATOM   583  O  OE1 . GLN A 1 70  ? 15.613  9.016   6.182   1.00 26.11 ? 70  GLN A OE1 1 
ATOM   584  N  NE2 . GLN A 1 70  ? 13.585  9.998   5.903   1.00 23.23 ? 70  GLN A NE2 1 
ATOM   585  N  N   . ASN A 1 71  ? 15.495  6.369   10.631  1.00 22.98 ? 71  ASN A N   1 
ATOM   586  C  CA  . ASN A 1 71  ? 16.301  6.498   11.841  1.00 25.28 ? 71  ASN A CA  1 
ATOM   587  C  C   . ASN A 1 71  ? 17.561  5.658   11.760  1.00 25.77 ? 71  ASN A C   1 
ATOM   588  O  O   . ASN A 1 71  ? 18.627  6.071   12.236  1.00 24.45 ? 71  ASN A O   1 
ATOM   589  C  CB  . ASN A 1 71  ? 15.485  6.084   13.068  1.00 21.48 ? 71  ASN A CB  1 
ATOM   590  C  CG  . ASN A 1 71  ? 14.583  7.188   13.562  1.00 32.21 ? 71  ASN A CG  1 
ATOM   591  O  OD1 . ASN A 1 71  ? 14.796  8.368   13.254  1.00 26.63 ? 71  ASN A OD1 1 
ATOM   592  N  ND2 . ASN A 1 71  ? 13.571  6.822   14.343  1.00 25.88 ? 71  ASN A ND2 1 
ATOM   593  N  N   . LYS A 1 72  ? 17.447  4.461   11.191  1.00 21.64 ? 72  LYS A N   1 
ATOM   594  C  CA  . LYS A 1 72  ? 18.569  3.539   11.125  1.00 24.79 ? 72  LYS A CA  1 
ATOM   595  C  C   . LYS A 1 72  ? 19.736  4.163   10.363  1.00 27.11 ? 72  LYS A C   1 
ATOM   596  O  O   . LYS A 1 72  ? 20.906  3.965   10.715  1.00 24.17 ? 72  LYS A O   1 
ATOM   597  C  CB  . LYS A 1 72  ? 18.077  2.262   10.439  1.00 28.95 ? 72  LYS A CB  1 
ATOM   598  C  CG  . LYS A 1 72  ? 18.945  1.044   10.471  1.00 41.47 ? 72  LYS A CG  1 
ATOM   599  C  CD  . LYS A 1 72  ? 18.248  -0.067  9.635   1.00 39.57 ? 72  LYS A CD  1 
ATOM   600  C  CE  . LYS A 1 72  ? 17.086  -0.796  10.321  1.00 45.65 ? 72  LYS A CE  1 
ATOM   601  N  NZ  . LYS A 1 72  ? 17.520  -1.671  11.436  1.00 44.60 ? 72  LYS A NZ  1 
ATOM   602  N  N   . ARG A 1 73  ? 19.432  4.915   9.308   1.00 23.88 ? 73  ARG A N   1 
ATOM   603  C  CA  . ARG A 1 73  ? 20.439  5.543   8.459   1.00 24.13 ? 73  ARG A CA  1 
ATOM   604  C  C   . ARG A 1 73  ? 20.848  6.941   8.937   1.00 26.67 ? 73  ARG A C   1 
ATOM   605  O  O   . ARG A 1 73  ? 21.768  7.536   8.362   1.00 27.37 ? 73  ARG A O   1 
ATOM   606  C  CB  . ARG A 1 73  ? 19.935  5.630   7.009   1.00 24.29 ? 73  ARG A CB  1 
ATOM   607  C  CG  . ARG A 1 73  ? 19.766  4.307   6.282   1.00 27.20 ? 73  ARG A CG  1 
ATOM   608  C  CD  . ARG A 1 73  ? 21.072  3.501   6.153   1.00 27.23 ? 73  ARG A CD  1 
ATOM   609  N  NE  . ARG A 1 73  ? 22.094  4.224   5.391   1.00 26.99 ? 73  ARG A NE  1 
ATOM   610  C  CZ  . ARG A 1 73  ? 22.142  4.273   4.059   1.00 31.54 ? 73  ARG A CZ  1 
ATOM   611  N  NH1 . ARG A 1 73  ? 21.219  3.645   3.332   1.00 28.03 ? 73  ARG A NH1 1 
ATOM   612  N  NH2 . ARG A 1 73  ? 23.099  4.970   3.444   1.00 27.08 ? 73  ARG A NH2 1 
ATOM   613  N  N   . GLY A 1 74  ? 20.215  7.471   9.974   1.00 24.58 ? 74  GLY A N   1 
ATOM   614  C  CA  . GLY A 1 74  ? 20.530  8.803   10.450  1.00 27.30 ? 74  GLY A CA  1 
ATOM   615  C  C   . GLY A 1 74  ? 19.744  9.916   9.792   1.00 31.79 ? 74  GLY A C   1 
ATOM   616  O  O   . GLY A 1 74  ? 20.022  11.091  10.067  1.00 27.83 ? 74  GLY A O   1 
ATOM   617  N  N   . GLY A 1 75  ? 18.785  9.591   8.928   1.00 24.81 ? 75  GLY A N   1 
ATOM   618  C  CA  . GLY A 1 75  ? 17.886  10.594  8.400   1.00 24.15 ? 75  GLY A CA  1 
ATOM   619  C  C   . GLY A 1 75  ? 16.868  11.003  9.443   1.00 29.95 ? 75  GLY A C   1 
ATOM   620  O  O   . GLY A 1 75  ? 16.790  10.445  10.536  1.00 24.42 ? 75  GLY A O   1 
ATOM   621  N  N   . ARG A 1 76  ? 16.057  12.004  9.105   1.00 24.35 ? 76  ARG A N   1 
ATOM   622  C  CA  . ARG A 1 76  ? 15.101  12.552  10.057  1.00 26.69 ? 76  ARG A CA  1 
ATOM   623  C  C   . ARG A 1 76  ? 13.693  12.481  9.487   1.00 27.82 ? 76  ARG A C   1 
ATOM   624  O  O   . ARG A 1 76  ? 13.439  12.973  8.383   1.00 23.75 ? 76  ARG A O   1 
ATOM   625  C  CB  . ARG A 1 76  ? 15.475  13.984  10.453  1.00 31.48 ? 76  ARG A CB  1 
ATOM   626  C  CG  . ARG A 1 76  ? 16.759  14.035  11.296  1.00 29.24 ? 76  ARG A CG  1 
ATOM   627  C  CD  . ARG A 1 76  ? 16.536  13.308  12.640  1.00 30.74 ? 76  ARG A CD  1 
ATOM   628  N  NE  . ARG A 1 76  ? 17.769  13.121  13.414  1.00 36.65 ? 76  ARG A NE  1 
ATOM   629  C  CZ  . ARG A 1 76  ? 18.375  11.946  13.590  1.00 35.83 ? 76  ARG A CZ  1 
ATOM   630  N  NH1 . ARG A 1 76  ? 17.865  10.831  13.054  1.00 33.17 ? 76  ARG A NH1 1 
ATOM   631  N  NH2 . ARG A 1 76  ? 19.484  11.870  14.314  1.00 31.39 ? 76  ARG A NH2 1 
ATOM   632  N  N   . ILE A 1 77  ? 12.790  11.850  10.248  1.00 25.07 ? 77  ILE A N   1 
ATOM   633  C  CA  . ILE A 1 77  ? 11.407  11.672  9.822   1.00 25.54 ? 77  ILE A CA  1 
ATOM   634  C  C   . ILE A 1 77  ? 10.690  13.010  9.806   1.00 27.45 ? 77  ILE A C   1 
ATOM   635  O  O   . ILE A 1 77  ? 10.661  13.732  10.813  1.00 25.86 ? 77  ILE A O   1 
ATOM   636  C  CB  . ILE A 1 77  ? 10.670  10.676  10.741  1.00 26.09 ? 77  ILE A CB  1 
ATOM   637  C  CG1 . ILE A 1 77  ? 11.351  9.309   10.726  1.00 24.69 ? 77  ILE A CG1 1 
ATOM   638  C  CG2 . ILE A 1 77  ? 9.189   10.555  10.380  1.00 24.09 ? 77  ILE A CG2 1 
ATOM   639  C  CD1 . ILE A 1 77  ? 11.049  8.477   11.969  1.00 24.11 ? 77  ILE A CD1 1 
ATOM   640  N  N   . VAL A 1 78  ? 10.072  13.324  8.671   1.00 27.57 ? 78  VAL A N   1 
ATOM   641  C  CA  . VAL A 1 78  ? 9.188   14.479  8.535   1.00 27.47 ? 78  VAL A CA  1 
ATOM   642  C  C   . VAL A 1 78  ? 7.816   13.968  8.132   1.00 26.87 ? 78  VAL A C   1 
ATOM   643  O  O   . VAL A 1 78  ? 7.650   13.429  7.027   1.00 25.82 ? 78  VAL A O   1 
ATOM   644  C  CB  . VAL A 1 78  ? 9.721   15.487  7.512   1.00 29.98 ? 78  VAL A CB  1 
ATOM   645  C  CG1 . VAL A 1 78  ? 8.836   16.702  7.480   1.00 28.95 ? 78  VAL A CG1 1 
ATOM   646  C  CG2 . VAL A 1 78  ? 11.124  15.874  7.878   1.00 30.24 ? 78  VAL A CG2 1 
ATOM   647  N  N   . LEU A 1 79  ? 6.835   14.123  9.023   1.00 25.82 ? 79  LEU A N   1 
ATOM   648  C  CA  . LEU A 1 79  ? 5.479   13.648  8.780   1.00 24.57 ? 79  LEU A CA  1 
ATOM   649  C  C   . LEU A 1 79  ? 4.603   14.784  8.279   1.00 30.56 ? 79  LEU A C   1 
ATOM   650  O  O   . LEU A 1 79  ? 4.643   15.897  8.809   1.00 30.47 ? 79  LEU A O   1 
ATOM   651  C  CB  . LEU A 1 79  ? 4.862   13.052  10.047  1.00 25.78 ? 79  LEU A CB  1 
ATOM   652  C  CG  . LEU A 1 79  ? 5.581   11.789  10.543  1.00 21.57 ? 79  LEU A CG  1 
ATOM   653  C  CD1 . LEU A 1 79  ? 5.009   11.345  11.891  1.00 27.42 ? 79  LEU A CD1 1 
ATOM   654  C  CD2 . LEU A 1 79  ? 5.479   10.666  9.516   1.00 24.21 ? 79  LEU A CD2 1 
ATOM   655  N  N   . GLN A 1 80  ? 3.806   14.493  7.260   1.00 32.11 ? 80  GLN A N   1 
ATOM   656  C  CA  . GLN A 1 80  ? 2.977   15.489  6.611   1.00 32.38 ? 80  GLN A CA  1 
ATOM   657  C  C   . GLN A 1 80  ? 1.524   15.078  6.787   1.00 32.90 ? 80  GLN A C   1 
ATOM   658  O  O   . GLN A 1 80  ? 1.215   13.981  7.253   1.00 27.72 ? 80  GLN A O   1 
ATOM   659  C  CB  . GLN A 1 80  ? 3.337   15.599  5.129   1.00 30.76 ? 80  GLN A CB  1 
ATOM   660  C  CG  . GLN A 1 80  ? 4.757   16.137  4.916   1.00 34.97 ? 80  GLN A CG  1 
ATOM   661  C  CD  . GLN A 1 80  ? 4.886   17.617  5.237   1.00 52.91 ? 80  GLN A CD  1 
ATOM   662  O  OE1 . GLN A 1 80  ? 3.917   18.378  5.142   1.00 54.58 ? 80  GLN A OE1 1 
ATOM   663  N  NE2 . GLN A 1 80  ? 6.096   18.037  5.613   1.00 48.83 ? 80  GLN A NE2 1 
ATOM   664  N  N   . GLU A 1 81  ? 0.610   15.957  6.411   1.00 23.31 ? 81  GLU A N   1 
ATOM   665  C  CA  . GLU A 1 81  ? -0.785  15.590  6.579   1.00 29.38 ? 81  GLU A CA  1 
ATOM   666  C  C   . GLU A 1 81  ? -1.138  14.404  5.685   1.00 29.21 ? 81  GLU A C   1 
ATOM   667  O  O   . GLU A 1 81  ? -0.550  14.199  4.618   1.00 28.34 ? 81  GLU A O   1 
ATOM   668  C  CB  . GLU A 1 81  ? -1.669  16.795  6.300   1.00 41.58 ? 81  GLU A CB  1 
ATOM   669  C  CG  . GLU A 1 81  ? -1.766  17.162  4.861   1.00 52.31 ? 81  GLU A CG  1 
ATOM   670  C  CD  . GLU A 1 81  ? -2.302  18.563  4.697   1.00 74.16 ? 81  GLU A CD  1 
ATOM   671  O  OE1 . GLU A 1 81  ? -1.589  19.524  5.079   1.00 71.67 ? 81  GLU A OE1 1 
ATOM   672  O  OE2 . GLU A 1 81  ? -3.439  18.691  4.204   1.00 68.25 ? 81  GLU A OE2 1 
ATOM   673  N  N   . ILE A 1 82  ? -2.079  13.586  6.155   1.00 28.53 ? 82  ILE A N   1 
ATOM   674  C  CA  . ILE A 1 82  ? -2.538  12.426  5.405   1.00 26.40 ? 82  ILE A CA  1 
ATOM   675  C  C   . ILE A 1 82  ? -3.846  12.817  4.739   1.00 24.64 ? 82  ILE A C   1 
ATOM   676  O  O   . ILE A 1 82  ? -4.832  13.139  5.417   1.00 24.93 ? 82  ILE A O   1 
ATOM   677  C  CB  . ILE A 1 82  ? -2.709  11.184  6.300   1.00 25.16 ? 82  ILE A CB  1 
ATOM   678  C  CG1 . ILE A 1 82  ? -1.404  10.831  7.010   1.00 24.06 ? 82  ILE A CG1 1 
ATOM   679  C  CG2 . ILE A 1 82  ? -3.191  9.987   5.466   1.00 28.29 ? 82  ILE A CG2 1 
ATOM   680  C  CD1 . ILE A 1 82  ? -1.621  9.910   8.226   1.00 27.34 ? 82  ILE A CD1 1 
ATOM   681  N  N   . ALA A 1 83  ? -3.841  12.821  3.412   1.00 26.14 ? 83  ALA A N   1 
ATOM   682  C  CA  . ALA A 1 83  ? -5.011  13.243  2.657   1.00 32.20 ? 83  ALA A CA  1 
ATOM   683  C  C   . ALA A 1 83  ? -6.209  12.349  2.955   1.00 33.96 ? 83  ALA A C   1 
ATOM   684  O  O   . ALA A 1 83  ? -6.065  11.149  3.214   1.00 27.93 ? 83  ALA A O   1 
ATOM   685  C  CB  . ALA A 1 83  ? -4.706  13.216  1.160   1.00 30.96 ? 83  ALA A CB  1 
ATOM   686  N  N   . ALA A 1 84  ? -7.405  12.950  2.918   1.00 26.34 ? 84  ALA A N   1 
ATOM   687  C  CA  . ALA A 1 84  ? -8.627  12.164  2.962   1.00 25.79 ? 84  ALA A CA  1 
ATOM   688  C  C   . ALA A 1 84  ? -8.631  11.173  1.802   1.00 28.36 ? 84  ALA A C   1 
ATOM   689  O  O   . ALA A 1 84  ? -8.070  11.452  0.737   1.00 30.89 ? 84  ALA A O   1 
ATOM   690  C  CB  . ALA A 1 84  ? -9.848  13.073  2.882   1.00 25.74 ? 84  ALA A CB  1 
ATOM   691  N  N   . PRO A 1 85  ? -9.213  9.991   1.985   1.00 30.01 ? 85  PRO A N   1 
ATOM   692  C  CA  . PRO A 1 85  ? -9.350  9.072   0.852   1.00 27.24 ? 85  PRO A CA  1 
ATOM   693  C  C   . PRO A 1 85  ? -10.147 9.732   -0.260  1.00 34.66 ? 85  PRO A C   1 
ATOM   694  O  O   . PRO A 1 85  ? -11.026 10.564  -0.011  1.00 31.50 ? 85  PRO A O   1 
ATOM   695  C  CB  . PRO A 1 85  ? -10.116 7.880   1.444   1.00 34.04 ? 85  PRO A CB  1 
ATOM   696  C  CG  . PRO A 1 85  ? -9.921  7.988   2.925   1.00 30.17 ? 85  PRO A CG  1 
ATOM   697  C  CD  . PRO A 1 85  ? -9.838  9.459   3.209   1.00 28.51 ? 85  PRO A CD  1 
ATOM   698  N  N   . SER A 1 86  ? -9.852  9.318   -1.498  1.00 36.15 ? 86  SER A N   1 
ATOM   699  C  CA  . SER A 1 86  ? -10.453 9.949   -2.673  1.00 39.81 ? 86  SER A CA  1 
ATOM   700  C  C   . SER A 1 86  ? -11.974 9.806   -2.690  1.00 40.39 ? 86  SER A C   1 
ATOM   701  O  O   . SER A 1 86  ? -12.683 10.734  -3.095  1.00 40.72 ? 86  SER A O   1 
ATOM   702  C  CB  . SER A 1 86  ? -9.841  9.360   -3.946  1.00 43.91 ? 86  SER A CB  1 
ATOM   703  O  OG  . SER A 1 86  ? -9.890  7.941   -3.936  1.00 44.00 ? 86  SER A OG  1 
ATOM   704  N  N   . MET A 1 87  ? -12.490 8.654   -2.263  1.00 34.21 ? 87  MET A N   1 
ATOM   705  C  CA  . MET A 1 87  ? -13.918 8.394   -2.119  1.00 29.86 ? 87  MET A CA  1 
ATOM   706  C  C   . MET A 1 87  ? -14.314 8.216   -0.666  1.00 35.48 ? 87  MET A C   1 
ATOM   707  O  O   . MET A 1 87  ? -13.497 7.900   0.209   1.00 32.22 ? 87  MET A O   1 
ATOM   708  C  CB  . MET A 1 87  ? -14.357 7.130   -2.871  1.00 30.31 ? 87  MET A CB  1 
ATOM   709  C  CG  . MET A 1 87  ? -13.931 6.951   -4.327  1.00 37.39 ? 87  MET A CG  1 
ATOM   710  S  SD  . MET A 1 87  ? -14.421 8.383   -5.316  1.00 46.83 ? 87  MET A SD  1 
ATOM   711  C  CE  . MET A 1 87  ? -16.192 8.219   -5.238  1.00 43.15 ? 87  MET A CE  1 
ATOM   712  N  N   A ARG A 1 88  ? -15.606 8.404   -0.420  0.41 32.13 ? 88  ARG A N   1 
ATOM   713  N  N   B ARG A 1 88  ? -15.609 8.422   -0.428  0.59 32.10 ? 88  ARG A N   1 
ATOM   714  C  CA  A ARG A 1 88  ? -16.194 8.017   0.847   0.41 34.50 ? 88  ARG A CA  1 
ATOM   715  C  CA  B ARG A 1 88  ? -16.230 8.047   0.830   0.59 34.53 ? 88  ARG A CA  1 
ATOM   716  C  C   A ARG A 1 88  ? -17.053 6.764   0.729   0.41 34.26 ? 88  ARG A C   1 
ATOM   717  C  C   B ARG A 1 88  ? -17.014 6.744   0.718   0.59 34.29 ? 88  ARG A C   1 
ATOM   718  O  O   A ARG A 1 88  ? -17.285 6.095   1.742   0.41 32.73 ? 88  ARG A O   1 
ATOM   719  O  O   B ARG A 1 88  ? -17.154 6.026   1.714   0.59 32.79 ? 88  ARG A O   1 
ATOM   720  C  CB  A ARG A 1 88  ? -17.021 9.182   1.416   0.41 31.84 ? 88  ARG A CB  1 
ATOM   721  C  CB  B ARG A 1 88  ? -17.150 9.174   1.324   0.59 31.67 ? 88  ARG A CB  1 
ATOM   722  C  CG  A ARG A 1 88  ? -16.428 9.784   2.693   0.41 37.52 ? 88  ARG A CG  1 
ATOM   723  C  CG  B ARG A 1 88  ? -16.369 10.328  1.966   0.59 31.64 ? 88  ARG A CG  1 
ATOM   724  C  CD  A ARG A 1 88  ? -14.956 10.183  2.531   0.41 31.53 ? 88  ARG A CD  1 
ATOM   725  C  CD  B ARG A 1 88  ? -16.012 9.998   3.415   0.59 28.76 ? 88  ARG A CD  1 
ATOM   726  N  NE  A ARG A 1 88  ? -14.743 11.629  2.511   0.41 26.72 ? 88  ARG A NE  1 
ATOM   727  N  NE  B ARG A 1 88  ? -14.719 9.351   3.393   0.59 31.81 ? 88  ARG A NE  1 
ATOM   728  C  CZ  A ARG A 1 88  ? -14.197 12.317  1.506   0.41 41.06 ? 88  ARG A CZ  1 
ATOM   729  C  CZ  B ARG A 1 88  ? -14.488 8.069   3.666   0.59 39.91 ? 88  ARG A CZ  1 
ATOM   730  N  NH1 A ARG A 1 88  ? -13.780 11.700  0.405   0.41 39.22 ? 88  ARG A NH1 1 
ATOM   731  N  NH1 B ARG A 1 88  ? -15.473 7.244   4.069   0.59 35.10 ? 88  ARG A NH1 1 
ATOM   732  N  NH2 A ARG A 1 88  ? -14.053 13.635  1.609   0.41 42.14 ? 88  ARG A NH2 1 
ATOM   733  N  NH2 B ARG A 1 88  ? -13.252 7.615   3.543   0.59 29.31 ? 88  ARG A NH2 1 
ATOM   734  N  N   . GLU A 1 89  ? -17.502 6.423   -0.484  1.00 32.37 ? 89  GLU A N   1 
ATOM   735  C  CA  . GLU A 1 89  ? -18.280 5.215   -0.777  1.00 31.97 ? 89  GLU A CA  1 
ATOM   736  C  C   . GLU A 1 89  ? -17.616 4.517   -1.946  1.00 33.56 ? 89  GLU A C   1 
ATOM   737  O  O   . GLU A 1 89  ? -17.306 5.167   -2.946  1.00 34.89 ? 89  GLU A O   1 
ATOM   738  C  CB  . GLU A 1 89  ? -19.723 5.534   -1.193  1.00 34.11 ? 89  GLU A CB  1 
ATOM   739  C  CG  . GLU A 1 89  ? -20.425 6.583   -0.373  1.00 45.54 ? 89  GLU A CG  1 
ATOM   740  C  CD  . GLU A 1 89  ? -21.921 6.597   -0.635  1.00 53.76 ? 89  GLU A CD  1 
ATOM   741  O  OE1 . GLU A 1 89  ? -22.316 6.959   -1.761  1.00 55.75 ? 89  GLU A OE1 1 
ATOM   742  O  OE2 . GLU A 1 89  ? -22.699 6.251   0.281   1.00 48.17 ? 89  GLU A OE2 1 
ATOM   743  N  N   . TRP A 1 90  ? -17.435 3.204   -1.863  1.00 27.18 ? 90  TRP A N   1 
ATOM   744  C  CA  . TRP A 1 90  ? -16.546 2.539   -2.801  1.00 27.21 ? 90  TRP A CA  1 
ATOM   745  C  C   . TRP A 1 90  ? -17.264 1.677   -3.826  1.00 29.13 ? 90  TRP A C   1 
ATOM   746  O  O   . TRP A 1 90  ? -16.598 1.037   -4.649  1.00 30.75 ? 90  TRP A O   1 
ATOM   747  C  CB  . TRP A 1 90  ? -15.507 1.709   -2.026  1.00 28.76 ? 90  TRP A CB  1 
ATOM   748  C  CG  . TRP A 1 90  ? -14.651 2.598   -1.180  1.00 25.76 ? 90  TRP A CG  1 
ATOM   749  C  CD1 . TRP A 1 90  ? -14.834 2.905   0.144   1.00 25.91 ? 90  TRP A CD1 1 
ATOM   750  C  CD2 . TRP A 1 90  ? -13.515 3.353   -1.616  1.00 24.22 ? 90  TRP A CD2 1 
ATOM   751  N  NE1 . TRP A 1 90  ? -13.863 3.787   0.557   1.00 25.79 ? 90  TRP A NE1 1 
ATOM   752  C  CE2 . TRP A 1 90  ? -13.039 4.074   -0.500  1.00 28.37 ? 90  TRP A CE2 1 
ATOM   753  C  CE3 . TRP A 1 90  ? -12.845 3.482   -2.840  1.00 28.15 ? 90  TRP A CE3 1 
ATOM   754  C  CZ2 . TRP A 1 90  ? -11.923 4.919   -0.572  1.00 30.04 ? 90  TRP A CZ2 1 
ATOM   755  C  CZ3 . TRP A 1 90  ? -11.736 4.321   -2.909  1.00 32.31 ? 90  TRP A CZ3 1 
ATOM   756  C  CH2 . TRP A 1 90  ? -11.290 5.030   -1.784  1.00 31.71 ? 90  TRP A CH2 1 
ATOM   757  N  N   . GLY A 1 91  ? -18.595 1.636   -3.809  1.00 25.82 ? 91  GLY A N   1 
ATOM   758  C  CA  . GLY A 1 91  ? -19.292 0.889   -4.834  1.00 28.41 ? 91  GLY A CA  1 
ATOM   759  C  C   . GLY A 1 91  ? -19.369 -0.594  -4.550  1.00 32.30 ? 91  GLY A C   1 
ATOM   760  O  O   . GLY A 1 91  ? -19.661 -1.005  -3.420  1.00 32.69 ? 91  GLY A O   1 
ATOM   761  N  N   . THR A 1 92  ? -19.147 -1.410  -5.574  1.00 29.59 ? 92  THR A N   1 
ATOM   762  C  CA  . THR A 1 92  ? -19.223 -2.851  -5.417  1.00 31.40 ? 92  THR A CA  1 
ATOM   763  C  C   . THR A 1 92  ? -17.877 -3.387  -4.921  1.00 26.48 ? 92  THR A C   1 
ATOM   764  O  O   . THR A 1 92  ? -16.860 -2.675  -4.889  1.00 25.46 ? 92  THR A O   1 
ATOM   765  C  CB  . THR A 1 92  ? -19.597 -3.506  -6.745  1.00 28.39 ? 92  THR A CB  1 
ATOM   766  O  OG1 . THR A 1 92  ? -18.553 -3.254  -7.688  1.00 25.95 ? 92  THR A OG1 1 
ATOM   767  C  CG2 . THR A 1 92  ? -20.896 -2.906  -7.296  1.00 32.15 ? 92  THR A CG2 1 
ATOM   768  N  N   . GLY A 1 93  ? -17.866 -4.664  -4.539  1.00 27.99 ? 93  GLY A N   1 
ATOM   769  C  CA  . GLY A 1 93  ? -16.592 -5.302  -4.237  1.00 23.76 ? 93  GLY A CA  1 
ATOM   770  C  C   . GLY A 1 93  ? -15.621 -5.225  -5.400  1.00 28.27 ? 93  GLY A C   1 
ATOM   771  O  O   . GLY A 1 93  ? -14.434 -4.937  -5.213  1.00 27.34 ? 93  GLY A O   1 
ATOM   772  N  N   . LEU A 1 94  ? -16.120 -5.442  -6.623  1.00 27.62 ? 94  LEU A N   1 
ATOM   773  C  CA  . LEU A 1 94  ? -15.256 -5.358  -7.795  1.00 28.88 ? 94  LEU A CA  1 
ATOM   774  C  C   . LEU A 1 94  ? -14.671 -3.958  -7.944  1.00 23.31 ? 94  LEU A C   1 
ATOM   775  O  O   . LEU A 1 94  ? -13.474 -3.801  -8.222  1.00 25.65 ? 94  LEU A O   1 
ATOM   776  C  CB  . LEU A 1 94  ? -16.039 -5.764  -9.051  1.00 29.78 ? 94  LEU A CB  1 
ATOM   777  C  CG  . LEU A 1 94  ? -15.246 -5.617  -10.359 1.00 32.17 ? 94  LEU A CG  1 
ATOM   778  C  CD1 . LEU A 1 94  ? -14.054 -6.542  -10.353 1.00 30.82 ? 94  LEU A CD1 1 
ATOM   779  C  CD2 . LEU A 1 94  ? -16.089 -5.898  -11.579 1.00 31.60 ? 94  LEU A CD2 1 
ATOM   780  N  N   . GLU A 1 95  ? -15.494 -2.924  -7.762  1.00 24.22 ? 95  GLU A N   1 
ATOM   781  C  CA  . GLU A 1 95  ? -14.984 -1.569  -7.905  1.00 25.59 ? 95  GLU A CA  1 
ATOM   782  C  C   . GLU A 1 95  ? -13.937 -1.274  -6.846  1.00 25.55 ? 95  GLU A C   1 
ATOM   783  O  O   . GLU A 1 95  ? -12.923 -0.626  -7.130  1.00 23.77 ? 95  GLU A O   1 
ATOM   784  C  CB  . GLU A 1 95  ? -16.126 -0.549  -7.837  1.00 27.39 ? 95  GLU A CB  1 
ATOM   785  C  CG  . GLU A 1 95  ? -16.967 -0.499  -9.120  1.00 27.38 ? 95  GLU A CG  1 
ATOM   786  C  CD  . GLU A 1 95  ? -18.228 0.358   -8.963  1.00 34.11 ? 95  GLU A CD  1 
ATOM   787  O  OE1 . GLU A 1 95  ? -18.530 1.153   -9.875  1.00 50.90 ? 95  GLU A OE1 1 
ATOM   788  O  OE2 . GLU A 1 95  ? -18.918 0.228   -7.935  1.00 30.29 ? 95  GLU A OE2 1 
ATOM   789  N  N   . ALA A 1 96  ? -14.128 -1.788  -5.630  1.00 23.04 ? 96  ALA A N   1 
ATOM   790  C  CA  . ALA A 1 96  ? -13.105 -1.579  -4.606  1.00 30.06 ? 96  ALA A CA  1 
ATOM   791  C  C   . ALA A 1 96  ? -11.800 -2.278  -4.982  1.00 22.50 ? 96  ALA A C   1 
ATOM   792  O  O   . ALA A 1 96  ? -10.709 -1.725  -4.783  1.00 23.07 ? 96  ALA A O   1 
ATOM   793  C  CB  . ALA A 1 96  ? -13.614 -2.051  -3.239  1.00 26.11 ? 96  ALA A CB  1 
ATOM   794  N  N   . LEU A 1 97  ? -11.884 -3.491  -5.535  1.00 25.38 ? 97  LEU A N   1 
ATOM   795  C  CA  . LEU A 1 97  ? -10.662 -4.194  -5.913  1.00 23.93 ? 97  LEU A CA  1 
ATOM   796  C  C   . LEU A 1 97  ? -9.962  -3.482  -7.057  1.00 25.95 ? 97  LEU A C   1 
ATOM   797  O  O   . LEU A 1 97  ? -8.727  -3.409  -7.093  1.00 24.19 ? 97  LEU A O   1 
ATOM   798  C  CB  . LEU A 1 97  ? -10.967 -5.642  -6.319  1.00 20.81 ? 97  LEU A CB  1 
ATOM   799  C  CG  . LEU A 1 97  ? -11.422 -6.613  -5.212  1.00 24.63 ? 97  LEU A CG  1 
ATOM   800  C  CD1 . LEU A 1 97  ? -11.721 -8.010  -5.787  1.00 21.08 ? 97  LEU A CD1 1 
ATOM   801  C  CD2 . LEU A 1 97  ? -10.396 -6.691  -4.094  1.00 27.97 ? 97  LEU A CD2 1 
ATOM   802  N  N   . GLN A 1 98  ? -10.735 -2.973  -8.016  1.00 24.09 ? 98  GLN A N   1 
ATOM   803  C  CA  . GLN A 1 98  ? -10.143 -2.216  -9.115  1.00 23.08 ? 98  GLN A CA  1 
ATOM   804  C  C   . GLN A 1 98  ? -9.445  -0.971  -8.584  1.00 24.22 ? 98  GLN A C   1 
ATOM   805  O  O   . GLN A 1 98  ? -8.319  -0.652  -8.993  1.00 26.46 ? 98  GLN A O   1 
ATOM   806  C  CB  . GLN A 1 98  ? -11.241 -1.874  -10.122 1.00 26.78 ? 98  GLN A CB  1 
ATOM   807  C  CG  . GLN A 1 98  ? -11.631 -3.086  -10.981 1.00 33.78 ? 98  GLN A CG  1 
ATOM   808  C  CD  . GLN A 1 98  ? -12.925 -2.897  -11.769 1.00 40.79 ? 98  GLN A CD  1 
ATOM   809  O  OE1 . GLN A 1 98  ? -13.820 -2.146  -11.358 1.00 35.74 ? 98  GLN A OE1 1 
ATOM   810  N  NE2 . GLN A 1 98  ? -13.044 -3.615  -12.887 1.00 34.89 ? 98  GLN A NE2 1 
ATOM   811  N  N   . ALA A 1 99  ? -10.078 -0.276  -7.634  1.00 25.47 ? 99  ALA A N   1 
ATOM   812  C  CA  . ALA A 1 99  ? -9.429  0.858   -6.978  1.00 26.20 ? 99  ALA A CA  1 
ATOM   813  C  C   . ALA A 1 99  ? -8.157  0.430   -6.246  1.00 27.86 ? 99  ALA A C   1 
ATOM   814  O  O   . ALA A 1 99  ? -7.127  1.116   -6.319  1.00 25.88 ? 99  ALA A O   1 
ATOM   815  C  CB  . ALA A 1 99  ? -10.401 1.521   -6.001  1.00 32.21 ? 99  ALA A CB  1 
ATOM   816  N  N   . ALA A 1 100 ? -8.210  -0.692  -5.525  1.00 26.60 ? 100 ALA A N   1 
ATOM   817  C  CA  . ALA A 1 100 ? -7.020  -1.183  -4.834  1.00 23.64 ? 100 ALA A CA  1 
ATOM   818  C  C   . ALA A 1 100 ? -5.910  -1.527  -5.822  1.00 23.08 ? 100 ALA A C   1 
ATOM   819  O  O   . ALA A 1 100 ? -4.738  -1.208  -5.592  1.00 27.20 ? 100 ALA A O   1 
ATOM   820  C  CB  . ALA A 1 100 ? -7.381  -2.404  -3.993  1.00 24.92 ? 100 ALA A CB  1 
ATOM   821  N  N   . LEU A 1 101 ? -6.248  -2.220  -6.909  1.00 23.95 ? 101 LEU A N   1 
ATOM   822  C  CA  . LEU A 1 101 ? -5.234  -2.526  -7.912  1.00 22.67 ? 101 LEU A CA  1 
ATOM   823  C  C   . LEU A 1 101 ? -4.550  -1.253  -8.423  1.00 30.02 ? 101 LEU A C   1 
ATOM   824  O  O   . LEU A 1 101 ? -3.318  -1.191  -8.522  1.00 25.65 ? 101 LEU A O   1 
ATOM   825  C  CB  . LEU A 1 101 ? -5.861  -3.318  -9.058  1.00 24.87 ? 101 LEU A CB  1 
ATOM   826  C  CG  . LEU A 1 101 ? -4.877  -3.746  -10.153 1.00 27.84 ? 101 LEU A CG  1 
ATOM   827  C  CD1 . LEU A 1 101 ? -3.788  -4.635  -9.616  1.00 25.70 ? 101 LEU A CD1 1 
ATOM   828  C  CD2 . LEU A 1 101 ? -5.627  -4.426  -11.303 1.00 28.28 ? 101 LEU A CD2 1 
ATOM   829  N  N   . ASP A 1 102 ? -5.334  -0.218  -8.740  1.00 32.48 ? 102 ASP A N   1 
ATOM   830  C  CA  . ASP A 1 102 ? -4.738  1.039   -9.209  1.00 34.16 ? 102 ASP A CA  1 
ATOM   831  C  C   . ASP A 1 102 ? -3.821  1.629   -8.155  1.00 27.74 ? 102 ASP A C   1 
ATOM   832  O  O   . ASP A 1 102 ? -2.705  2.061   -8.456  1.00 29.08 ? 102 ASP A O   1 
ATOM   833  C  CB  . ASP A 1 102 ? -5.820  2.058   -9.585  1.00 32.65 ? 102 ASP A CB  1 
ATOM   834  C  CG  . ASP A 1 102 ? -6.618  1.636   -10.801 1.00 50.19 ? 102 ASP A CG  1 
ATOM   835  O  OD1 . ASP A 1 102 ? -6.063  0.885   -11.640 1.00 55.77 ? 102 ASP A OD1 1 
ATOM   836  O  OD2 . ASP A 1 102 ? -7.781  2.088   -10.944 1.00 56.76 ? 102 ASP A OD2 1 
ATOM   837  N  N   . LEU A 1 103 ? -4.279  1.648   -6.905  1.00 28.34 ? 103 LEU A N   1 
ATOM   838  C  CA  . LEU A 1 103 ? -3.472  2.212   -5.827  1.00 26.12 ? 103 LEU A CA  1 
ATOM   839  C  C   . LEU A 1 103 ? -2.176  1.426   -5.640  1.00 27.40 ? 103 LEU A C   1 
ATOM   840  O  O   . LEU A 1 103 ? -1.093  2.016   -5.483  1.00 26.43 ? 103 LEU A O   1 
ATOM   841  C  CB  . LEU A 1 103 ? -4.299  2.243   -4.539  1.00 21.67 ? 103 LEU A CB  1 
ATOM   842  C  CG  . LEU A 1 103 ? -3.620  2.696   -3.250  1.00 29.50 ? 103 LEU A CG  1 
ATOM   843  C  CD1 . LEU A 1 103 ? -3.232  4.146   -3.333  1.00 32.94 ? 103 LEU A CD1 1 
ATOM   844  C  CD2 . LEU A 1 103 ? -4.556  2.464   -2.089  1.00 27.69 ? 103 LEU A CD2 1 
ATOM   845  N  N   . GLU A 1 104 ? -2.267  0.087   -5.643  1.00 27.02 ? 104 GLU A N   1 
ATOM   846  C  CA  . GLU A 1 104 ? -1.069  -0.738  -5.465  1.00 25.26 ? 104 GLU A CA  1 
ATOM   847  C  C   . GLU A 1 104 ? -0.055  -0.489  -6.578  1.00 27.51 ? 104 GLU A C   1 
ATOM   848  O  O   . GLU A 1 104 ? 1.162   -0.536  -6.347  1.00 27.84 ? 104 GLU A O   1 
ATOM   849  C  CB  . GLU A 1 104 ? -1.448  -2.224  -5.426  1.00 23.03 ? 104 GLU A CB  1 
ATOM   850  C  CG  . GLU A 1 104 ? -2.320  -2.617  -4.239  1.00 27.77 ? 104 GLU A CG  1 
ATOM   851  C  CD  . GLU A 1 104 ? -1.524  -2.906  -2.966  1.00 36.89 ? 104 GLU A CD  1 
ATOM   852  O  OE1 . GLU A 1 104 ? -0.376  -3.398  -3.075  1.00 34.65 ? 104 GLU A OE1 1 
ATOM   853  O  OE2 . GLU A 1 104 ? -2.054  -2.669  -1.854  1.00 32.81 ? 104 GLU A OE2 1 
ATOM   854  N  N   . LYS A 1 105 ? -0.533  -0.245  -7.802  1.00 24.98 ? 105 LYS A N   1 
ATOM   855  C  CA  . LYS A 1 105 ? 0.400   0.013   -8.890  1.00 24.05 ? 105 LYS A CA  1 
ATOM   856  C  C   . LYS A 1 105 ? 1.003   1.407   -8.805  1.00 28.91 ? 105 LYS A C   1 
ATOM   857  O  O   . LYS A 1 105 ? 2.166   1.589   -9.187  1.00 30.93 ? 105 LYS A O   1 
ATOM   858  C  CB  . LYS A 1 105 ? -0.290  -0.219  -10.240 1.00 29.20 ? 105 LYS A CB  1 
ATOM   859  C  CG  . LYS A 1 105 ? -0.417  -1.722  -10.535 1.00 31.66 ? 105 LYS A CG  1 
ATOM   860  C  CD  . LYS A 1 105 ? -0.581  -2.074  -12.017 1.00 35.24 ? 105 LYS A CD  1 
ATOM   861  C  CE  . LYS A 1 105 ? -2.018  -2.018  -12.430 1.00 36.49 ? 105 LYS A CE  1 
ATOM   862  N  NZ  . LYS A 1 105 ? -2.160  -2.504  -13.834 1.00 46.29 ? 105 LYS A NZ  1 
ATOM   863  N  N   . GLN A 1 106 ? 0.251   2.392   -8.294  1.00 26.50 ? 106 GLN A N   1 
ATOM   864  C  CA  . GLN A 1 106 ? 0.837   3.713   -8.050  1.00 23.62 ? 106 GLN A CA  1 
ATOM   865  C  C   . GLN A 1 106 ? 1.908   3.634   -6.977  1.00 31.14 ? 106 GLN A C   1 
ATOM   866  O  O   . GLN A 1 106 ? 2.955   4.289   -7.073  1.00 27.12 ? 106 GLN A O   1 
ATOM   867  C  CB  . GLN A 1 106 ? -0.229  4.704   -7.595  1.00 25.51 ? 106 GLN A CB  1 
ATOM   868  C  CG  . GLN A 1 106 ? -1.226  5.174   -8.640  1.00 35.42 ? 106 GLN A CG  1 
ATOM   869  C  CD  . GLN A 1 106 ? -2.420  5.869   -7.979  1.00 50.87 ? 106 GLN A CD  1 
ATOM   870  O  OE1 . GLN A 1 106 ? -2.343  6.281   -6.814  1.00 54.32 ? 106 GLN A OE1 1 
ATOM   871  N  NE2 . GLN A 1 106 ? -3.540  5.950   -8.698  1.00 56.19 ? 106 GLN A NE2 1 
ATOM   872  N  N   . VAL A 1 107 ? 1.640   2.872   -5.918  1.00 24.30 ? 107 VAL A N   1 
ATOM   873  C  CA  . VAL A 1 107 ? 2.647   2.672   -4.885  1.00 26.61 ? 107 VAL A CA  1 
ATOM   874  C  C   . VAL A 1 107 ? 3.851   1.954   -5.462  1.00 26.05 ? 107 VAL A C   1 
ATOM   875  O  O   . VAL A 1 107 ? 5.002   2.304   -5.173  1.00 29.75 ? 107 VAL A O   1 
ATOM   876  C  CB  . VAL A 1 107 ? 2.041   1.906   -3.694  1.00 23.25 ? 107 VAL A CB  1 
ATOM   877  C  CG1 . VAL A 1 107 ? 3.130   1.527   -2.717  1.00 21.78 ? 107 VAL A CG1 1 
ATOM   878  C  CG2 . VAL A 1 107 ? 0.982   2.755   -3.006  1.00 25.10 ? 107 VAL A CG2 1 
ATOM   879  N  N   . ASN A 1 108 ? 3.609   0.932   -6.286  1.00 23.90 ? 108 ASN A N   1 
ATOM   880  C  CA  . ASN A 1 108 ? 4.714   0.223   -6.924  1.00 23.66 ? 108 ASN A CA  1 
ATOM   881  C  C   . ASN A 1 108 ? 5.541   1.179   -7.787  1.00 28.31 ? 108 ASN A C   1 
ATOM   882  O  O   . ASN A 1 108 ? 6.777   1.178   -7.736  1.00 24.82 ? 108 ASN A O   1 
ATOM   883  C  CB  . ASN A 1 108 ? 4.180   -0.938  -7.766  1.00 22.15 ? 108 ASN A CB  1 
ATOM   884  C  CG  . ASN A 1 108 ? 5.254   -1.985  -8.077  1.00 25.49 ? 108 ASN A CG  1 
ATOM   885  O  OD1 . ASN A 1 108 ? 6.151   -2.222  -7.271  1.00 29.30 ? 108 ASN A OD1 1 
ATOM   886  N  ND2 . ASN A 1 108 ? 5.155   -2.617  -9.239  1.00 27.39 ? 108 ASN A ND2 1 
ATOM   887  N  N   . GLN A 1 109 ? 4.869   2.006   -8.588  1.00 27.00 ? 109 GLN A N   1 
ATOM   888  C  CA  . GLN A 1 109 ? 5.595   3.015   -9.364  1.00 28.71 ? 109 GLN A CA  1 
ATOM   889  C  C   . GLN A 1 109 ? 6.484   3.874   -8.475  1.00 26.90 ? 109 GLN A C   1 
ATOM   890  O  O   . GLN A 1 109 ? 7.654   4.126   -8.792  1.00 28.34 ? 109 GLN A O   1 
ATOM   891  C  CB  . GLN A 1 109 ? 4.607   3.894   -10.134 1.00 30.04 ? 109 GLN A CB  1 
ATOM   892  C  CG  . GLN A 1 109 ? 5.270   4.723   -11.230 1.00 34.12 ? 109 GLN A CG  1 
ATOM   893  C  CD  . GLN A 1 109 ? 5.894   3.818   -12.282 1.00 56.15 ? 109 GLN A CD  1 
ATOM   894  O  OE1 . GLN A 1 109 ? 7.119   3.672   -12.323 1.00 51.51 ? 109 GLN A OE1 1 
ATOM   895  N  NE2 . GLN A 1 109 ? 5.055   3.132   -13.076 1.00 55.33 ? 109 GLN A NE2 1 
ATOM   896  N  N   . SER A 1 110 ? 5.934   4.341   -7.356  1.00 26.69 ? 110 SER A N   1 
ATOM   897  C  CA  A SER A 1 110 ? 6.708   5.169   -6.440  1.00 26.84 ? 110 SER A CA  1 
ATOM   898  C  CA  C SER A 1 110 ? 6.714   5.169   -6.439  0.00 27.05 ? 110 SER A CA  1 
ATOM   899  C  C   . SER A 1 110 ? 7.896   4.400   -5.861  1.00 30.17 ? 110 SER A C   1 
ATOM   900  O  O   . SER A 1 110 ? 8.998   4.946   -5.733  1.00 26.81 ? 110 SER A O   1 
ATOM   901  C  CB  A SER A 1 110 ? 5.796   5.687   -5.334  1.00 28.87 ? 110 SER A CB  1 
ATOM   902  C  CB  C SER A 1 110 ? 5.820   5.694   -5.318  0.00 29.05 ? 110 SER A CB  1 
ATOM   903  O  OG  A SER A 1 110 ? 6.516   6.548   -4.467  1.00 33.10 ? 110 SER A OG  1 
ATOM   904  O  OG  C SER A 1 110 ? 6.535   6.571   -4.467  0.00 32.72 ? 110 SER A OG  1 
ATOM   905  N  N   . LEU A 1 111 ? 7.692   3.132   -5.503  1.00 26.20 ? 111 LEU A N   1 
ATOM   906  C  CA  . LEU A 1 111 ? 8.795   2.343   -4.958  1.00 24.50 ? 111 LEU A CA  1 
ATOM   907  C  C   . LEU A 1 111 ? 9.895   2.140   -5.993  1.00 26.40 ? 111 LEU A C   1 
ATOM   908  O  O   . LEU A 1 111 ? 11.091  2.223   -5.671  1.00 23.37 ? 111 LEU A O   1 
ATOM   909  C  CB  . LEU A 1 111 ? 8.265   1.003   -4.450  1.00 26.55 ? 111 LEU A CB  1 
ATOM   910  C  CG  . LEU A 1 111 ? 7.332   1.054   -3.228  1.00 25.18 ? 111 LEU A CG  1 
ATOM   911  C  CD1 . LEU A 1 111 ? 6.688   -0.328  -2.980  1.00 25.29 ? 111 LEU A CD1 1 
ATOM   912  C  CD2 . LEU A 1 111 ? 8.125   1.493   -2.005  1.00 28.95 ? 111 LEU A CD2 1 
ATOM   913  N  N   . LEU A 1 112 ? 9.512   1.870   -7.246  1.00 27.09 ? 112 LEU A N   1 
ATOM   914  C  CA  . LEU A 1 112 ? 10.511  1.702   -8.295  1.00 27.72 ? 112 LEU A CA  1 
ATOM   915  C  C   . LEU A 1 112 ? 11.256  3.005   -8.565  1.00 31.72 ? 112 LEU A C   1 
ATOM   916  O  O   . LEU A 1 112 ? 12.455  2.988   -8.867  1.00 28.12 ? 112 LEU A O   1 
ATOM   917  C  CB  . LEU A 1 112 ? 9.861   1.192   -9.578  1.00 28.84 ? 112 LEU A CB  1 
ATOM   918  C  CG  . LEU A 1 112 ? 9.404   -0.266  -9.560  1.00 30.31 ? 112 LEU A CG  1 
ATOM   919  C  CD1 . LEU A 1 112 ? 8.449   -0.549  -10.695 1.00 27.32 ? 112 LEU A CD1 1 
ATOM   920  C  CD2 . LEU A 1 112 ? 10.597  -1.193  -9.607  1.00 31.12 ? 112 LEU A CD2 1 
ATOM   921  N  N   . GLU A 1 113 ? 10.561  4.142   -8.492  1.00 30.23 ? 113 GLU A N   1 
ATOM   922  C  CA  . GLU A 1 113 ? 11.259  5.414   -8.622  1.00 28.93 ? 113 GLU A CA  1 
ATOM   923  C  C   . GLU A 1 113 ? 12.212  5.629   -7.462  1.00 32.78 ? 113 GLU A C   1 
ATOM   924  O  O   . GLU A 1 113 ? 13.289  6.207   -7.641  1.00 27.52 ? 113 GLU A O   1 
ATOM   925  C  CB  . GLU A 1 113 ? 10.258  6.567   -8.725  1.00 27.91 ? 113 GLU A CB  1 
ATOM   926  C  CG  . GLU A 1 113 ? 9.448   6.543   -10.019 1.00 32.92 ? 113 GLU A CG  1 
ATOM   927  C  CD  . GLU A 1 113 ? 8.308   7.548   -10.008 1.00 38.83 ? 113 GLU A CD  1 
ATOM   928  O  OE1 . GLU A 1 113 ? 8.223   8.325   -9.037  1.00 45.65 ? 113 GLU A OE1 1 
ATOM   929  O  OE2 . GLU A 1 113 ? 7.496   7.556   -10.960 1.00 42.45 ? 113 GLU A OE2 1 
ATOM   930  N  N   . LEU A 1 114 ? 11.859  5.138   -6.275  1.00 32.07 ? 114 LEU A N   1 
ATOM   931  C  CA  . LEU A 1 114 ? 12.744  5.354   -5.148  1.00 26.96 ? 114 LEU A CA  1 
ATOM   932  C  C   . LEU A 1 114 ? 13.960  4.442   -5.300  1.00 25.66 ? 114 LEU A C   1 
ATOM   933  O  O   . LEU A 1 114 ? 15.085  4.818   -4.945  1.00 29.39 ? 114 LEU A O   1 
ATOM   934  C  CB  . LEU A 1 114 ? 11.972  5.073   -3.854  1.00 29.81 ? 114 LEU A CB  1 
ATOM   935  C  CG  . LEU A 1 114 ? 12.479  5.609   -2.512  1.00 33.22 ? 114 LEU A CG  1 
ATOM   936  C  CD1 . LEU A 1 114 ? 11.435  5.355   -1.413  1.00 32.90 ? 114 LEU A CD1 1 
ATOM   937  C  CD2 . LEU A 1 114 ? 13.889  5.296   -2.085  1.00 36.08 ? 114 LEU A CD2 1 
ATOM   938  N  N   . HIS A 1 115 ? 13.756  3.256   -5.883  1.00 23.98 ? 115 HIS A N   1 
ATOM   939  C  CA  . HIS A 1 115 ? 14.882  2.376   -6.172  1.00 27.32 ? 115 HIS A CA  1 
ATOM   940  C  C   . HIS A 1 115 ? 15.842  3.019   -7.165  1.00 30.92 ? 115 HIS A C   1 
ATOM   941  O  O   . HIS A 1 115 ? 17.070  2.896   -7.033  1.00 27.51 ? 115 HIS A O   1 
ATOM   942  C  CB  . HIS A 1 115 ? 14.377  1.041   -6.716  1.00 24.92 ? 115 HIS A CB  1 
ATOM   943  C  CG  . HIS A 1 115 ? 15.444  -0.001  -6.819  1.00 28.09 ? 115 HIS A CG  1 
ATOM   944  N  ND1 . HIS A 1 115 ? 16.359  -0.038  -7.854  1.00 27.14 ? 115 HIS A ND1 1 
ATOM   945  C  CD2 . HIS A 1 115 ? 15.751  -1.041  -6.006  1.00 26.32 ? 115 HIS A CD2 1 
ATOM   946  C  CE1 . HIS A 1 115 ? 17.183  -1.054  -7.674  1.00 31.33 ? 115 HIS A CE1 1 
ATOM   947  N  NE2 . HIS A 1 115 ? 16.828  -1.689  -6.567  1.00 26.65 ? 115 HIS A NE2 1 
ATOM   948  N  N   . SER A 1 116 ? 15.296  3.689   -8.181  1.00 29.49 ? 116 SER A N   1 
ATOM   949  C  CA  A SER A 1 116 ? 16.142  4.359   -9.167  0.65 30.00 ? 116 SER A CA  1 
ATOM   950  C  CA  B SER A 1 116 ? 16.149  4.351   -9.162  0.35 29.95 ? 116 SER A CA  1 
ATOM   951  C  C   . SER A 1 116 ? 16.945  5.478   -8.520  1.00 25.96 ? 116 SER A C   1 
ATOM   952  O  O   . SER A 1 116 ? 18.127  5.657   -8.826  1.00 29.50 ? 116 SER A O   1 
ATOM   953  C  CB  A SER A 1 116 ? 15.291  4.905   -10.313 0.65 30.48 ? 116 SER A CB  1 
ATOM   954  C  CB  B SER A 1 116 ? 15.306  4.870   -10.325 0.35 30.48 ? 116 SER A CB  1 
ATOM   955  O  OG  A SER A 1 116 ? 16.084  5.663   -11.215 0.65 29.29 ? 116 SER A OG  1 
ATOM   956  O  OG  B SER A 1 116 ? 14.628  3.801   -10.959 0.35 32.44 ? 116 SER A OG  1 
ATOM   957  N  N   . THR A 1 117 ? 16.315  6.239   -7.621  1.00 29.77 ? 117 THR A N   1 
ATOM   958  C  CA  . THR A 1 117 ? 17.025  7.273   -6.877  1.00 29.47 ? 117 THR A CA  1 
ATOM   959  C  C   . THR A 1 117 ? 18.153  6.680   -6.046  1.00 32.55 ? 117 THR A C   1 
ATOM   960  O  O   . THR A 1 117 ? 19.294  7.150   -6.100  1.00 30.15 ? 117 THR A O   1 
ATOM   961  C  CB  . THR A 1 117 ? 16.054  8.033   -5.972  1.00 29.93 ? 117 THR A CB  1 
ATOM   962  O  OG1 . THR A 1 117 ? 15.074  8.707   -6.767  1.00 30.82 ? 117 THR A OG1 1 
ATOM   963  C  CG2 . THR A 1 117 ? 16.797  9.040   -5.107  1.00 34.41 ? 117 THR A CG2 1 
ATOM   964  N  N   . ALA A 1 118 ? 17.841  5.659   -5.244  1.00 26.38 ? 118 ALA A N   1 
ATOM   965  C  CA  . ALA A 1 118 ? 18.861  4.969   -4.467  1.00 27.61 ? 118 ALA A CA  1 
ATOM   966  C  C   . ALA A 1 118 ? 19.993  4.483   -5.363  1.00 26.86 ? 118 ALA A C   1 
ATOM   967  O  O   . ALA A 1 118 ? 21.178  4.612   -5.030  1.00 31.23 ? 118 ALA A O   1 
ATOM   968  C  CB  . ALA A 1 118 ? 18.222  3.784   -3.735  1.00 21.57 ? 118 ALA A CB  1 
ATOM   969  N  N   . SER A 1 119 ? 19.636  3.882   -6.494  1.00 27.36 ? 119 SER A N   1 
ATOM   970  C  CA  . SER A 1 119 ? 20.636  3.300   -7.378  1.00 26.99 ? 119 SER A CA  1 
ATOM   971  C  C   . SER A 1 119 ? 21.512  4.383   -8.006  1.00 32.30 ? 119 SER A C   1 
ATOM   972  O  O   . SER A 1 119 ? 22.741  4.245   -8.061  1.00 29.86 ? 119 SER A O   1 
ATOM   973  C  CB  . SER A 1 119 ? 19.928  2.465   -8.447  1.00 30.19 ? 119 SER A CB  1 
ATOM   974  O  OG  . SER A 1 119 ? 20.864  1.967   -9.374  1.00 46.29 ? 119 SER A OG  1 
ATOM   975  N  N   . GLY A 1 120 ? 20.907  5.481   -8.451  1.00 31.33 ? 120 GLY A N   1 
ATOM   976  C  CA  . GLY A 1 120 ? 21.695  6.578   -8.987  1.00 31.03 ? 120 GLY A CA  1 
ATOM   977  C  C   . GLY A 1 120 ? 22.620  7.214   -7.970  1.00 33.92 ? 120 GLY A C   1 
ATOM   978  O  O   . GLY A 1 120 ? 23.645  7.796   -8.335  1.00 37.22 ? 120 GLY A O   1 
ATOM   979  N  N   . ASN A 1 121 ? 22.279  7.136   -6.691  1.00 26.95 ? 121 ASN A N   1 
ATOM   980  C  CA  . ASN A 1 121 ? 23.168  7.644   -5.665  1.00 26.64 ? 121 ASN A CA  1 
ATOM   981  C  C   . ASN A 1 121 ? 24.086  6.569   -5.090  1.00 32.38 ? 121 ASN A C   1 
ATOM   982  O  O   . ASN A 1 121 ? 24.744  6.821   -4.069  1.00 30.33 ? 121 ASN A O   1 
ATOM   983  C  CB  . ASN A 1 121 ? 22.358  8.301   -4.549  1.00 31.60 ? 121 ASN A CB  1 
ATOM   984  C  CG  . ASN A 1 121 ? 21.782  9.634   -4.970  1.00 41.44 ? 121 ASN A CG  1 
ATOM   985  O  OD1 . ASN A 1 121 ? 22.527  10.563  -5.246  1.00 40.79 ? 121 ASN A OD1 1 
ATOM   986  N  ND2 . ASN A 1 121 ? 20.452  9.742   -5.008  1.00 38.68 ? 121 ASN A ND2 1 
ATOM   987  N  N   . ASN A 1 122 ? 24.135  5.389   -5.715  1.00 27.88 ? 122 ASN A N   1 
ATOM   988  C  CA  . ASN A 1 122 ? 24.983  4.274   -5.281  1.00 30.39 ? 122 ASN A CA  1 
ATOM   989  C  C   . ASN A 1 122 ? 24.827  3.983   -3.792  1.00 30.34 ? 122 ASN A C   1 
ATOM   990  O  O   . ASN A 1 122 ? 25.787  3.995   -3.009  1.00 25.11 ? 122 ASN A O   1 
ATOM   991  C  CB  . ASN A 1 122 ? 26.445  4.513   -5.648  1.00 36.17 ? 122 ASN A CB  1 
ATOM   992  C  CG  . ASN A 1 122 ? 26.590  4.941   -7.080  1.00 39.05 ? 122 ASN A CG  1 
ATOM   993  O  OD1 . ASN A 1 122 ? 26.445  4.113   -7.980  1.00 35.12 ? 122 ASN A OD1 1 
ATOM   994  N  ND2 . ASN A 1 122 ? 26.854  6.229   -7.308  1.00 41.14 ? 122 ASN A ND2 1 
ATOM   995  N  N   . ASP A 1 123 ? 23.584  3.669   -3.424  1.00 22.62 ? 123 ASP A N   1 
ATOM   996  C  CA  . ASP A 1 123 ? 23.239  3.308   -2.044  1.00 22.34 ? 123 ASP A CA  1 
ATOM   997  C  C   . ASP A 1 123 ? 22.736  1.869   -2.089  1.00 26.35 ? 123 ASP A C   1 
ATOM   998  O  O   . ASP A 1 123 ? 21.520  1.625   -2.190  1.00 27.24 ? 123 ASP A O   1 
ATOM   999  C  CB  . ASP A 1 123 ? 22.188  4.258   -1.452  1.00 24.73 ? 123 ASP A CB  1 
ATOM   1000 C  CG  . ASP A 1 123 ? 22.002  4.060   0.059   1.00 28.98 ? 123 ASP A CG  1 
ATOM   1001 O  OD1 . ASP A 1 123 ? 22.203  2.921   0.533   1.00 28.57 ? 123 ASP A OD1 1 
ATOM   1002 O  OD2 . ASP A 1 123 ? 21.664  5.031   0.778   1.00 27.95 ? 123 ASP A OD2 1 
ATOM   1003 N  N   . PRO A 1 124 ? 23.632  0.881   -2.023  1.00 26.20 ? 124 PRO A N   1 
ATOM   1004 C  CA  . PRO A 1 124 ? 23.189  -0.517  -2.093  1.00 23.60 ? 124 PRO A CA  1 
ATOM   1005 C  C   . PRO A 1 124 ? 22.432  -0.979  -0.857  1.00 29.63 ? 124 PRO A C   1 
ATOM   1006 O  O   . PRO A 1 124 ? 21.652  -1.936  -0.953  1.00 25.44 ? 124 PRO A O   1 
ATOM   1007 C  CB  . PRO A 1 124 ? 24.501  -1.292  -2.278  1.00 28.75 ? 124 PRO A CB  1 
ATOM   1008 C  CG  . PRO A 1 124 ? 25.524  -0.437  -1.579  1.00 28.27 ? 124 PRO A CG  1 
ATOM   1009 C  CD  . PRO A 1 124 ? 25.076  1.007   -1.746  1.00 24.77 ? 124 PRO A CD  1 
ATOM   1010 N  N   . HIS A 1 125 ? 22.623  -0.337  0.297   1.00 25.33 ? 125 HIS A N   1 
ATOM   1011 C  CA  . HIS A 1 125 ? 21.801  -0.687  1.456   1.00 23.60 ? 125 HIS A CA  1 
ATOM   1012 C  C   . HIS A 1 125 ? 20.341  -0.334  1.204   1.00 24.44 ? 125 HIS A C   1 
ATOM   1013 O  O   . HIS A 1 125 ? 19.436  -1.086  1.588   1.00 25.72 ? 125 HIS A O   1 
ATOM   1014 C  CB  . HIS A 1 125 ? 22.311  0.020   2.708   1.00 21.43 ? 125 HIS A CB  1 
ATOM   1015 C  CG  . HIS A 1 125 ? 21.650  -0.435  3.978   1.00 26.63 ? 125 HIS A CG  1 
ATOM   1016 N  ND1 . HIS A 1 125 ? 20.467  0.102   4.434   1.00 27.14 ? 125 HIS A ND1 1 
ATOM   1017 C  CD2 . HIS A 1 125 ? 22.014  -1.368  4.890   1.00 28.53 ? 125 HIS A CD2 1 
ATOM   1018 C  CE1 . HIS A 1 125 ? 20.129  -0.482  5.572   1.00 29.97 ? 125 HIS A CE1 1 
ATOM   1019 N  NE2 . HIS A 1 125 ? 21.049  -1.381  5.870   1.00 25.85 ? 125 HIS A NE2 1 
ATOM   1020 N  N   . LEU A 1 126 ? 20.093  0.796   0.546   1.00 24.95 ? 126 LEU A N   1 
ATOM   1021 C  CA  . LEU A 1 126 ? 18.717  1.195   0.278   1.00 23.30 ? 126 LEU A CA  1 
ATOM   1022 C  C   . LEU A 1 126 ? 18.102  0.366   -0.849  1.00 24.80 ? 126 LEU A C   1 
ATOM   1023 O  O   . LEU A 1 126 ? 16.921  0.009   -0.777  1.00 24.12 ? 126 LEU A O   1 
ATOM   1024 C  CB  . LEU A 1 126 ? 18.654  2.690   -0.039  1.00 23.36 ? 126 LEU A CB  1 
ATOM   1025 C  CG  . LEU A 1 126 ? 17.259  3.254   -0.337  1.00 24.40 ? 126 LEU A CG  1 
ATOM   1026 C  CD1 . LEU A 1 126 ? 16.215  2.757   0.669   1.00 21.34 ? 126 LEU A CD1 1 
ATOM   1027 C  CD2 . LEU A 1 126 ? 17.322  4.795   -0.299  1.00 25.66 ? 126 LEU A CD2 1 
ATOM   1028 N  N   . THR A 1 127 ? 18.867  0.048   -1.907  1.00 26.74 ? 127 THR A N   1 
ATOM   1029 C  CA  . THR A 1 127 ? 18.267  -0.763  -2.971  1.00 23.08 ? 127 THR A CA  1 
ATOM   1030 C  C   . THR A 1 127 ? 17.947  -2.143  -2.437  1.00 24.21 ? 127 THR A C   1 
ATOM   1031 O  O   . THR A 1 127 ? 16.958  -2.772  -2.841  1.00 23.74 ? 127 THR A O   1 
ATOM   1032 C  CB  . THR A 1 127 ? 19.192  -0.868  -4.200  1.00 27.07 ? 127 THR A CB  1 
ATOM   1033 O  OG1 . THR A 1 127 ? 20.483  -1.369  -3.827  1.00 28.12 ? 127 THR A OG1 1 
ATOM   1034 C  CG2 . THR A 1 127 ? 19.330  0.475   -4.890  1.00 24.05 ? 127 THR A CG2 1 
ATOM   1035 N  N   . LYS A 1 128 ? 18.740  -2.583  -1.473  1.00 23.79 ? 128 LYS A N   1 
ATOM   1036 C  CA  . LYS A 1 128 ? 18.518  -3.899  -0.942  1.00 27.54 ? 128 LYS A CA  1 
ATOM   1037 C  C   . LYS A 1 128 ? 17.253  -3.896  -0.080  1.00 26.51 ? 128 LYS A C   1 
ATOM   1038 O  O   . LYS A 1 128 ? 16.426  -4.805  -0.179  1.00 25.29 ? 128 LYS A O   1 
ATOM   1039 C  CB  . LYS A 1 128 ? 19.780  -4.269  -0.158  1.00 25.60 ? 128 LYS A CB  1 
ATOM   1040 C  CG  . LYS A 1 128 ? 19.814  -5.593  0.285   1.00 40.66 ? 128 LYS A CG  1 
ATOM   1041 C  CD  . LYS A 1 128 ? 19.241  -5.690  1.580   1.00 40.84 ? 128 LYS A CD  1 
ATOM   1042 C  CE  . LYS A 1 128 ? 19.438  -7.109  1.895   1.00 56.83 ? 128 LYS A CE  1 
ATOM   1043 N  NZ  . LYS A 1 128 ? 18.828  -7.293  3.192   1.00 55.70 ? 128 LYS A NZ  1 
ATOM   1044 N  N   . LEU A 1 129 ? 17.092  -2.877  0.768   1.00 26.52 ? 129 LEU A N   1 
ATOM   1045 C  CA  . LEU A 1 129 ? 15.828  -2.668  1.486   1.00 24.87 ? 129 LEU A CA  1 
ATOM   1046 C  C   . LEU A 1 129 ? 14.622  -2.718  0.553   1.00 27.40 ? 129 LEU A C   1 
ATOM   1047 O  O   . LEU A 1 129 ? 13.653  -3.448  0.794   1.00 25.78 ? 129 LEU A O   1 
ATOM   1048 C  CB  . LEU A 1 129 ? 15.829  -1.306  2.189   1.00 23.66 ? 129 LEU A CB  1 
ATOM   1049 C  CG  . LEU A 1 129 ? 14.500  -1.014  2.892   1.00 23.89 ? 129 LEU A CG  1 
ATOM   1050 C  CD1 . LEU A 1 129 ? 14.335  -1.864  4.162   1.00 28.30 ? 129 LEU A CD1 1 
ATOM   1051 C  CD2 . LEU A 1 129 ? 14.277  0.460   3.123   1.00 26.27 ? 129 LEU A CD2 1 
ATOM   1052 N  N   . LEU A 1 130 ? 14.647  -1.907  -0.506  1.00 23.63 ? 130 LEU A N   1 
ATOM   1053 C  CA  . LEU A 1 130 ? 13.500  -1.846  -1.406  1.00 24.52 ? 130 LEU A CA  1 
ATOM   1054 C  C   . LEU A 1 130 ? 13.235  -3.207  -2.034  1.00 24.25 ? 130 LEU A C   1 
ATOM   1055 O  O   . LEU A 1 130 ? 12.086  -3.654  -2.101  1.00 30.09 ? 130 LEU A O   1 
ATOM   1056 C  CB  . LEU A 1 130 ? 13.745  -0.776  -2.476  1.00 22.15 ? 130 LEU A CB  1 
ATOM   1057 C  CG  . LEU A 1 130 ? 13.819  0.617   -1.859  1.00 26.88 ? 130 LEU A CG  1 
ATOM   1058 C  CD1 . LEU A 1 130 ? 14.323  1.646   -2.887  1.00 28.35 ? 130 LEU A CD1 1 
ATOM   1059 C  CD2 . LEU A 1 130 ? 12.459  1.045   -1.340  1.00 26.54 ? 130 LEU A CD2 1 
ATOM   1060 N  N   . GLU A 1 131 ? 14.292  -3.898  -2.465  1.00 23.08 ? 131 GLU A N   1 
ATOM   1061 C  CA  . GLU A 1 131 ? 14.110  -5.200  -3.092  1.00 26.26 ? 131 GLU A CA  1 
ATOM   1062 C  C   . GLU A 1 131 ? 13.550  -6.220  -2.096  1.00 31.17 ? 131 GLU A C   1 
ATOM   1063 O  O   . GLU A 1 131 ? 12.535  -6.876  -2.370  1.00 33.18 ? 131 GLU A O   1 
ATOM   1064 C  CB  . GLU A 1 131 ? 15.427  -5.675  -3.702  1.00 25.28 ? 131 GLU A CB  1 
ATOM   1065 C  CG  . GLU A 1 131 ? 15.838  -4.869  -4.969  1.00 24.85 ? 131 GLU A CG  1 
ATOM   1066 C  CD  . GLU A 1 131 ? 17.304  -5.054  -5.371  1.00 32.69 ? 131 GLU A CD  1 
ATOM   1067 O  OE1 . GLU A 1 131 ? 17.888  -6.098  -5.029  1.00 28.21 ? 131 GLU A OE1 1 
ATOM   1068 O  OE2 . GLU A 1 131 ? 17.892  -4.143  -6.018  1.00 28.74 ? 131 GLU A OE2 1 
ATOM   1069 N  N   . ASP A 1 132 ? 14.191  -6.373  -0.935  1.00 29.13 ? 132 ASP A N   1 
ATOM   1070 C  CA  . ASP A 1 132 ? 13.766  -7.457  -0.047  1.00 27.08 ? 132 ASP A CA  1 
ATOM   1071 C  C   . ASP A 1 132 ? 12.494  -7.143  0.712   1.00 32.76 ? 132 ASP A C   1 
ATOM   1072 O  O   . ASP A 1 132 ? 11.692  -8.044  0.947   1.00 34.25 ? 132 ASP A O   1 
ATOM   1073 C  CB  . ASP A 1 132 ? 14.853  -7.871  0.939   1.00 30.73 ? 132 ASP A CB  1 
ATOM   1074 C  CG  . ASP A 1 132 ? 16.119  -8.329  0.260   1.00 50.17 ? 132 ASP A CG  1 
ATOM   1075 O  OD1 . ASP A 1 132 ? 16.068  -8.935  -0.823  1.00 52.60 ? 132 ASP A OD1 1 
ATOM   1076 O  OD2 . ASP A 1 132 ? 17.177  -8.214  0.859   1.00 55.20 ? 132 ASP A OD2 1 
ATOM   1077 N  N   . GLU A 1 133 ? 12.280  -5.895  1.110   1.00 28.39 ? 133 GLU A N   1 
ATOM   1078 C  CA  . GLU A 1 133 ? 11.165  -5.613  1.998   1.00 25.88 ? 133 GLU A CA  1 
ATOM   1079 C  C   . GLU A 1 133 ? 9.939   -5.061  1.294   1.00 31.28 ? 133 GLU A C   1 
ATOM   1080 O  O   . GLU A 1 133 ? 8.848   -5.139  1.861   1.00 29.36 ? 133 GLU A O   1 
ATOM   1081 C  CB  . GLU A 1 133 ? 11.588  -4.624  3.092   1.00 31.54 ? 133 GLU A CB  1 
ATOM   1082 C  CG  . GLU A 1 133 ? 12.101  -5.297  4.350   1.00 41.59 ? 133 GLU A CG  1 
ATOM   1083 C  CD  . GLU A 1 133 ? 10.987  -6.004  5.111   1.00 55.91 ? 133 GLU A CD  1 
ATOM   1084 O  OE1 . GLU A 1 133 ? 10.042  -5.325  5.600   1.00 52.11 ? 133 GLU A OE1 1 
ATOM   1085 O  OE2 . GLU A 1 133 ? 11.057  -7.249  5.199   1.00 62.64 ? 133 GLU A OE2 1 
ATOM   1086 N  N   . TYR A 1 134 ? 10.080  -4.492  0.097   1.00 24.77 ? 134 TYR A N   1 
ATOM   1087 C  CA  . TYR A 1 134 ? 8.967   -3.748  -0.476  1.00 23.60 ? 134 TYR A CA  1 
ATOM   1088 C  C   . TYR A 1 134 ? 8.595   -4.224  -1.874  1.00 30.11 ? 134 TYR A C   1 
ATOM   1089 O  O   . TYR A 1 134 ? 7.417   -4.471  -2.142  1.00 24.65 ? 134 TYR A O   1 
ATOM   1090 C  CB  . TYR A 1 134 ? 9.296   -2.259  -0.493  1.00 24.62 ? 134 TYR A CB  1 
ATOM   1091 C  CG  . TYR A 1 134 ? 9.243   -1.665  0.889   1.00 26.39 ? 134 TYR A CG  1 
ATOM   1092 C  CD1 . TYR A 1 134 ? 8.031   -1.258  1.436   1.00 27.92 ? 134 TYR A CD1 1 
ATOM   1093 C  CD2 . TYR A 1 134 ? 10.389  -1.550  1.662   1.00 27.39 ? 134 TYR A CD2 1 
ATOM   1094 C  CE1 . TYR A 1 134 ? 7.961   -0.741  2.711   1.00 27.86 ? 134 TYR A CE1 1 
ATOM   1095 C  CE2 . TYR A 1 134 ? 10.333  -1.017  2.931   1.00 27.12 ? 134 TYR A CE2 1 
ATOM   1096 C  CZ  . TYR A 1 134 ? 9.111   -0.615  3.449   1.00 24.19 ? 134 TYR A CZ  1 
ATOM   1097 O  OH  . TYR A 1 134 ? 9.050   -0.080  4.708   1.00 27.79 ? 134 TYR A OH  1 
ATOM   1098 N  N   . LEU A 1 135 ? 9.575   -4.378  -2.766  1.00 22.18 ? 135 LEU A N   1 
ATOM   1099 C  CA  . LEU A 1 135 ? 9.242   -4.688  -4.159  1.00 28.40 ? 135 LEU A CA  1 
ATOM   1100 C  C   . LEU A 1 135 ? 8.584   -6.060  -4.318  1.00 28.70 ? 135 LEU A C   1 
ATOM   1101 O  O   . LEU A 1 135 ? 7.647   -6.201  -5.115  1.00 24.77 ? 135 LEU A O   1 
ATOM   1102 C  CB  . LEU A 1 135 ? 10.480  -4.579  -5.053  1.00 28.21 ? 135 LEU A CB  1 
ATOM   1103 C  CG  . LEU A 1 135 ? 11.082  -3.176  -5.216  1.00 28.49 ? 135 LEU A CG  1 
ATOM   1104 C  CD1 . LEU A 1 135 ? 12.176  -3.210  -6.265  1.00 26.80 ? 135 LEU A CD1 1 
ATOM   1105 C  CD2 . LEU A 1 135 ? 10.023  -2.177  -5.607  1.00 25.56 ? 135 LEU A CD2 1 
ATOM   1106 N  N   . GLU A 1 136 ? 9.032   -7.098  -3.598  1.00 27.31 ? 136 GLU A N   1 
ATOM   1107 C  CA  . GLU A 1 136 ? 8.252   -8.326  -3.750  1.00 30.91 ? 136 GLU A CA  1 
ATOM   1108 C  C   . GLU A 1 136 ? 6.918   -8.303  -3.057  1.00 27.58 ? 136 GLU A C   1 
ATOM   1109 O  O   . GLU A 1 136 ? 5.983   -8.930  -3.555  1.00 26.53 ? 136 GLU A O   1 
ATOM   1110 C  CB  . GLU A 1 136 ? 8.951   -9.588  -3.343  1.00 41.94 ? 136 GLU A CB  1 
ATOM   1111 C  CG  . GLU A 1 136 ? 10.297  -9.657  -3.741  1.00 49.21 ? 136 GLU A CG  1 
ATOM   1112 C  CD  . GLU A 1 136 ? 10.681  -11.063 -3.561  1.00 66.64 ? 136 GLU A CD  1 
ATOM   1113 O  OE1 . GLU A 1 136 ? 9.927   -11.928 -4.109  1.00 67.18 ? 136 GLU A OE1 1 
ATOM   1114 O  OE2 . GLU A 1 136 ? 11.753  -11.288 -3.000  1.00 71.70 ? 136 GLU A OE2 1 
ATOM   1115 N  N   . GLU A 1 137 ? 6.826   -7.703  -1.874  1.00 27.89 ? 137 GLU A N   1 
ATOM   1116 C  CA  . GLU A 1 137 ? 5.508   -7.627  -1.270  1.00 28.02 ? 137 GLU A CA  1 
ATOM   1117 C  C   . GLU A 1 137 ? 4.537   -6.983  -2.255  1.00 28.63 ? 137 GLU A C   1 
ATOM   1118 O  O   . GLU A 1 137 ? 3.380   -7.399  -2.369  1.00 27.85 ? 137 GLU A O   1 
ATOM   1119 C  CB  . GLU A 1 137 ? 5.576   -6.850  0.043   1.00 27.20 ? 137 GLU A CB  1 
ATOM   1120 C  CG  . GLU A 1 137 ? 4.334   -7.032  0.909   1.00 36.50 ? 137 GLU A CG  1 
ATOM   1121 C  CD  . GLU A 1 137 ? 3.160   -6.200  0.430   1.00 39.42 ? 137 GLU A CD  1 
ATOM   1122 O  OE1 . GLU A 1 137 ? 2.009   -6.585  0.729   1.00 36.03 ? 137 GLU A OE1 1 
ATOM   1123 O  OE2 . GLU A 1 137 ? 3.397   -5.162  -0.238  1.00 30.69 ? 137 GLU A OE2 1 
ATOM   1124 N  N   . GLN A 1 138 ? 5.012   -5.981  -2.996  1.00 28.22 ? 138 GLN A N   1 
ATOM   1125 C  CA  . GLN A 1 138 ? 4.140   -5.233  -3.898  1.00 24.19 ? 138 GLN A CA  1 
ATOM   1126 C  C   . GLN A 1 138 ? 3.733   -6.079  -5.098  1.00 22.70 ? 138 GLN A C   1 
ATOM   1127 O  O   . GLN A 1 138 ? 2.548   -6.151  -5.448  1.00 28.44 ? 138 GLN A O   1 
ATOM   1128 C  CB  . GLN A 1 138 ? 4.840   -3.939  -4.344  1.00 24.76 ? 138 GLN A CB  1 
ATOM   1129 C  CG  . GLN A 1 138 ? 3.873   -2.777  -4.649  1.00 27.04 ? 138 GLN A CG  1 
ATOM   1130 C  CD  . GLN A 1 138 ? 3.033   -2.324  -3.452  1.00 30.52 ? 138 GLN A CD  1 
ATOM   1131 O  OE1 . GLN A 1 138 ? 3.404   -2.523  -2.293  1.00 34.50 ? 138 GLN A OE1 1 
ATOM   1132 N  NE2 . GLN A 1 138 ? 1.905   -1.687  -3.739  1.00 31.23 ? 138 GLN A NE2 1 
ATOM   1133 N  N   . VAL A 1 139 ? 4.695   -6.757  -5.720  1.00 25.25 ? 139 VAL A N   1 
ATOM   1134 C  CA  . VAL A 1 139 ? 4.365   -7.601  -6.867  1.00 25.20 ? 139 VAL A CA  1 
ATOM   1135 C  C   . VAL A 1 139 ? 3.438   -8.735  -6.449  1.00 27.17 ? 139 VAL A C   1 
ATOM   1136 O  O   . VAL A 1 139 ? 2.487   -9.072  -7.164  1.00 21.98 ? 139 VAL A O   1 
ATOM   1137 C  CB  . VAL A 1 139 ? 5.652   -8.116  -7.532  1.00 29.23 ? 139 VAL A CB  1 
ATOM   1138 C  CG1 . VAL A 1 139 ? 5.379   -9.369  -8.361  1.00 27.90 ? 139 VAL A CG1 1 
ATOM   1139 C  CG2 . VAL A 1 139 ? 6.237   -7.013  -8.416  1.00 29.75 ? 139 VAL A CG2 1 
ATOM   1140 N  N   . ASP A 1 140 ? 3.678   -9.331  -5.273  1.00 24.56 ? 140 ASP A N   1 
ATOM   1141 C  CA  . ASP A 1 140 ? 2.772   -10.384 -4.818  1.00 22.73 ? 140 ASP A CA  1 
ATOM   1142 C  C   . ASP A 1 140 ? 1.373   -9.825  -4.584  1.00 21.42 ? 140 ASP A C   1 
ATOM   1143 O  O   . ASP A 1 140 ? 0.373   -10.468 -4.918  1.00 24.26 ? 140 ASP A O   1 
ATOM   1144 C  CB  . ASP A 1 140 ? 3.309   -11.033 -3.540  1.00 26.64 ? 140 ASP A CB  1 
ATOM   1145 C  CG  . ASP A 1 140 ? 4.531   -11.887 -3.787  1.00 31.36 ? 140 ASP A CG  1 
ATOM   1146 O  OD1 . ASP A 1 140 ? 4.837   -12.166 -4.962  1.00 33.50 ? 140 ASP A OD1 1 
ATOM   1147 O  OD2 . ASP A 1 140 ? 5.194   -12.289 -2.799  1.00 32.52 ? 140 ASP A OD2 1 
ATOM   1148 N  N   . SER A 1 141 ? 1.290   -8.623  -4.018  1.00 22.57 ? 141 SER A N   1 
ATOM   1149 C  CA  A SER A 1 141 ? -0.002  -8.005  -3.733  0.30 24.57 ? 141 SER A CA  1 
ATOM   1150 C  CA  B SER A 1 141 ? -0.015  -8.029  -3.737  0.70 24.62 ? 141 SER A CA  1 
ATOM   1151 C  C   . SER A 1 141 ? -0.767  -7.721  -5.018  1.00 29.28 ? 141 SER A C   1 
ATOM   1152 O  O   . SER A 1 141 ? -1.986  -7.936  -5.093  1.00 24.58 ? 141 SER A O   1 
ATOM   1153 C  CB  A SER A 1 141 ? 0.216   -6.715  -2.938  0.30 22.91 ? 141 SER A CB  1 
ATOM   1154 C  CB  B SER A 1 141 ? 0.146   -6.764  -2.898  0.70 22.71 ? 141 SER A CB  1 
ATOM   1155 O  OG  A SER A 1 141 ? -0.992  -6.200  -2.415  0.30 26.81 ? 141 SER A OG  1 
ATOM   1156 O  OG  B SER A 1 141 ? 0.695   -7.094  -1.644  0.70 23.60 ? 141 SER A OG  1 
ATOM   1157 N  N   . ILE A 1 142 ? -0.062  -7.240  -6.039  1.00 24.62 ? 142 ILE A N   1 
ATOM   1158 C  CA  . ILE A 1 142 ? -0.711  -6.948  -7.314  1.00 23.78 ? 142 ILE A CA  1 
ATOM   1159 C  C   . ILE A 1 142 ? -1.199  -8.236  -7.974  1.00 21.60 ? 142 ILE A C   1 
ATOM   1160 O  O   . ILE A 1 142 ? -2.327  -8.298  -8.479  1.00 25.04 ? 142 ILE A O   1 
ATOM   1161 C  CB  . ILE A 1 142 ? 0.250   -6.147  -8.215  1.00 25.19 ? 142 ILE A CB  1 
ATOM   1162 C  CG1 . ILE A 1 142 ? 0.447   -4.741  -7.632  1.00 23.86 ? 142 ILE A CG1 1 
ATOM   1163 C  CG2 . ILE A 1 142 ? -0.270  -6.069  -9.645  1.00 25.36 ? 142 ILE A CG2 1 
ATOM   1164 C  CD1 . ILE A 1 142 ? 1.702   -4.023  -8.130  1.00 26.15 ? 142 ILE A CD1 1 
ATOM   1165 N  N   . LYS A 1 143 ? -0.390  -9.297  -7.945  1.00 22.03 ? 143 LYS A N   1 
ATOM   1166 C  CA  . LYS A 1 143 ? -0.867  -10.573 -8.480  1.00 24.37 ? 143 LYS A CA  1 
ATOM   1167 C  C   . LYS A 1 143 ? -2.087  -11.073 -7.712  1.00 24.09 ? 143 LYS A C   1 
ATOM   1168 O  O   . LYS A 1 143 ? -3.066  -11.541 -8.314  1.00 23.72 ? 143 LYS A O   1 
ATOM   1169 C  CB  . LYS A 1 143 ? 0.250   -11.617 -8.448  1.00 21.18 ? 143 LYS A CB  1 
ATOM   1170 C  CG  . LYS A 1 143 ? -0.195  -13.011 -8.915  1.00 23.19 ? 143 LYS A CG  1 
ATOM   1171 C  CD  . LYS A 1 143 ? -0.568  -13.026 -10.403 1.00 23.51 ? 143 LYS A CD  1 
ATOM   1172 C  CE  . LYS A 1 143 ? -0.517  -14.434 -10.987 1.00 21.39 ? 143 LYS A CE  1 
ATOM   1173 N  NZ  . LYS A 1 143 ? -1.427  -15.384 -10.248 1.00 25.20 ? 143 LYS A NZ  1 
ATOM   1174 N  N   . LYS A 1 144 ? -2.052  -10.983 -6.379  1.00 20.90 ? 144 LYS A N   1 
ATOM   1175 C  CA  . LYS A 1 144 ? -3.190  -11.444 -5.596  1.00 24.19 ? 144 LYS A CA  1 
ATOM   1176 C  C   . LYS A 1 144 ? -4.460  -10.690 -5.964  1.00 26.68 ? 144 LYS A C   1 
ATOM   1177 O  O   . LYS A 1 144 ? -5.514  -11.299 -6.172  1.00 25.16 ? 144 LYS A O   1 
ATOM   1178 C  CB  . LYS A 1 144 ? -2.929  -11.310 -4.094  1.00 23.41 ? 144 LYS A CB  1 
ATOM   1179 C  CG  . LYS A 1 144 ? -4.122  -11.865 -3.303  1.00 25.79 ? 144 LYS A CG  1 
ATOM   1180 C  CD  . LYS A 1 144 ? -3.790  -12.274 -1.867  1.00 46.57 ? 144 LYS A CD  1 
ATOM   1181 C  CE  . LYS A 1 144 ? -3.336  -13.737 -1.815  1.00 63.25 ? 144 LYS A CE  1 
ATOM   1182 N  NZ  . LYS A 1 144 ? -3.060  -14.229 -0.420  1.00 66.70 ? 144 LYS A NZ  1 
ATOM   1183 N  N   . ILE A 1 145 ? -4.383  -9.358  -6.022  1.00 24.25 ? 145 ILE A N   1 
ATOM   1184 C  CA  . ILE A 1 145 ? -5.570  -8.564  -6.328  1.00 23.89 ? 145 ILE A CA  1 
ATOM   1185 C  C   . ILE A 1 145 ? -6.034  -8.835  -7.762  1.00 21.14 ? 145 ILE A C   1 
ATOM   1186 O  O   . ILE A 1 145 ? -7.234  -8.943  -8.028  1.00 24.72 ? 145 ILE A O   1 
ATOM   1187 C  CB  . ILE A 1 145 ? -5.272  -7.078  -6.074  1.00 27.33 ? 145 ILE A CB  1 
ATOM   1188 C  CG1 . ILE A 1 145 ? -5.004  -6.854  -4.571  1.00 22.65 ? 145 ILE A CG1 1 
ATOM   1189 C  CG2 . ILE A 1 145 ? -6.421  -6.187  -6.596  1.00 24.34 ? 145 ILE A CG2 1 
ATOM   1190 C  CD1 . ILE A 1 145 ? -4.388  -5.515  -4.275  1.00 26.26 ? 145 ILE A CD1 1 
ATOM   1191 N  N   . GLY A 1 146 ? -5.096  -8.982  -8.695  1.00 23.36 ? 146 GLY A N   1 
ATOM   1192 C  CA  . GLY A 1 146 ? -5.470  -9.389  -10.046 1.00 24.99 ? 146 GLY A CA  1 
ATOM   1193 C  C   . GLY A 1 146 ? -6.214  -10.712 -10.072 1.00 25.84 ? 146 GLY A C   1 
ATOM   1194 O  O   . GLY A 1 146 ? -7.246  -10.840 -10.730 1.00 23.31 ? 146 GLY A O   1 
ATOM   1195 N  N   . ASP A 1 147 ? -5.689  -11.717 -9.354  1.00 21.29 ? 147 ASP A N   1 
ATOM   1196 C  CA  . ASP A 1 147 ? -6.368  -13.003 -9.228  1.00 24.59 ? 147 ASP A CA  1 
ATOM   1197 C  C   . ASP A 1 147 ? -7.787  -12.827 -8.694  1.00 21.41 ? 147 ASP A C   1 
ATOM   1198 O  O   . ASP A 1 147 ? -8.732  -13.438 -9.206  1.00 21.46 ? 147 ASP A O   1 
ATOM   1199 C  CB  . ASP A 1 147 ? -5.592  -13.927 -8.276  1.00 25.36 ? 147 ASP A CB  1 
ATOM   1200 C  CG  . ASP A 1 147 ? -4.342  -14.524 -8.895  1.00 28.60 ? 147 ASP A CG  1 
ATOM   1201 O  OD1 . ASP A 1 147 ? -4.028  -14.249 -10.072 1.00 24.88 ? 147 ASP A OD1 1 
ATOM   1202 O  OD2 . ASP A 1 147 ? -3.630  -15.236 -8.155  1.00 29.88 ? 147 ASP A OD2 1 
ATOM   1203 N  N   . MET A 1 148 ? -7.938  -12.028 -7.623  1.00 22.09 ? 148 MET A N   1 
ATOM   1204 C  CA  . MET A 1 148 ? -9.252  -11.813 -7.003  1.00 22.50 ? 148 MET A CA  1 
ATOM   1205 C  C   . MET A 1 148 ? -10.230 -11.172 -7.973  1.00 24.59 ? 148 MET A C   1 
ATOM   1206 O  O   . MET A 1 148 ? -11.413 -11.549 -8.020  1.00 23.93 ? 148 MET A O   1 
ATOM   1207 C  CB  . MET A 1 148 ? -9.108  -10.946 -5.748  1.00 21.40 ? 148 MET A CB  1 
ATOM   1208 C  CG  . MET A 1 148 ? -8.159  -11.542 -4.693  1.00 24.17 ? 148 MET A CG  1 
ATOM   1209 S  SD  . MET A 1 148 ? -7.914  -10.534 -3.222  1.00 25.90 ? 148 MET A SD  1 
ATOM   1210 C  CE  . MET A 1 148 ? -9.567  -10.020 -2.776  1.00 24.44 ? 148 MET A CE  1 
ATOM   1211 N  N   . ILE A 1 149 ? -9.763  -10.193 -8.742  1.00 23.45 ? 149 ILE A N   1 
ATOM   1212 C  CA  . ILE A 1 149 ? -10.633 -9.551  -9.726  1.00 24.21 ? 149 ILE A CA  1 
ATOM   1213 C  C   . ILE A 1 149 ? -11.116 -10.574 -10.749 1.00 25.91 ? 149 ILE A C   1 
ATOM   1214 O  O   . ILE A 1 149 ? -12.314 -10.664 -11.052 1.00 26.27 ? 149 ILE A O   1 
ATOM   1215 C  CB  . ILE A 1 149 ? -9.898  -8.372  -10.387 1.00 27.57 ? 149 ILE A CB  1 
ATOM   1216 C  CG1 . ILE A 1 149 ? -9.740  -7.246  -9.373  1.00 25.76 ? 149 ILE A CG1 1 
ATOM   1217 C  CG2 . ILE A 1 149 ? -10.633 -7.914  -11.665 1.00 26.47 ? 149 ILE A CG2 1 
ATOM   1218 C  CD1 . ILE A 1 149 ? -8.838  -6.121  -9.845  1.00 25.87 ? 149 ILE A CD1 1 
ATOM   1219 N  N   . THR A 1 150 ? -10.195 -11.388 -11.268 1.00 24.67 ? 150 THR A N   1 
ATOM   1220 C  CA  . THR A 1 150 ? -10.580 -12.432 -12.216 1.00 23.36 ? 150 THR A CA  1 
ATOM   1221 C  C   . THR A 1 150 ? -11.554 -13.425 -11.594 1.00 26.21 ? 150 THR A C   1 
ATOM   1222 O  O   . THR A 1 150 ? -12.542 -13.819 -12.228 1.00 25.76 ? 150 THR A O   1 
ATOM   1223 C  CB  . THR A 1 150 ? -9.340  -13.155 -12.715 1.00 25.10 ? 150 THR A CB  1 
ATOM   1224 O  OG1 . THR A 1 150 ? -8.527  -12.241 -13.451 1.00 24.99 ? 150 THR A OG1 1 
ATOM   1225 C  CG2 . THR A 1 150 ? -9.722  -14.348 -13.585 1.00 22.10 ? 150 THR A CG2 1 
ATOM   1226 N  N   . LYS A 1 151 ? -11.289 -13.847 -10.355 1.00 23.36 ? 151 LYS A N   1 
ATOM   1227 C  CA  . LYS A 1 151 ? -12.181 -14.783 -9.677  1.00 23.86 ? 151 LYS A CA  1 
ATOM   1228 C  C   . LYS A 1 151 ? -13.556 -14.170 -9.438  1.00 25.12 ? 151 LYS A C   1 
ATOM   1229 O  O   . LYS A 1 151 ? -14.589 -14.840 -9.603  1.00 24.96 ? 151 LYS A O   1 
ATOM   1230 C  CB  . LYS A 1 151 ? -11.583 -15.203 -8.341  1.00 24.95 ? 151 LYS A CB  1 
ATOM   1231 C  CG  . LYS A 1 151 ? -10.381 -16.155 -8.413  1.00 25.79 ? 151 LYS A CG  1 
ATOM   1232 C  CD  . LYS A 1 151 ? -9.882  -16.357 -6.973  1.00 27.30 ? 151 LYS A CD  1 
ATOM   1233 C  CE  . LYS A 1 151 ? -8.743  -17.348 -6.883  1.00 33.13 ? 151 LYS A CE  1 
ATOM   1234 N  NZ  . LYS A 1 151 ? -8.451  -17.651 -5.436  1.00 37.68 ? 151 LYS A NZ  1 
ATOM   1235 N  N   . LEU A 1 152 ? -13.592 -12.904 -9.022  1.00 22.30 ? 152 LEU A N   1 
ATOM   1236 C  CA  . LEU A 1 152 ? -14.876 -12.263 -8.759  1.00 22.64 ? 152 LEU A CA  1 
ATOM   1237 C  C   . LEU A 1 152 ? -15.678 -12.092 -10.044 1.00 24.74 ? 152 LEU A C   1 
ATOM   1238 O  O   . LEU A 1 152 ? -16.901 -12.301 -10.056 1.00 24.61 ? 152 LEU A O   1 
ATOM   1239 C  CB  . LEU A 1 152 ? -14.652 -10.915 -8.073  1.00 20.91 ? 152 LEU A CB  1 
ATOM   1240 C  CG  . LEU A 1 152 ? -15.909 -10.085 -7.760  1.00 22.27 ? 152 LEU A CG  1 
ATOM   1241 C  CD1 . LEU A 1 152 ? -16.913 -10.877 -6.922  1.00 24.39 ? 152 LEU A CD1 1 
ATOM   1242 C  CD2 . LEU A 1 152 ? -15.530 -8.799  -7.065  1.00 23.44 ? 152 LEU A CD2 1 
ATOM   1243 N  N   . LYS A 1 153 ? -15.014 -11.696 -11.135 1.00 25.81 ? 153 LYS A N   1 
ATOM   1244 C  CA  . LYS A 1 153 ? -15.709 -11.605 -12.418 1.00 23.54 ? 153 LYS A CA  1 
ATOM   1245 C  C   . LYS A 1 153 ? -16.282 -12.950 -12.841 1.00 30.73 ? 153 LYS A C   1 
ATOM   1246 O  O   . LYS A 1 153 ? -17.381 -13.009 -13.407 1.00 24.75 ? 153 LYS A O   1 
ATOM   1247 C  CB  . LYS A 1 153 ? -14.781 -11.059 -13.509 1.00 26.44 ? 153 LYS A CB  1 
ATOM   1248 C  CG  . LYS A 1 153 ? -14.435 -9.591  -13.356 1.00 29.35 ? 153 LYS A CG  1 
ATOM   1249 C  CD  . LYS A 1 153 ? -13.409 -9.120  -14.402 1.00 27.08 ? 153 LYS A CD  1 
ATOM   1250 C  CE  . LYS A 1 153 ? -13.309 -7.587  -14.391 1.00 35.67 ? 153 LYS A CE  1 
ATOM   1251 N  NZ  . LYS A 1 153 ? -12.295 -7.044  -15.351 1.00 34.98 ? 153 LYS A NZ  1 
ATOM   1252 N  N   . ARG A 1 154 ? -15.551 -14.041 -12.590 1.00 28.12 ? 154 ARG A N   1 
ATOM   1253 C  CA  . ARG A 1 154 ? -16.090 -15.370 -12.875 1.00 28.47 ? 154 ARG A CA  1 
ATOM   1254 C  C   . ARG A 1 154 ? -17.244 -15.705 -11.945 1.00 25.35 ? 154 ARG A C   1 
ATOM   1255 O  O   . ARG A 1 154 ? -18.287 -16.204 -12.383 1.00 25.18 ? 154 ARG A O   1 
ATOM   1256 C  CB  . ARG A 1 154 ? -15.003 -16.439 -12.734 1.00 27.12 ? 154 ARG A CB  1 
ATOM   1257 C  CG  . ARG A 1 154 ? -15.504 -17.835 -13.080 1.00 24.03 ? 154 ARG A CG  1 
ATOM   1258 C  CD  . ARG A 1 154 ? -14.381 -18.853 -12.988 1.00 27.19 ? 154 ARG A CD  1 
ATOM   1259 N  NE  . ARG A 1 154 ? -13.448 -18.653 -14.084 1.00 31.14 ? 154 ARG A NE  1 
ATOM   1260 C  CZ  . ARG A 1 154 ? -12.189 -18.244 -13.928 1.00 27.76 ? 154 ARG A CZ  1 
ATOM   1261 N  NH1 . ARG A 1 154 ? -11.703 -17.993 -12.710 1.00 28.12 ? 154 ARG A NH1 1 
ATOM   1262 N  NH2 . ARG A 1 154 ? -11.419 -18.076 -14.992 1.00 28.68 ? 154 ARG A NH2 1 
ATOM   1263 N  N   . ALA A 1 155 ? -17.059 -15.463 -10.644 1.00 24.50 ? 155 ALA A N   1 
ATOM   1264 C  CA  . ALA A 1 155 ? -18.068 -15.830 -9.658  1.00 23.73 ? 155 ALA A CA  1 
ATOM   1265 C  C   . ALA A 1 155 ? -19.360 -15.053 -9.873  1.00 27.76 ? 155 ALA A C   1 
ATOM   1266 O  O   . ALA A 1 155 ? -20.460 -15.613 -9.754  1.00 27.34 ? 155 ALA A O   1 
ATOM   1267 C  CB  . ALA A 1 155 ? -17.531 -15.571 -8.251  1.00 25.80 ? 155 ALA A CB  1 
ATOM   1268 N  N   . GLY A 1 156 ? -19.240 -13.757 -10.166 1.00 27.19 ? 156 GLY A N   1 
ATOM   1269 C  CA  . GLY A 1 156 ? -20.371 -12.858 -10.240 1.00 30.07 ? 156 GLY A CA  1 
ATOM   1270 C  C   . GLY A 1 156 ? -20.250 -11.996 -11.471 1.00 31.77 ? 156 GLY A C   1 
ATOM   1271 O  O   . GLY A 1 156 ? -20.420 -12.477 -12.598 1.00 33.68 ? 156 GLY A O   1 
ATOM   1272 N  N   . PRO A 1 157 ? -19.853 -10.722 -11.302 1.00 27.45 ? 157 PRO A N   1 
ATOM   1273 C  CA  . PRO A 1 157 ? -19.352 -10.089 -10.079 1.00 26.20 ? 157 PRO A CA  1 
ATOM   1274 C  C   . PRO A 1 157 ? -20.381 -9.367  -9.198  1.00 34.70 ? 157 PRO A C   1 
ATOM   1275 O  O   . PRO A 1 157 ? -19.963 -8.765  -8.222  1.00 34.71 ? 157 PRO A O   1 
ATOM   1276 C  CB  . PRO A 1 157 ? -18.348 -9.074  -10.626 1.00 27.64 ? 157 PRO A CB  1 
ATOM   1277 C  CG  . PRO A 1 157 ? -18.949 -8.641  -11.939 1.00 32.17 ? 157 PRO A CG  1 
ATOM   1278 C  CD  . PRO A 1 157 ? -19.706 -9.835  -12.476 1.00 29.18 ? 157 PRO A CD  1 
ATOM   1279 N  N   . HIS A 1 158 ? -21.671 -9.415  -9.516  1.00 30.81 ? 158 HIS A N   1 
ATOM   1280 C  CA  . HIS A 1 158 ? -22.696 -8.801  -8.676  1.00 28.54 ? 158 HIS A CA  1 
ATOM   1281 C  C   . HIS A 1 158 ? -23.575 -9.865  -8.036  1.00 26.44 ? 158 HIS A C   1 
ATOM   1282 O  O   . HIS A 1 158 ? -23.529 -11.041 -8.401  1.00 35.48 ? 158 HIS A O   1 
ATOM   1283 C  CB  . HIS A 1 158 ? -23.563 -7.840  -9.491  1.00 34.15 ? 158 HIS A CB  1 
ATOM   1284 C  CG  . HIS A 1 158 ? -22.777 -6.904  -10.344 1.00 40.85 ? 158 HIS A CG  1 
ATOM   1285 N  ND1 . HIS A 1 158 ? -22.078 -5.840  -9.818  1.00 45.78 ? 158 HIS A ND1 1 
ATOM   1286 C  CD2 . HIS A 1 158 ? -22.549 -6.886  -11.678 1.00 41.33 ? 158 HIS A CD2 1 
ATOM   1287 C  CE1 . HIS A 1 158 ? -21.469 -5.192  -10.797 1.00 52.83 ? 158 HIS A CE1 1 
ATOM   1288 N  NE2 . HIS A 1 158 ? -21.739 -5.805  -11.935 1.00 47.65 ? 158 HIS A NE2 1 
ATOM   1289 N  N   . GLY A 1 159 ? -24.403 -9.419  -7.089  1.00 28.58 ? 159 GLY A N   1 
ATOM   1290 C  CA  . GLY A 1 159 ? -25.486 -10.249 -6.588  1.00 29.34 ? 159 GLY A CA  1 
ATOM   1291 C  C   . GLY A 1 159 ? -25.008 -11.554 -5.988  1.00 27.67 ? 159 GLY A C   1 
ATOM   1292 O  O   . GLY A 1 159 ? -24.105 -11.583 -5.146  1.00 28.20 ? 159 GLY A O   1 
ATOM   1293 N  N   . HIS A 1 160 ? -25.642 -12.651 -6.423  1.00 26.53 ? 160 HIS A N   1 
ATOM   1294 C  CA  . HIS A 1 160 ? -25.380 -13.981 -5.871  1.00 25.27 ? 160 HIS A CA  1 
ATOM   1295 C  C   . HIS A 1 160 ? -23.898 -14.330 -5.886  1.00 27.43 ? 160 HIS A C   1 
ATOM   1296 O  O   . HIS A 1 160 ? -23.351 -14.822 -4.889  1.00 27.12 ? 160 HIS A O   1 
ATOM   1297 C  CB  . HIS A 1 160 ? -26.169 -15.024 -6.666  1.00 27.32 ? 160 HIS A CB  1 
ATOM   1298 C  CG  . HIS A 1 160 ? -25.900 -16.446 -6.263  1.00 25.65 ? 160 HIS A CG  1 
ATOM   1299 N  ND1 . HIS A 1 160 ? -26.243 -16.955 -5.033  1.00 26.72 ? 160 HIS A ND1 1 
ATOM   1300 C  CD2 . HIS A 1 160 ? -25.291 -17.458 -6.934  1.00 24.26 ? 160 HIS A CD2 1 
ATOM   1301 C  CE1 . HIS A 1 160 ? -25.877 -18.229 -4.969  1.00 29.84 ? 160 HIS A CE1 1 
ATOM   1302 N  NE2 . HIS A 1 160 ? -25.295 -18.556 -6.110  1.00 26.91 ? 160 HIS A NE2 1 
ATOM   1303 N  N   . GLY A 1 161 ? -23.237 -14.112 -7.020  1.00 25.10 ? 161 GLY A N   1 
ATOM   1304 C  CA  . GLY A 1 161 ? -21.835 -14.473 -7.124  1.00 22.41 ? 161 GLY A CA  1 
ATOM   1305 C  C   . GLY A 1 161 ? -20.932 -13.654 -6.219  1.00 23.37 ? 161 GLY A C   1 
ATOM   1306 O  O   . GLY A 1 161 ? -19.941 -14.170 -5.691  1.00 25.20 ? 161 GLY A O   1 
ATOM   1307 N  N   . GLU A 1 162 ? -21.225 -12.360 -6.066  1.00 23.80 ? 162 GLU A N   1 
ATOM   1308 C  CA  . GLU A 1 162 ? -20.480 -11.536 -5.115  1.00 24.96 ? 162 GLU A CA  1 
ATOM   1309 C  C   . GLU A 1 162 ? -20.666 -12.038 -3.689  1.00 29.35 ? 162 GLU A C   1 
ATOM   1310 O  O   . GLU A 1 162 ? -19.712 -12.067 -2.895  1.00 24.44 ? 162 GLU A O   1 
ATOM   1311 C  CB  . GLU A 1 162 ? -20.930 -10.076 -5.196  1.00 25.71 ? 162 GLU A CB  1 
ATOM   1312 C  CG  . GLU A 1 162 ? -20.072 -9.100  -4.369  1.00 27.12 ? 162 GLU A CG  1 
ATOM   1313 C  CD  . GLU A 1 162 ? -20.603 -7.664  -4.380  1.00 28.15 ? 162 GLU A CD  1 
ATOM   1314 O  OE1 . GLU A 1 162 ? -21.819 -7.484  -4.168  1.00 31.01 ? 162 GLU A OE1 1 
ATOM   1315 O  OE2 . GLU A 1 162 ? -19.811 -6.714  -4.597  1.00 31.94 ? 162 GLU A OE2 1 
ATOM   1316 N  N   . TYR A 1 163 ? -21.905 -12.372 -3.329  1.00 25.24 ? 163 TYR A N   1 
ATOM   1317 C  CA  . TYR A 1 163 ? -22.154 -12.975 -2.025  1.00 27.18 ? 163 TYR A CA  1 
ATOM   1318 C  C   . TYR A 1 163 ? -21.318 -14.238 -1.848  1.00 27.55 ? 163 TYR A C   1 
ATOM   1319 O  O   . TYR A 1 163 ? -20.675 -14.426 -0.804  1.00 24.71 ? 163 TYR A O   1 
ATOM   1320 C  CB  . TYR A 1 163 ? -23.655 -13.263 -1.861  1.00 24.01 ? 163 TYR A CB  1 
ATOM   1321 C  CG  . TYR A 1 163 ? -23.991 -14.074 -0.635  1.00 23.54 ? 163 TYR A CG  1 
ATOM   1322 C  CD1 . TYR A 1 163 ? -24.096 -13.477 0.617   1.00 23.62 ? 163 TYR A CD1 1 
ATOM   1323 C  CD2 . TYR A 1 163 ? -24.164 -15.448 -0.725  1.00 25.71 ? 163 TYR A CD2 1 
ATOM   1324 C  CE1 . TYR A 1 163 ? -24.387 -14.236 1.754   1.00 26.89 ? 163 TYR A CE1 1 
ATOM   1325 C  CE2 . TYR A 1 163 ? -24.457 -16.212 0.397   1.00 28.97 ? 163 TYR A CE2 1 
ATOM   1326 C  CZ  . TYR A 1 163 ? -24.569 -15.611 1.628   1.00 27.66 ? 163 TYR A CZ  1 
ATOM   1327 O  OH  . TYR A 1 163 ? -24.852 -16.402 2.731   1.00 29.52 ? 163 TYR A OH  1 
ATOM   1328 N  N   . MET A 1 164 ? -21.259 -15.099 -2.870  1.00 26.21 ? 164 MET A N   1 
ATOM   1329 C  CA  . MET A 1 164 ? -20.568 -16.350 -2.605  1.00 27.55 ? 164 MET A CA  1 
ATOM   1330 C  C   . MET A 1 164 ? -19.057 -16.129 -2.594  1.00 28.39 ? 164 MET A C   1 
ATOM   1331 O  O   . MET A 1 164 ? -18.339 -16.723 -1.775  1.00 26.03 ? 164 MET A O   1 
ATOM   1332 C  CB  . MET A 1 164 ? -20.912 -17.424 -3.636  1.00 27.81 ? 164 MET A CB  1 
ATOM   1333 C  CG  . MET A 1 164 ? -22.379 -17.810 -3.631  1.00 24.35 ? 164 MET A CG  1 
ATOM   1334 S  SD  . MET A 1 164 ? -22.889 -18.505 -2.060  1.00 28.41 ? 164 MET A SD  1 
ATOM   1335 C  CE  . MET A 1 164 ? -22.242 -20.131 -2.194  1.00 34.58 ? 164 MET A CE  1 
ATOM   1336 N  N   . PHE A 1 165 ? -18.560 -15.280 -3.502  1.00 19.75 ? 165 PHE A N   1 
ATOM   1337 C  CA  . PHE A 1 165 ? -17.135 -14.940 -3.525  1.00 22.23 ? 165 PHE A CA  1 
ATOM   1338 C  C   . PHE A 1 165 ? -16.699 -14.336 -2.199  1.00 28.94 ? 165 PHE A C   1 
ATOM   1339 O  O   . PHE A 1 165 ? -15.602 -14.614 -1.712  1.00 27.47 ? 165 PHE A O   1 
ATOM   1340 C  CB  . PHE A 1 165 ? -16.834 -13.952 -4.652  1.00 24.02 ? 165 PHE A CB  1 
ATOM   1341 C  CG  . PHE A 1 165 ? -15.419 -13.427 -4.640  1.00 23.96 ? 165 PHE A CG  1 
ATOM   1342 C  CD1 . PHE A 1 165 ? -14.419 -14.107 -5.299  1.00 25.21 ? 165 PHE A CD1 1 
ATOM   1343 C  CD2 . PHE A 1 165 ? -15.099 -12.256 -3.973  1.00 27.84 ? 165 PHE A CD2 1 
ATOM   1344 C  CE1 . PHE A 1 165 ? -13.124 -13.638 -5.297  1.00 25.65 ? 165 PHE A CE1 1 
ATOM   1345 C  CE2 . PHE A 1 165 ? -13.808 -11.774 -3.962  1.00 27.12 ? 165 PHE A CE2 1 
ATOM   1346 C  CZ  . PHE A 1 165 ? -12.812 -12.470 -4.620  1.00 22.98 ? 165 PHE A CZ  1 
ATOM   1347 N  N   . ASP A 1 166 ? -17.537 -13.475 -1.620  1.00 23.84 ? 166 ASP A N   1 
ATOM   1348 C  CA  . ASP A 1 166 ? -17.221 -12.858 -0.336  1.00 25.90 ? 166 ASP A CA  1 
ATOM   1349 C  C   . ASP A 1 166 ? -16.920 -13.895 0.750   1.00 29.11 ? 166 ASP A C   1 
ATOM   1350 O  O   . ASP A 1 166 ? -16.049 -13.664 1.600   1.00 27.48 ? 166 ASP A O   1 
ATOM   1351 C  CB  . ASP A 1 166 ? -18.375 -11.959 0.091   1.00 22.16 ? 166 ASP A CB  1 
ATOM   1352 C  CG  . ASP A 1 166 ? -18.086 -11.244 1.375   1.00 28.26 ? 166 ASP A CG  1 
ATOM   1353 O  OD1 . ASP A 1 166 ? -17.257 -10.307 1.381   1.00 26.16 ? 166 ASP A OD1 1 
ATOM   1354 O  OD2 . ASP A 1 166 ? -18.677 -11.646 2.390   1.00 26.34 ? 166 ASP A OD2 1 
ATOM   1355 N  N   . LYS A 1 167 ? -17.612 -15.041 0.737   1.00 30.60 ? 167 LYS A N   1 
ATOM   1356 C  CA  . LYS A 1 167 ? -17.292 -16.105 1.698   1.00 34.80 ? 167 LYS A CA  1 
ATOM   1357 C  C   . LYS A 1 167 ? -15.886 -16.672 1.514   1.00 43.00 ? 167 LYS A C   1 
ATOM   1358 O  O   . LYS A 1 167 ? -15.233 -17.033 2.502   1.00 43.87 ? 167 LYS A O   1 
ATOM   1359 C  CB  . LYS A 1 167 ? -18.316 -17.229 1.632   1.00 39.97 ? 167 LYS A CB  1 
ATOM   1360 C  CG  . LYS A 1 167 ? -19.728 -16.823 1.884   1.00 35.02 ? 167 LYS A CG  1 
ATOM   1361 C  CD  . LYS A 1 167 ? -20.505 -18.086 2.235   1.00 51.96 ? 167 LYS A CD  1 
ATOM   1362 C  CE  . LYS A 1 167 ? -21.992 -17.933 2.073   1.00 42.74 ? 167 LYS A CE  1 
ATOM   1363 N  NZ  . LYS A 1 167 ? -22.640 -19.261 1.779   1.00 61.63 ? 167 LYS A NZ  1 
ATOM   1364 N  N   . GLU A 1 168 ? -15.410 -16.793 0.268   1.00 42.11 ? 168 GLU A N   1 
ATOM   1365 C  CA  . GLU A 1 168 ? -13.998 -17.119 0.031   1.00 46.35 ? 168 GLU A CA  1 
ATOM   1366 C  C   . GLU A 1 168 ? -13.038 -16.242 0.830   1.00 47.56 ? 168 GLU A C   1 
ATOM   1367 O  O   . GLU A 1 168 ? -12.054 -16.741 1.386   1.00 42.14 ? 168 GLU A O   1 
ATOM   1368 C  CB  . GLU A 1 168 ? -13.652 -17.018 -1.465  1.00 56.26 ? 168 GLU A CB  1 
ATOM   1369 C  CG  . GLU A 1 168 ? -12.139 -17.170 -1.728  1.00 58.20 ? 168 GLU A CG  1 
ATOM   1370 C  CD  . GLU A 1 168 ? -11.685 -17.111 -3.204  1.00 48.48 ? 168 GLU A CD  1 
ATOM   1371 O  OE1 . GLU A 1 168 ? -12.512 -17.042 -4.145  1.00 34.54 ? 168 GLU A OE1 1 
ATOM   1372 O  OE2 . GLU A 1 168 ? -10.447 -17.052 -3.404  1.00 46.81 ? 168 GLU A OE2 1 
ATOM   1373 N  N   . LEU A 1 169 ? -13.275 -14.930 0.858   1.00 35.56 ? 169 LEU A N   1 
ATOM   1374 C  CA  . LEU A 1 169 ? -12.401 -14.028 1.596   1.00 36.90 ? 169 LEU A CA  1 
ATOM   1375 C  C   . LEU A 1 169 ? -12.575 -14.122 3.103   1.00 39.84 ? 169 LEU A C   1 
ATOM   1376 O  O   . LEU A 1 169 ? -11.692 -13.669 3.842   1.00 45.07 ? 169 LEU A O   1 
ATOM   1377 C  CB  . LEU A 1 169 ? -12.671 -12.580 1.201   1.00 32.35 ? 169 LEU A CB  1 
ATOM   1378 C  CG  . LEU A 1 169 ? -12.382 -12.153 -0.217  1.00 37.06 ? 169 LEU A CG  1 
ATOM   1379 C  CD1 . LEU A 1 169 ? -12.596 -10.659 -0.272  1.00 28.79 ? 169 LEU A CD1 1 
ATOM   1380 C  CD2 . LEU A 1 169 ? -10.973 -12.513 -0.595  1.00 40.27 ? 169 LEU A CD2 1 
ATOM   1381 N  N   . ASN A 1 170 ? -13.712 -14.619 3.575   1.00 41.19 ? 170 ASN A N   1 
ATOM   1382 C  CA  . ASN A 1 170 ? -14.019 -14.555 4.999   1.00 43.53 ? 170 ASN A CA  1 
ATOM   1383 C  C   . ASN A 1 170 ? -13.301 -15.683 5.733   1.00 54.33 ? 170 ASN A C   1 
ATOM   1384 O  O   . ASN A 1 170 ? -13.530 -16.862 5.443   1.00 60.21 ? 170 ASN A O   1 
ATOM   1385 C  CB  . ASN A 1 170 ? -15.530 -14.634 5.226   1.00 36.07 ? 170 ASN A CB  1 
ATOM   1386 C  CG  . ASN A 1 170 ? -15.994 -13.798 6.423   1.00 41.89 ? 170 ASN A CG  1 
ATOM   1387 O  OD1 . ASN A 1 170 ? -15.187 -13.186 7.121   1.00 47.21 ? 170 ASN A OD1 1 
ATOM   1388 N  ND2 . ASN A 1 170 ? -17.302 -13.798 6.676   1.00 51.65 ? 170 ASN A ND2 1 
ATOM   1389 O  OXT . ASN A 1 170 ? -12.474 -15.433 6.615   1.00 55.55 ? 170 ASN A OXT 1 
HETATM 1390 NI NI  . NI  B 2 .   ? -24.917 -20.410 -7.051  0.25 27.60 ? 201 NI  A NI  1 
HETATM 1391 NI NI  . NI  C 2 .   ? -20.536 2.625   -9.437  0.50 75.43 ? 202 NI  A NI  1 
HETATM 1392 FE FE  . FE  D 3 .   ? 2.722   -0.398  1.080   1.00 28.52 ? 203 FE  A FE  1 
HETATM 1393 FE FE  . FE  E 3 .   ? 0.126   -5.742  -0.046  1.00 37.34 ? 204 FE  A FE  1 
HETATM 1394 O  O   . HOH F 4 .   ? -1.120  -7.388  0.873   1.00 31.58 ? 301 HOH A O   1 
HETATM 1395 O  O   . HOH F 4 .   ? 18.555  15.197  7.962   1.00 30.84 ? 302 HOH A O   1 
HETATM 1396 O  O   . HOH F 4 .   ? -18.655 -1.406  11.294  1.00 28.19 ? 303 HOH A O   1 
HETATM 1397 O  O   . HOH F 4 .   ? 1.940   -1.486  -0.361  1.00 34.04 ? 304 HOH A O   1 
HETATM 1398 O  O   . HOH F 4 .   ? -5.448  -0.105  10.265  1.00 36.45 ? 305 HOH A O   1 
HETATM 1399 O  O   . HOH F 4 .   ? 21.797  7.327   -0.354  1.00 27.63 ? 306 HOH A O   1 
HETATM 1400 O  O   . HOH F 4 .   ? -0.045  -4.743  1.812   1.00 37.80 ? 307 HOH A O   1 
HETATM 1401 O  O   . HOH F 4 .   ? 19.398  11.942  -6.014  1.00 45.38 ? 308 HOH A O   1 
HETATM 1402 O  O   . HOH F 4 .   ? 8.277   9.208   -6.606  1.00 41.35 ? 309 HOH A O   1 
HETATM 1403 O  O   . HOH F 4 .   ? -24.806 0.941   8.789   1.00 24.65 ? 310 HOH A O   1 
HETATM 1404 O  O   . HOH F 4 .   ? 0.971   -4.168  -0.968  1.00 30.87 ? 311 HOH A O   1 
HETATM 1405 O  O   . HOH F 4 .   ? -21.028 -12.721 1.949   1.00 29.76 ? 312 HOH A O   1 
HETATM 1406 O  O   . HOH F 4 .   ? -11.075 -4.671  -14.261 1.00 37.92 ? 313 HOH A O   1 
HETATM 1407 O  O   . HOH F 4 .   ? 14.653  14.885  6.890   1.00 29.53 ? 314 HOH A O   1 
HETATM 1408 O  O   . HOH F 4 .   ? -5.965  -18.402 -5.819  1.00 31.51 ? 315 HOH A O   1 
HETATM 1409 O  O   . HOH F 4 .   ? 6.313   11.481  5.780   1.00 27.42 ? 316 HOH A O   1 
HETATM 1410 O  O   . HOH F 4 .   ? 7.261   -13.857 -3.292  1.00 42.20 ? 317 HOH A O   1 
HETATM 1411 O  O   . HOH F 4 .   ? 16.321  0.933   -10.313 1.00 31.10 ? 318 HOH A O   1 
HETATM 1412 O  O   . HOH F 4 .   ? -13.997 -2.256  14.602  1.00 37.52 ? 319 HOH A O   1 
HETATM 1413 O  O   . HOH F 4 .   ? -19.313 5.153   3.203   1.00 33.29 ? 320 HOH A O   1 
HETATM 1414 O  O   . HOH F 4 .   ? -30.004 0.488   5.137   1.00 25.38 ? 321 HOH A O   1 
HETATM 1415 O  O   . HOH F 4 .   ? -15.337 -8.946  8.423   1.00 24.52 ? 322 HOH A O   1 
HETATM 1416 O  O   . HOH F 4 .   ? 5.310   -3.293  -0.046  1.00 34.32 ? 323 HOH A O   1 
HETATM 1417 O  O   . HOH F 4 .   ? 4.479   -0.552  -0.023  1.00 28.61 ? 324 HOH A O   1 
HETATM 1418 O  O   . HOH F 4 .   ? -4.581  -15.790 -5.688  1.00 36.07 ? 325 HOH A O   1 
HETATM 1419 O  O   . HOH F 4 .   ? 12.379  8.823   -5.665  1.00 21.12 ? 326 HOH A O   1 
HETATM 1420 O  O   . HOH F 4 .   ? -22.680 -4.989  -3.518  1.00 38.97 ? 327 HOH A O   1 
HETATM 1421 O  O   . HOH F 4 .   ? 7.923   -4.284  -7.365  1.00 25.62 ? 328 HOH A O   1 
HETATM 1422 O  O   . HOH F 4 .   ? -18.448 -6.842  -6.962  1.00 28.01 ? 329 HOH A O   1 
HETATM 1423 O  O   . HOH F 4 .   ? 29.409  9.940   18.467  1.00 31.19 ? 330 HOH A O   1 
HETATM 1424 O  O   . HOH F 4 .   ? -7.147  3.827   -6.714  1.00 34.19 ? 331 HOH A O   1 
HETATM 1425 O  O   . HOH F 4 .   ? 3.208   6.653   -8.440  1.00 34.16 ? 332 HOH A O   1 
HETATM 1426 O  O   . HOH F 4 .   ? 12.545  15.108  12.275  1.00 33.10 ? 333 HOH A O   1 
HETATM 1427 O  O   . HOH F 4 .   ? 23.510  3.086   10.891  1.00 24.91 ? 334 HOH A O   1 
HETATM 1428 O  O   . HOH F 4 .   ? 16.585  15.533  2.680   1.00 39.60 ? 335 HOH A O   1 
HETATM 1429 O  O   . HOH F 4 .   ? -13.014 1.262   -9.147  1.00 33.17 ? 336 HOH A O   1 
HETATM 1430 O  O   . HOH F 4 .   ? -11.275 11.522  9.587   1.00 25.25 ? 337 HOH A O   1 
HETATM 1431 O  O   . HOH F 4 .   ? 13.714  1.214   -10.598 1.00 39.94 ? 338 HOH A O   1 
HETATM 1432 O  O   . HOH F 4 .   ? -0.365  -16.375 -7.890  1.00 33.69 ? 339 HOH A O   1 
HETATM 1433 O  O   . HOH F 4 .   ? 23.577  5.858   7.096   1.00 26.00 ? 340 HOH A O   1 
HETATM 1434 O  O   . HOH F 4 .   ? 20.229  -2.671  8.190   1.00 31.86 ? 341 HOH A O   1 
HETATM 1435 O  O   . HOH F 4 .   ? 19.333  -6.646  -7.348  1.00 36.36 ? 342 HOH A O   1 
HETATM 1436 O  O   . HOH F 4 .   ? 9.081   8.982   -2.694  1.00 30.70 ? 343 HOH A O   1 
HETATM 1437 O  O   . HOH F 4 .   ? -22.780 -10.343 1.702   1.00 28.03 ? 344 HOH A O   1 
HETATM 1438 O  O   . HOH F 4 .   ? -2.872  -17.870 -8.727  1.00 39.82 ? 345 HOH A O   1 
HETATM 1439 O  O   . HOH F 4 .   ? 0.796   15.744  2.708   1.00 34.95 ? 346 HOH A O   1 
HETATM 1440 O  O   . HOH F 4 .   ? 24.193  7.703   -1.464  1.00 37.07 ? 347 HOH A O   1 
HETATM 1441 O  O   . HOH F 4 .   ? 3.164   -6.522  4.281   1.00 36.92 ? 348 HOH A O   1 
HETATM 1442 O  O   . HOH F 4 .   ? 28.446  10.406  10.711  1.00 38.60 ? 349 HOH A O   1 
HETATM 1443 O  O   . HOH F 4 .   ? 0.461   -13.277 -4.933  1.00 27.91 ? 350 HOH A O   1 
HETATM 1444 O  O   . HOH F 4 .   ? -13.003 -13.887 -15.006 1.00 28.73 ? 351 HOH A O   1 
HETATM 1445 O  O   . HOH F 4 .   ? -23.917 -6.711  -5.883  1.00 36.91 ? 352 HOH A O   1 
HETATM 1446 O  O   . HOH F 4 .   ? 9.641   7.589   -4.988  1.00 30.40 ? 353 HOH A O   1 
HETATM 1447 O  O   . HOH F 4 .   ? 24.851  2.352   1.324   1.00 26.70 ? 354 HOH A O   1 
HETATM 1448 O  O   . HOH F 4 .   ? 24.819  4.099   8.727   1.00 26.11 ? 355 HOH A O   1 
HETATM 1449 O  O   . HOH F 4 .   ? -15.521 4.177   5.737   1.00 26.43 ? 356 HOH A O   1 
HETATM 1450 O  O   . HOH F 4 .   ? 13.730  10.947  12.778  1.00 25.95 ? 357 HOH A O   1 
HETATM 1451 O  O   . HOH F 4 .   ? 6.500   8.676   -2.565  1.00 40.49 ? 358 HOH A O   1 
HETATM 1452 O  O   . HOH F 4 .   ? 9.413   -13.084 -6.660  1.00 35.75 ? 359 HOH A O   1 
HETATM 1453 O  O   . HOH F 4 .   ? -1.503  12.245  1.802   1.00 30.00 ? 360 HOH A O   1 
HETATM 1454 O  O   . HOH F 4 .   ? 29.311  9.252   3.881   1.00 36.00 ? 361 HOH A O   1 
HETATM 1455 O  O   . HOH F 4 .   ? -8.007  -1.224  -11.845 1.00 40.09 ? 362 HOH A O   1 
HETATM 1456 O  O   . HOH F 4 .   ? -23.146 -10.877 -11.518 1.00 36.35 ? 363 HOH A O   1 
HETATM 1457 O  O   . HOH F 4 .   ? -19.215 -6.691  6.896   1.00 27.02 ? 364 HOH A O   1 
HETATM 1458 O  O   . HOH F 4 .   ? -18.956 -3.082  -10.560 1.00 31.76 ? 365 HOH A O   1 
HETATM 1459 O  O   . HOH F 4 .   ? 28.684  3.595   -2.769  1.00 34.56 ? 366 HOH A O   1 
HETATM 1460 O  O   . HOH F 4 .   ? 25.564  3.325   6.070   1.00 25.24 ? 367 HOH A O   1 
HETATM 1461 O  O   . HOH F 4 .   ? -24.270 -13.702 -9.745  1.00 36.63 ? 368 HOH A O   1 
HETATM 1462 O  O   . HOH F 4 .   ? 17.110  -0.032  13.867  1.00 35.05 ? 369 HOH A O   1 
HETATM 1463 O  O   . HOH F 4 .   ? 15.926  2.647   13.709  1.00 27.94 ? 370 HOH A O   1 
HETATM 1464 O  O   . HOH F 4 .   ? 22.726  -0.730  -5.669  1.00 34.47 ? 371 HOH A O   1 
HETATM 1465 O  O   . HOH F 4 .   ? -17.486 -7.433  8.892   1.00 32.57 ? 372 HOH A O   1 
HETATM 1466 O  O   . HOH F 4 .   ? 13.573  -0.823  8.783   1.00 29.69 ? 373 HOH A O   1 
HETATM 1467 O  O   . HOH F 4 .   ? -27.540 -12.409 -8.793  1.00 35.67 ? 374 HOH A O   1 
HETATM 1468 O  O   . HOH F 4 .   ? -17.832 9.282   -2.417  1.00 22.85 ? 375 HOH A O   1 
HETATM 1469 O  O   . HOH F 4 .   ? 11.263  15.541  3.770   1.00 32.60 ? 376 HOH A O   1 
HETATM 1470 O  O   . HOH F 4 .   ? 26.050  10.592  4.289   1.00 20.63 ? 377 HOH A O   1 
HETATM 1471 O  O   . HOH F 4 .   ? -7.475  15.850  1.708   1.00 29.42 ? 378 HOH A O   1 
HETATM 1472 O  O   . HOH F 4 .   ? -11.327 -19.644 -5.491  1.00 33.64 ? 379 HOH A O   1 
HETATM 1473 O  O   . HOH F 4 .   ? -26.244 -19.492 -8.984  0.25 26.61 ? 380 HOH A O   1 
HETATM 1474 O  O   . HOH F 4 .   ? -7.134  -14.903 -4.560  1.00 31.59 ? 381 HOH A O   1 
HETATM 1475 O  O   . HOH F 4 .   ? 13.859  15.280  4.246   1.00 43.15 ? 382 HOH A O   1 
HETATM 1476 O  O   . HOH F 4 .   ? -9.609  -8.778  -15.003 1.00 41.53 ? 383 HOH A O   1 
HETATM 1477 O  O   . HOH F 4 .   ? -23.656 -21.281 -5.215  0.25 12.83 ? 384 HOH A O   1 
HETATM 1478 O  O   . HOH F 4 .   ? -8.945  -11.823 3.601   1.00 39.16 ? 385 HOH A O   1 
HETATM 1479 O  O   . HOH F 4 .   ? -1.597  -14.801 -5.548  1.00 36.03 ? 386 HOH A O   1 
HETATM 1480 O  O   . HOH F 4 .   ? -18.500 3.680   5.365   1.00 24.56 ? 387 HOH A O   1 
HETATM 1481 O  O   . HOH F 4 .   ? -5.565  -18.441 -8.458  1.00 34.85 ? 388 HOH A O   1 
HETATM 1482 O  O   . HOH F 4 .   ? 15.607  0.962   17.726  1.00 43.59 ? 389 HOH A O   1 
HETATM 1483 O  O   . HOH F 4 .   ? -3.640  4.750   10.036  1.00 24.99 ? 390 HOH A O   1 
HETATM 1484 O  O   . HOH F 4 .   ? 25.008  0.758   -5.698  1.00 25.66 ? 391 HOH A O   1 
HETATM 1485 O  O   . HOH F 4 .   ? 25.078  1.575   3.982   1.00 27.69 ? 392 HOH A O   1 
HETATM 1486 O  O   . HOH F 4 .   ? 24.787  12.619  18.483  1.00 37.98 ? 393 HOH A O   1 
HETATM 1487 O  O   . HOH F 4 .   ? -11.500 -12.056 -16.206 1.00 40.00 ? 394 HOH A O   1 
HETATM 1488 O  O   . HOH F 4 .   ? -17.149 -8.033  -15.302 1.00 36.23 ? 395 HOH A O   1 
# 
loop_
_pdbx_poly_seq_scheme.asym_id 
_pdbx_poly_seq_scheme.entity_id 
_pdbx_poly_seq_scheme.seq_id 
_pdbx_poly_seq_scheme.mon_id 
_pdbx_poly_seq_scheme.ndb_seq_num 
_pdbx_poly_seq_scheme.pdb_seq_num 
_pdbx_poly_seq_scheme.auth_seq_num 
_pdbx_poly_seq_scheme.pdb_mon_id 
_pdbx_poly_seq_scheme.auth_mon_id 
_pdbx_poly_seq_scheme.pdb_strand_id 
_pdbx_poly_seq_scheme.pdb_ins_code 
_pdbx_poly_seq_scheme.hetero 
A 1 1   MET 1   1   ?   ?   ?   A . n 
A 1 2   ALA 2   2   2   ALA ALA A . n 
A 1 3   SER 3   3   3   SER SER A . n 
A 1 4   GLN 4   4   4   GLN GLN A . n 
A 1 5   VAL 5   5   5   VAL VAL A . n 
A 1 6   ARG 6   6   6   ARG ARG A . n 
A 1 7   GLN 7   7   7   GLN GLN A . n 
A 1 8   ASN 8   8   8   ASN ASN A . n 
A 1 9   TYR 9   9   9   TYR TYR A . n 
A 1 10  HIS 10  10  10  HIS HIS A . n 
A 1 11  GLU 11  11  11  GLU GLU A . n 
A 1 12  ASP 12  12  12  ASP ASP A . n 
A 1 13  CYS 13  13  13  CYS CYS A . n 
A 1 14  GLU 14  14  14  GLU GLU A . n 
A 1 15  ALA 15  15  15  ALA ALA A . n 
A 1 16  SER 16  16  16  SER SER A . n 
A 1 17  ILE 17  17  17  ILE ILE A . n 
A 1 18  ASN 18  18  18  ASN ASN A . n 
A 1 19  LYS 19  19  19  LYS LYS A . n 
A 1 20  GLN 20  20  20  GLN GLN A . n 
A 1 21  ILE 21  21  21  ILE ILE A . n 
A 1 22  ASN 22  22  22  ASN ASN A . n 
A 1 23  MET 23  23  23  MET MET A . n 
A 1 24  GLU 24  24  24  GLU GLU A . n 
A 1 25  LEU 25  25  25  LEU LEU A . n 
A 1 26  TYR 26  26  26  TYR TYR A . n 
A 1 27  ALA 27  27  27  ALA ALA A . n 
A 1 28  SER 28  28  28  SER SER A . n 
A 1 29  TYR 29  29  29  TYR TYR A . n 
A 1 30  VAL 30  30  30  VAL VAL A . n 
A 1 31  TYR 31  31  31  TYR TYR A . n 
A 1 32  LEU 32  32  32  LEU LEU A . n 
A 1 33  SER 33  33  33  SER SER A . n 
A 1 34  MET 34  34  34  MET MET A . n 
A 1 35  ALA 35  35  35  ALA ALA A . n 
A 1 36  TYR 36  36  36  TYR TYR A . n 
A 1 37  TYR 37  37  37  TYR TYR A . n 
A 1 38  PHE 38  38  38  PHE PHE A . n 
A 1 39  GLU 39  39  39  GLU GLU A . n 
A 1 40  ARG 40  40  40  ARG ARG A . n 
A 1 41  ASP 41  41  41  ASP ASP A . n 
A 1 42  ASP 42  42  42  ASP ASP A . n 
A 1 43  VAL 43  43  43  VAL VAL A . n 
A 1 44  ALA 44  44  44  ALA ALA A . n 
A 1 45  LEU 45  45  45  LEU LEU A . n 
A 1 46  PRO 46  46  46  PRO PRO A . n 
A 1 47  GLY 47  47  47  GLY GLY A . n 
A 1 48  PHE 48  48  48  PHE PHE A . n 
A 1 49  ALA 49  49  49  ALA ALA A . n 
A 1 50  LYS 50  50  50  LYS LYS A . n 
A 1 51  PHE 51  51  51  PHE PHE A . n 
A 1 52  PHE 52  52  52  PHE PHE A . n 
A 1 53  LYS 53  53  53  LYS LYS A . n 
A 1 54  GLU 54  54  54  GLU GLU A . n 
A 1 55  SER 55  55  55  SER SER A . n 
A 1 56  SER 56  56  56  SER SER A . n 
A 1 57  ASP 57  57  57  ASP ASP A . n 
A 1 58  GLU 58  58  58  GLU GLU A . n 
A 1 59  GLU 59  59  59  GLU GLU A . n 
A 1 60  ARG 60  60  60  ARG ARG A . n 
A 1 61  GLU 61  61  61  GLU GLU A . n 
A 1 62  HIS 62  62  62  HIS HIS A . n 
A 1 63  ALA 63  63  63  ALA ALA A . n 
A 1 64  GLN 64  64  64  GLN GLN A . n 
A 1 65  THR 65  65  65  THR THR A . n 
A 1 66  PHE 66  66  66  PHE PHE A . n 
A 1 67  MET 67  67  67  MET MET A . n 
A 1 68  LYS 68  68  68  LYS LYS A . n 
A 1 69  TYR 69  69  69  TYR TYR A . n 
A 1 70  GLN 70  70  70  GLN GLN A . n 
A 1 71  ASN 71  71  71  ASN ASN A . n 
A 1 72  LYS 72  72  72  LYS LYS A . n 
A 1 73  ARG 73  73  73  ARG ARG A . n 
A 1 74  GLY 74  74  74  GLY GLY A . n 
A 1 75  GLY 75  75  75  GLY GLY A . n 
A 1 76  ARG 76  76  76  ARG ARG A . n 
A 1 77  ILE 77  77  77  ILE ILE A . n 
A 1 78  VAL 78  78  78  VAL VAL A . n 
A 1 79  LEU 79  79  79  LEU LEU A . n 
A 1 80  GLN 80  80  80  GLN GLN A . n 
A 1 81  GLU 81  81  81  GLU GLU A . n 
A 1 82  ILE 82  82  82  ILE ILE A . n 
A 1 83  ALA 83  83  83  ALA ALA A . n 
A 1 84  ALA 84  84  84  ALA ALA A . n 
A 1 85  PRO 85  85  85  PRO PRO A . n 
A 1 86  SER 86  86  86  SER SER A . n 
A 1 87  MET 87  87  87  MET MET A . n 
A 1 88  ARG 88  88  88  ARG ARG A . n 
A 1 89  GLU 89  89  89  GLU GLU A . n 
A 1 90  TRP 90  90  90  TRP TRP A . n 
A 1 91  GLY 91  91  91  GLY GLY A . n 
A 1 92  THR 92  92  92  THR THR A . n 
A 1 93  GLY 93  93  93  GLY GLY A . n 
A 1 94  LEU 94  94  94  LEU LEU A . n 
A 1 95  GLU 95  95  95  GLU GLU A . n 
A 1 96  ALA 96  96  96  ALA ALA A . n 
A 1 97  LEU 97  97  97  LEU LEU A . n 
A 1 98  GLN 98  98  98  GLN GLN A . n 
A 1 99  ALA 99  99  99  ALA ALA A . n 
A 1 100 ALA 100 100 100 ALA ALA A . n 
A 1 101 LEU 101 101 101 LEU LEU A . n 
A 1 102 ASP 102 102 102 ASP ASP A . n 
A 1 103 LEU 103 103 103 LEU LEU A . n 
A 1 104 GLU 104 104 104 GLU GLU A . n 
A 1 105 LYS 105 105 105 LYS LYS A . n 
A 1 106 GLN 106 106 106 GLN GLN A . n 
A 1 107 VAL 107 107 107 VAL VAL A . n 
A 1 108 ASN 108 108 108 ASN ASN A . n 
A 1 109 GLN 109 109 109 GLN GLN A . n 
A 1 110 SER 110 110 110 SER SER A . n 
A 1 111 LEU 111 111 111 LEU LEU A . n 
A 1 112 LEU 112 112 112 LEU LEU A . n 
A 1 113 GLU 113 113 113 GLU GLU A . n 
A 1 114 LEU 114 114 114 LEU LEU A . n 
A 1 115 HIS 115 115 115 HIS HIS A . n 
A 1 116 SER 116 116 116 SER SER A . n 
A 1 117 THR 117 117 117 THR THR A . n 
A 1 118 ALA 118 118 118 ALA ALA A . n 
A 1 119 SER 119 119 119 SER SER A . n 
A 1 120 GLY 120 120 120 GLY GLY A . n 
A 1 121 ASN 121 121 121 ASN ASN A . n 
A 1 122 ASN 122 122 122 ASN ASN A . n 
A 1 123 ASP 123 123 123 ASP ASP A . n 
A 1 124 PRO 124 124 124 PRO PRO A . n 
A 1 125 HIS 125 125 125 HIS HIS A . n 
A 1 126 LEU 126 126 126 LEU LEU A . n 
A 1 127 THR 127 127 127 THR THR A . n 
A 1 128 LYS 128 128 128 LYS LYS A . n 
A 1 129 LEU 129 129 129 LEU LEU A . n 
A 1 130 LEU 130 130 130 LEU LEU A . n 
A 1 131 GLU 131 131 131 GLU GLU A . n 
A 1 132 ASP 132 132 132 ASP ASP A . n 
A 1 133 GLU 133 133 133 GLU GLU A . n 
A 1 134 TYR 134 134 134 TYR TYR A . n 
A 1 135 LEU 135 135 135 LEU LEU A . n 
A 1 136 GLU 136 136 136 GLU GLU A . n 
A 1 137 GLU 137 137 137 GLU GLU A . n 
A 1 138 GLN 138 138 138 GLN GLN A . n 
A 1 139 VAL 139 139 139 VAL VAL A . n 
A 1 140 ASP 140 140 140 ASP ASP A . n 
A 1 141 SER 141 141 141 SER SER A . n 
A 1 142 ILE 142 142 142 ILE ILE A . n 
A 1 143 LYS 143 143 143 LYS LYS A . n 
A 1 144 LYS 144 144 144 LYS LYS A . n 
A 1 145 ILE 145 145 145 ILE ILE A . n 
A 1 146 GLY 146 146 146 GLY GLY A . n 
A 1 147 ASP 147 147 147 ASP ASP A . n 
A 1 148 MET 148 148 148 MET MET A . n 
A 1 149 ILE 149 149 149 ILE ILE A . n 
A 1 150 THR 150 150 150 THR THR A . n 
A 1 151 LYS 151 151 151 LYS LYS A . n 
A 1 152 LEU 152 152 152 LEU LEU A . n 
A 1 153 LYS 153 153 153 LYS LYS A . n 
A 1 154 ARG 154 154 154 ARG ARG A . n 
A 1 155 ALA 155 155 155 ALA ALA A . n 
A 1 156 GLY 156 156 156 GLY GLY A . n 
A 1 157 PRO 157 157 157 PRO PRO A . n 
A 1 158 HIS 158 158 158 HIS HIS A . n 
A 1 159 GLY 159 159 159 GLY GLY A . n 
A 1 160 HIS 160 160 160 HIS HIS A . n 
A 1 161 GLY 161 161 161 GLY GLY A . n 
A 1 162 GLU 162 162 162 GLU GLU A . n 
A 1 163 TYR 163 163 163 TYR TYR A . n 
A 1 164 MET 164 164 164 MET MET A . n 
A 1 165 PHE 165 165 165 PHE PHE A . n 
A 1 166 ASP 166 166 166 ASP ASP A . n 
A 1 167 LYS 167 167 167 LYS LYS A . n 
A 1 168 GLU 168 168 168 GLU GLU A . n 
A 1 169 LEU 169 169 169 LEU LEU A . n 
A 1 170 ASN 170 170 170 ASN ASN A . n 
# 
_pdbx_contact_author.id                 2 
_pdbx_contact_author.email              zhangxiaorong1204@163.com 
_pdbx_contact_author.name_first         Xiaorong 
_pdbx_contact_author.name_last          Zhang 
_pdbx_contact_author.name_mi            ? 
_pdbx_contact_author.role               'principal investigator/group leader' 
_pdbx_contact_author.identifier_ORCID   0000-0002-9197-0875 
# 
loop_
_pdbx_nonpoly_scheme.asym_id 
_pdbx_nonpoly_scheme.entity_id 
_pdbx_nonpoly_scheme.mon_id 
_pdbx_nonpoly_scheme.ndb_seq_num 
_pdbx_nonpoly_scheme.pdb_seq_num 
_pdbx_nonpoly_scheme.auth_seq_num 
_pdbx_nonpoly_scheme.pdb_mon_id 
_pdbx_nonpoly_scheme.auth_mon_id 
_pdbx_nonpoly_scheme.pdb_strand_id 
_pdbx_nonpoly_scheme.pdb_ins_code 
B 2 NI  1  201 1  NI  NI  A . 
C 2 NI  1  202 2  NI  NI  A . 
D 3 FE  1  203 1  FE  FE  A . 
E 3 FE  1  204 2  FE  FE  A . 
F 4 HOH 1  301 53 HOH HOH A . 
F 4 HOH 2  302 34 HOH HOH A . 
F 4 HOH 3  303 25 HOH HOH A . 
F 4 HOH 4  304 52 HOH HOH A . 
F 4 HOH 5  305 66 HOH HOH A . 
F 4 HOH 6  306 9  HOH HOH A . 
F 4 HOH 7  307 69 HOH HOH A . 
F 4 HOH 8  308 86 HOH HOH A . 
F 4 HOH 9  309 98 HOH HOH A . 
F 4 HOH 10 310 11 HOH HOH A . 
F 4 HOH 11 311 51 HOH HOH A . 
F 4 HOH 12 312 54 HOH HOH A . 
F 4 HOH 13 313 72 HOH HOH A . 
F 4 HOH 14 314 21 HOH HOH A . 
F 4 HOH 15 315 15 HOH HOH A . 
F 4 HOH 16 316 13 HOH HOH A . 
F 4 HOH 17 317 92 HOH HOH A . 
F 4 HOH 18 318 31 HOH HOH A . 
F 4 HOH 19 319 90 HOH HOH A . 
F 4 HOH 20 320 56 HOH HOH A . 
F 4 HOH 21 321 23 HOH HOH A . 
F 4 HOH 22 322 37 HOH HOH A . 
F 4 HOH 23 323 95 HOH HOH A . 
F 4 HOH 24 324 99 HOH HOH A . 
F 4 HOH 25 325 61 HOH HOH A . 
F 4 HOH 26 326 2  HOH HOH A . 
F 4 HOH 27 327 89 HOH HOH A . 
F 4 HOH 28 328 4  HOH HOH A . 
F 4 HOH 29 329 8  HOH HOH A . 
F 4 HOH 30 330 67 HOH HOH A . 
F 4 HOH 31 331 87 HOH HOH A . 
F 4 HOH 32 332 73 HOH HOH A . 
F 4 HOH 33 333 82 HOH HOH A . 
F 4 HOH 34 334 30 HOH HOH A . 
F 4 HOH 35 335 84 HOH HOH A . 
F 4 HOH 36 336 78 HOH HOH A . 
F 4 HOH 37 337 10 HOH HOH A . 
F 4 HOH 38 338 71 HOH HOH A . 
F 4 HOH 39 339 49 HOH HOH A . 
F 4 HOH 40 340 6  HOH HOH A . 
F 4 HOH 41 341 59 HOH HOH A . 
F 4 HOH 42 342 58 HOH HOH A . 
F 4 HOH 43 343 45 HOH HOH A . 
F 4 HOH 44 344 16 HOH HOH A . 
F 4 HOH 45 345 79 HOH HOH A . 
F 4 HOH 46 346 80 HOH HOH A . 
F 4 HOH 47 347 75 HOH HOH A . 
F 4 HOH 48 348 93 HOH HOH A . 
F 4 HOH 49 349 65 HOH HOH A . 
F 4 HOH 50 350 20 HOH HOH A . 
F 4 HOH 51 351 40 HOH HOH A . 
F 4 HOH 52 352 96 HOH HOH A . 
F 4 HOH 53 353 38 HOH HOH A . 
F 4 HOH 54 354 7  HOH HOH A . 
F 4 HOH 55 355 19 HOH HOH A . 
F 4 HOH 56 356 18 HOH HOH A . 
F 4 HOH 57 357 14 HOH HOH A . 
F 4 HOH 58 358 77 HOH HOH A . 
F 4 HOH 59 359 63 HOH HOH A . 
F 4 HOH 60 360 41 HOH HOH A . 
F 4 HOH 61 361 85 HOH HOH A . 
F 4 HOH 62 362 46 HOH HOH A . 
F 4 HOH 63 363 32 HOH HOH A . 
F 4 HOH 64 364 43 HOH HOH A . 
F 4 HOH 65 365 28 HOH HOH A . 
F 4 HOH 66 366 57 HOH HOH A . 
F 4 HOH 67 367 27 HOH HOH A . 
F 4 HOH 68 368 64 HOH HOH A . 
F 4 HOH 69 369 44 HOH HOH A . 
F 4 HOH 70 370 42 HOH HOH A . 
F 4 HOH 71 371 70 HOH HOH A . 
F 4 HOH 72 372 39 HOH HOH A . 
F 4 HOH 73 373 68 HOH HOH A . 
F 4 HOH 74 374 81 HOH HOH A . 
F 4 HOH 75 375 3  HOH HOH A . 
F 4 HOH 76 376 22 HOH HOH A . 
F 4 HOH 77 377 5  HOH HOH A . 
F 4 HOH 78 378 24 HOH HOH A . 
F 4 HOH 79 379 88 HOH HOH A . 
F 4 HOH 80 380 26 HOH HOH A . 
F 4 HOH 81 381 36 HOH HOH A . 
F 4 HOH 82 382 97 HOH HOH A . 
F 4 HOH 83 383 94 HOH HOH A . 
F 4 HOH 84 384 50 HOH HOH A . 
F 4 HOH 85 385 76 HOH HOH A . 
F 4 HOH 86 386 83 HOH HOH A . 
F 4 HOH 87 387 12 HOH HOH A . 
F 4 HOH 88 388 55 HOH HOH A . 
F 4 HOH 89 389 74 HOH HOH A . 
F 4 HOH 90 390 1  HOH HOH A . 
F 4 HOH 91 391 17 HOH HOH A . 
F 4 HOH 92 392 33 HOH HOH A . 
F 4 HOH 93 393 60 HOH HOH A . 
F 4 HOH 94 394 91 HOH HOH A . 
F 4 HOH 95 395 35 HOH HOH A . 
# 
_pdbx_struct_assembly.id                   1 
_pdbx_struct_assembly.details              author_and_software_defined_assembly 
_pdbx_struct_assembly.method_details       PISA 
_pdbx_struct_assembly.oligomeric_details   24-meric 
_pdbx_struct_assembly.oligomeric_count     24 
# 
_pdbx_struct_assembly_gen.assembly_id       1 
_pdbx_struct_assembly_gen.oper_expression   1,2,3,4,5,6,7,8,9,10,11,12,13,14,15,16,17,18,19,20,21,22,23,24 
_pdbx_struct_assembly_gen.asym_id_list      A,B,C,D,E,F 
# 
loop_
_pdbx_struct_assembly_prop.biol_id 
_pdbx_struct_assembly_prop.type 
_pdbx_struct_assembly_prop.value 
_pdbx_struct_assembly_prop.details 
1 'ABSA (A^2)' 95710  ? 
1 MORE         -943   ? 
1 'SSA (A^2)'  133300 ? 
# 
loop_
_pdbx_struct_oper_list.id 
_pdbx_struct_oper_list.type 
_pdbx_struct_oper_list.name 
_pdbx_struct_oper_list.symmetry_operation 
_pdbx_struct_oper_list.matrix[1][1] 
_pdbx_struct_oper_list.matrix[1][2] 
_pdbx_struct_oper_list.matrix[1][3] 
_pdbx_struct_oper_list.vector[1] 
_pdbx_struct_oper_list.matrix[2][1] 
_pdbx_struct_oper_list.matrix[2][2] 
_pdbx_struct_oper_list.matrix[2][3] 
_pdbx_struct_oper_list.vector[2] 
_pdbx_struct_oper_list.matrix[3][1] 
_pdbx_struct_oper_list.matrix[3][2] 
_pdbx_struct_oper_list.matrix[3][3] 
_pdbx_struct_oper_list.vector[3] 
1  'identity operation'         1_555  x,y,z          1.0000000000  0.0000000000  0.0000000000  0.0000000000   0.0000000000  1.0000000000  0.0000000000  0.0000000000   0.0000000000  0.0000000000  1.0000000000  0.0000000000   
2  'crystal symmetry operation' 2_665  -x+1,-y+1,z    -0.4443549254 -0.3840448637 0.8093566846  -38.1203278507 -0.3840448637 -0.7345599483 -0.5594025608 -48.9153654198 0.8093566846  -0.5594025608 0.1789148736  2.9599774884   
3  'crystal symmetry operation' 3_654  -x+1,y,-z-1    0.1475407250  -0.3153288695 -0.9374430321 19.1866013082  -0.3153288695 -0.9133518369 0.2575968287  -82.0504472351 -0.9374430321 0.2575968287  -0.2341888882 51.0860708380  
4  'crystal symmetry operation' 4_564  x,-y+1,-z-1    -0.7031857996 0.6993737332  0.1280863475  26.2119171074  0.6993737332  0.6479117851  0.3018057321  -24.5905876773 0.1280863475  0.3018057321  -0.9447259855 73.5280697208  
5  'crystal symmetry operation' 5_654  z+1,x,y-1      0.8941184751  0.4375214082  0.0955362229  14.1604829687  0.1223099040  -0.4437976213 0.8877409300  -84.6837304388 0.4308044103  -0.7820605403 -0.4503208538 15.0583511811  
6  'crystal symmetry operation' 6_665  z+1,-x+1,-y    -0.4880109173 -0.7182105186 0.4960030197  -41.0423409323 0.8345882446  -0.2175810823 0.5060839206  -65.0100080956 -0.2555539212 0.6609327678  0.7055919995  35.5577833403  
7  'crystal symmetry operation' 7_564  -z,-x+1,y-1    -0.0956040095 -0.6569425218 -0.7478545289 0.2973207003   -0.6742186550 0.5954547771  -0.4368784885 -0.5720297341  0.7323176077  0.4624501395  -0.4998507676 64.4873177025  
8  'crystal symmetry operation' 8_555  -z,x,-y        -0.3105035484 0.9376316322  0.1563152863  33.8627278281  -0.2826794936 0.0659239265  -0.9569463620 -5.2906320636  -0.9075680968 -0.3413223670 0.2445796219  12.4706658233  
9  'crystal symmetry operation' 9_564  y,z+1,x-1      0.8941184751  0.1223099040  0.4308044103  -8.7906945957  0.4375214082  -0.4437976213 -0.7820605403 -32.0014103169 0.0955362229  0.8877409300  -0.4503208538 80.6054641168  
10 'crystal symmetry operation' 10_665 -y+1,z+1,-x    -0.0956040095 -0.6742186550 0.7323176077  -47.5824462962 -0.6569425218 0.5954547771  0.4624501395  -29.2862286187 -0.7478545289 -0.4368784885 -0.4998507676 32.2064804014  
11 'crystal symmetry operation' 11_555 y,-z,-x        -0.3105035484 -0.2826794936 -0.9075680968 20.3369224023  0.9376316322  0.0659239265  -0.3413223670 -27.1454683487 0.1563152863  -0.9569463620 0.2445796219  -13.4061838344 
12 'crystal symmetry operation' 12_654 -y+1,-z,x-1    -0.4880109173 0.8345882446  -0.2555539212 43.3144090544  -0.7182105186 -0.2175810823 0.6609327678  -67.1232930479 0.4960030197  0.5060839206  0.7055919995  28.1683573634  
13 'crystal symmetry operation' 13_554 y,x,-z-1       0.3057923894  0.7994141573  -0.5171344310 48.8448832271  0.7994141573  -0.5105937206 -0.3165928893 -50.1029378741 -0.5171344310 -0.3165928893 -0.7951986688 45.8841598992  
14 'crystal symmetry operation' 14_664 -y+1,-x+1,-z-1 -0.8614374640 -0.4153692936 -0.2922222537 -3.4463648115  -0.4153692936 0.2451536689  0.8759954501  -56.5380970383 -0.2922222537 0.8759954501  -0.3837162049 78.7299806596  
15 'crystal symmetry operation' 15_565 y,-x+1,z       0.2778225373  -0.9597837469 0.0403707444  -37.2986554205 0.5757388831  0.1327200259  -0.8067900180 -9.0439407915  0.7689859402  0.2473874572  0.5894574368  21.3151203832  
16 'crystal symmetry operation' 16_655 -y+1,x,z       0.2778225373  0.5757388831  0.7689859402  -0.8216724303  -0.9597837469 0.1327200259  0.2473874572  -39.8714246283 0.0403707444  -0.8067900180 0.5894574368  -18.3551428948 
17 'crystal symmetry operation' 17_565 x,z+1,-y       0.1484071002  0.1834430479  0.9717633358  -22.3095137267 0.5159306853  0.8239558926  -0.2343335551 -0.3112332200  -0.8436769883 0.5361392872  0.0276370073  53.3971726777  
18 'crystal symmetry operation' 18_664 -x+1,z+1,y-1   0.6501073654  -0.7353517989 0.1913586822  -34.0636271652 -0.7353517989 -0.6722987368 -0.0852768457 -60.9764057156 0.1913586822  -0.0852768457 -0.9778086287 59.4147718405  
19 'crystal symmetry operation' 19_655 -x+1,-z,-y     -0.9469215658 0.0359780656  -0.3194450298 15.1299006226  0.0359780656  -0.9756130484 -0.2165288864 -69.9894069392 -0.3194450298 -0.2165288864 0.9225346142  -5.3687235142  
20 'crystal symmetry operation' 20_554 x,-z,y-1       0.1484071002  0.5159306853  -0.8436769883 48.5214308341  0.1834430479  0.8239558926  0.5361392872  -24.2793544573 0.9717633358  -0.2343335551 0.0276370073  20.1308970431  
21 'crystal symmetry operation' 21_655 z+1,y,-x       0.5737703625  -0.7764580643 -0.2605771393 -21.1094855570 0.4611291947  0.0433240816  0.8862747259  -66.3097412024 -0.6768658928 -0.6286778972 0.3829055559  -3.5358080604  
22 'crystal symmetry operation' 22_664 z+1,-y+1,x-1   -0.1676628047 0.4957689539  0.8521163819  -5.7723724066  0.4957689539  -0.7047027851 0.5075501247  -83.3839973321 0.8521163819  0.5075501247  -0.1276344102 54.1519425818  
23 'crystal symmetry operation' 23_554 -z,y,x-1       0.5737703625  0.4611291947  -0.6768658928 40.2960868652  -0.7764580643 0.0433240816  -0.6286778972 -15.7407060327 -0.2605771393 0.8862747259  0.3829055559  54.6218788984  
24 'crystal symmetry operation' 24_565 -z,-y+1,-x     -0.9798779203 -0.1804400843 0.0853266502  -6.1360383368  -0.1804400843 0.6180546220  -0.7651469534 9.8780442350   0.0853266502  -0.7651469534 -0.6381767017 22.3361046274    
# 
loop_
_pdbx_struct_special_symmetry.id 
_pdbx_struct_special_symmetry.PDB_model_num 
_pdbx_struct_special_symmetry.auth_asym_id 
_pdbx_struct_special_symmetry.auth_comp_id 
_pdbx_struct_special_symmetry.auth_seq_id 
_pdbx_struct_special_symmetry.PDB_ins_code 
_pdbx_struct_special_symmetry.label_asym_id 
_pdbx_struct_special_symmetry.label_comp_id 
_pdbx_struct_special_symmetry.label_seq_id 
1 1 A NI  201 ? B NI  . 
2 1 A NI  202 ? C NI  . 
3 1 A HOH 380 ? F HOH . 
4 1 A HOH 384 ? F HOH . 
# 
loop_
_pdbx_struct_conn_angle.id 
_pdbx_struct_conn_angle.ptnr1_label_atom_id 
_pdbx_struct_conn_angle.ptnr1_label_alt_id 
_pdbx_struct_conn_angle.ptnr1_label_asym_id 
_pdbx_struct_conn_angle.ptnr1_label_comp_id 
_pdbx_struct_conn_angle.ptnr1_label_seq_id 
_pdbx_struct_conn_angle.ptnr1_auth_atom_id 
_pdbx_struct_conn_angle.ptnr1_auth_asym_id 
_pdbx_struct_conn_angle.ptnr1_auth_comp_id 
_pdbx_struct_conn_angle.ptnr1_auth_seq_id 
_pdbx_struct_conn_angle.ptnr1_PDB_ins_code 
_pdbx_struct_conn_angle.ptnr1_symmetry 
_pdbx_struct_conn_angle.ptnr2_label_atom_id 
_pdbx_struct_conn_angle.ptnr2_label_alt_id 
_pdbx_struct_conn_angle.ptnr2_label_asym_id 
_pdbx_struct_conn_angle.ptnr2_label_comp_id 
_pdbx_struct_conn_angle.ptnr2_label_seq_id 
_pdbx_struct_conn_angle.ptnr2_auth_atom_id 
_pdbx_struct_conn_angle.ptnr2_auth_asym_id 
_pdbx_struct_conn_angle.ptnr2_auth_comp_id 
_pdbx_struct_conn_angle.ptnr2_auth_seq_id 
_pdbx_struct_conn_angle.ptnr2_PDB_ins_code 
_pdbx_struct_conn_angle.ptnr2_symmetry 
_pdbx_struct_conn_angle.ptnr3_label_atom_id 
_pdbx_struct_conn_angle.ptnr3_label_alt_id 
_pdbx_struct_conn_angle.ptnr3_label_asym_id 
_pdbx_struct_conn_angle.ptnr3_label_comp_id 
_pdbx_struct_conn_angle.ptnr3_label_seq_id 
_pdbx_struct_conn_angle.ptnr3_auth_atom_id 
_pdbx_struct_conn_angle.ptnr3_auth_asym_id 
_pdbx_struct_conn_angle.ptnr3_auth_comp_id 
_pdbx_struct_conn_angle.ptnr3_auth_seq_id 
_pdbx_struct_conn_angle.ptnr3_PDB_ins_code 
_pdbx_struct_conn_angle.ptnr3_symmetry 
_pdbx_struct_conn_angle.value 
_pdbx_struct_conn_angle.value_esd 
1 OE1 ? A GLU 24  ? A GLU 24  ? 1_555 FE ? D FE . ? A FE 203 ? 1_555 OE1 ? A GLU 59  ? A GLU 59  ? 1_555 86.4  ? 
2 OE1 ? A GLU 24  ? A GLU 24  ? 1_555 FE ? D FE . ? A FE 203 ? 1_555 ND1 ? A HIS 62  ? A HIS 62  ? 1_555 107.6 ? 
3 OE1 ? A GLU 59  ? A GLU 59  ? 1_555 FE ? D FE . ? A FE 203 ? 1_555 ND1 ? A HIS 62  ? A HIS 62  ? 1_555 94.5  ? 
4 OE1 ? A GLU 95  ? A GLU 95  ? 1_555 NI ? C NI . ? A NI 202 ? 1_555 OE1 ? A GLU 95  ? A GLU 95  ? 1_555 0.0   ? 
5 OE1 ? A GLU 137 ? A GLU 137 ? 1_555 FE ? E FE . ? A FE 204 ? 1_555 OG  A A SER 141 ? A SER 141 ? 1_555 127.4 ? 
6 OE1 ? A GLU 137 ? A GLU 137 ? 1_555 FE ? E FE . ? A FE 204 ? 1_555 OG  B A SER 141 ? A SER 141 ? 1_555 78.3  ? 
7 OG  A A SER 141 ? A SER 141 ? 1_555 FE ? E FE . ? A FE 204 ? 1_555 OG  B A SER 141 ? A SER 141 ? 1_555 49.2  ? 
8 NE2 ? A HIS 160 ? A HIS 160 ? 1_555 NI ? B NI . ? A NI 201 ? 1_555 NE2 ? A HIS 160 ? A HIS 160 ? 1_555 0.0   ? 
# 
loop_
_pdbx_audit_revision_history.ordinal 
_pdbx_audit_revision_history.data_content_type 
_pdbx_audit_revision_history.major_revision 
_pdbx_audit_revision_history.minor_revision 
_pdbx_audit_revision_history.revision_date 
1 'Structure model' 1 0 2023-05-17 
2 'Structure model' 1 1 2023-10-11 
3 'Structure model' 1 2 2023-11-29 
# 
_pdbx_audit_revision_details.ordinal             1 
_pdbx_audit_revision_details.revision_ordinal    1 
_pdbx_audit_revision_details.data_content_type   'Structure model' 
_pdbx_audit_revision_details.provider            repository 
_pdbx_audit_revision_details.type                'Initial release' 
_pdbx_audit_revision_details.description         ? 
_pdbx_audit_revision_details.details             ? 
# 
loop_
_pdbx_audit_revision_group.ordinal 
_pdbx_audit_revision_group.revision_ordinal 
_pdbx_audit_revision_group.data_content_type 
_pdbx_audit_revision_group.group 
1 2 'Structure model' 'Data collection'        
2 3 'Structure model' 'Refinement description' 
# 
loop_
_pdbx_audit_revision_category.ordinal 
_pdbx_audit_revision_category.revision_ordinal 
_pdbx_audit_revision_category.data_content_type 
_pdbx_audit_revision_category.category 
1 2 'Structure model' chem_comp_atom                
2 2 'Structure model' chem_comp_bond                
3 2 'Structure model' diffrn_detector               
4 2 'Structure model' diffrn_source                 
5 3 'Structure model' pdbx_initial_refinement_model 
# 
loop_
_pdbx_audit_revision_item.ordinal 
_pdbx_audit_revision_item.revision_ordinal 
_pdbx_audit_revision_item.data_content_type 
_pdbx_audit_revision_item.item 
1 2 'Structure model' '_diffrn_detector.type'                    
2 2 'Structure model' '_diffrn_source.pdbx_synchrotron_beamline' 
3 2 'Structure model' '_diffrn_source.pdbx_synchrotron_site'     
4 2 'Structure model' '_diffrn_source.type'                      
# 
loop_
_software.citation_id 
_software.classification 
_software.compiler_name 
_software.compiler_version 
_software.contact_author 
_software.contact_author_email 
_software.date 
_software.description 
_software.dependencies 
_software.hardware 
_software.language 
_software.location 
_software.mods 
_software.name 
_software.os 
_software.os_version 
_software.type 
_software.version 
_software.pdbx_ordinal 
? refinement        ? ? ? ? ? ? ? ? ? ? ? PHENIX      ? ? ? 1.18.2_3874 1 
? 'data extraction' ? ? ? ? ? ? ? ? ? ? ? PDB_EXTRACT ? ? ? 3.27        2 
? 'data reduction'  ? ? ? ? ? ? ? ? ? ? ? HKL-3000    ? ? ? .           3 
? 'data scaling'    ? ? ? ? ? ? ? ? ? ? ? HKL-3000    ? ? ? .           4 
? phasing           ? ? ? ? ? ? ? ? ? ? ? PHENIX      ? ? ? .           5 
# 
_pdbx_entry_details.entry_id                 7XRG 
_pdbx_entry_details.has_ligand_of_interest   Y 
_pdbx_entry_details.compound_details         ? 
_pdbx_entry_details.source_details           ? 
_pdbx_entry_details.nonpolymer_details       ? 
_pdbx_entry_details.sequence_details         ? 
# 
loop_
_pdbx_validate_close_contact.id 
_pdbx_validate_close_contact.PDB_model_num 
_pdbx_validate_close_contact.auth_atom_id_1 
_pdbx_validate_close_contact.auth_asym_id_1 
_pdbx_validate_close_contact.auth_comp_id_1 
_pdbx_validate_close_contact.auth_seq_id_1 
_pdbx_validate_close_contact.PDB_ins_code_1 
_pdbx_validate_close_contact.label_alt_id_1 
_pdbx_validate_close_contact.auth_atom_id_2 
_pdbx_validate_close_contact.auth_asym_id_2 
_pdbx_validate_close_contact.auth_comp_id_2 
_pdbx_validate_close_contact.auth_seq_id_2 
_pdbx_validate_close_contact.PDB_ins_code_2 
_pdbx_validate_close_contact.label_alt_id_2 
_pdbx_validate_close_contact.dist 
1 1 FE A FE 203 ? ? O A HOH 304 ? ? 1.97 
2 1 FE A FE 204 ? ? O A HOH 311 ? ? 2.01 
3 1 FE A FE 203 ? ? O A HOH 324 ? ? 2.08 
4 1 FE A FE 204 ? ? O A HOH 307 ? ? 2.12 
# 
_pdbx_validate_symm_contact.id                1 
_pdbx_validate_symm_contact.PDB_model_num     1 
_pdbx_validate_symm_contact.auth_atom_id_1    NZ 
_pdbx_validate_symm_contact.auth_asym_id_1    A 
_pdbx_validate_symm_contact.auth_comp_id_1    LYS 
_pdbx_validate_symm_contact.auth_seq_id_1     128 
_pdbx_validate_symm_contact.PDB_ins_code_1    ? 
_pdbx_validate_symm_contact.label_alt_id_1    ? 
_pdbx_validate_symm_contact.site_symmetry_1   1_555 
_pdbx_validate_symm_contact.auth_atom_id_2    OE2 
_pdbx_validate_symm_contact.auth_asym_id_2    A 
_pdbx_validate_symm_contact.auth_comp_id_2    GLU 
_pdbx_validate_symm_contact.auth_seq_id_2     136 
_pdbx_validate_symm_contact.PDB_ins_code_2    ? 
_pdbx_validate_symm_contact.label_alt_id_2    ? 
_pdbx_validate_symm_contact.site_symmetry_2   8_555 
_pdbx_validate_symm_contact.dist              1.94 
# 
_pdbx_validate_torsion.id              1 
_pdbx_validate_torsion.PDB_model_num   1 
_pdbx_validate_torsion.auth_comp_id    VAL 
_pdbx_validate_torsion.auth_asym_id    A 
_pdbx_validate_torsion.auth_seq_id     43 
_pdbx_validate_torsion.PDB_ins_code    ? 
_pdbx_validate_torsion.label_alt_id    ? 
_pdbx_validate_torsion.phi             -121.41 
_pdbx_validate_torsion.psi             -64.92 
# 
_pdbx_validate_planes.id              1 
_pdbx_validate_planes.PDB_model_num   1 
_pdbx_validate_planes.auth_comp_id    TYR 
_pdbx_validate_planes.auth_asym_id    A 
_pdbx_validate_planes.auth_seq_id     29 
_pdbx_validate_planes.PDB_ins_code    ? 
_pdbx_validate_planes.label_alt_id    ? 
_pdbx_validate_planes.rmsd            0.050 
_pdbx_validate_planes.type            'SIDE CHAIN' 
# 
loop_
_pdbx_unobs_or_zero_occ_atoms.id 
_pdbx_unobs_or_zero_occ_atoms.PDB_model_num 
_pdbx_unobs_or_zero_occ_atoms.polymer_flag 
_pdbx_unobs_or_zero_occ_atoms.occupancy_flag 
_pdbx_unobs_or_zero_occ_atoms.auth_asym_id 
_pdbx_unobs_or_zero_occ_atoms.auth_comp_id 
_pdbx_unobs_or_zero_occ_atoms.auth_seq_id 
_pdbx_unobs_or_zero_occ_atoms.PDB_ins_code 
_pdbx_unobs_or_zero_occ_atoms.auth_atom_id 
_pdbx_unobs_or_zero_occ_atoms.label_alt_id 
_pdbx_unobs_or_zero_occ_atoms.label_asym_id 
_pdbx_unobs_or_zero_occ_atoms.label_comp_id 
_pdbx_unobs_or_zero_occ_atoms.label_seq_id 
_pdbx_unobs_or_zero_occ_atoms.label_atom_id 
1 1 Y 0 A SER 110 ? CA C A SER 110 CA 
2 1 Y 0 A SER 110 ? CB C A SER 110 CB 
3 1 Y 0 A SER 110 ? OG C A SER 110 OG 
# 
_pdbx_unobs_or_zero_occ_residues.id               1 
_pdbx_unobs_or_zero_occ_residues.PDB_model_num    1 
_pdbx_unobs_or_zero_occ_residues.polymer_flag     Y 
_pdbx_unobs_or_zero_occ_residues.occupancy_flag   1 
_pdbx_unobs_or_zero_occ_residues.auth_asym_id     A 
_pdbx_unobs_or_zero_occ_residues.auth_comp_id     MET 
_pdbx_unobs_or_zero_occ_residues.auth_seq_id      1 
_pdbx_unobs_or_zero_occ_residues.PDB_ins_code     ? 
_pdbx_unobs_or_zero_occ_residues.label_asym_id    A 
_pdbx_unobs_or_zero_occ_residues.label_comp_id    MET 
_pdbx_unobs_or_zero_occ_residues.label_seq_id     1 
# 
loop_
_chem_comp_atom.comp_id 
_chem_comp_atom.atom_id 
_chem_comp_atom.type_symbol 
_chem_comp_atom.pdbx_aromatic_flag 
_chem_comp_atom.pdbx_stereo_config 
_chem_comp_atom.pdbx_ordinal 
ALA N    N  N N 1   
ALA CA   C  N S 2   
ALA C    C  N N 3   
ALA O    O  N N 4   
ALA CB   C  N N 5   
ALA OXT  O  N N 6   
ALA H    H  N N 7   
ALA H2   H  N N 8   
ALA HA   H  N N 9   
ALA HB1  H  N N 10  
ALA HB2  H  N N 11  
ALA HB3  H  N N 12  
ALA HXT  H  N N 13  
ARG N    N  N N 14  
ARG CA   C  N S 15  
ARG C    C  N N 16  
ARG O    O  N N 17  
ARG CB   C  N N 18  
ARG CG   C  N N 19  
ARG CD   C  N N 20  
ARG NE   N  N N 21  
ARG CZ   C  N N 22  
ARG NH1  N  N N 23  
ARG NH2  N  N N 24  
ARG OXT  O  N N 25  
ARG H    H  N N 26  
ARG H2   H  N N 27  
ARG HA   H  N N 28  
ARG HB2  H  N N 29  
ARG HB3  H  N N 30  
ARG HG2  H  N N 31  
ARG HG3  H  N N 32  
ARG HD2  H  N N 33  
ARG HD3  H  N N 34  
ARG HE   H  N N 35  
ARG HH11 H  N N 36  
ARG HH12 H  N N 37  
ARG HH21 H  N N 38  
ARG HH22 H  N N 39  
ARG HXT  H  N N 40  
ASN N    N  N N 41  
ASN CA   C  N S 42  
ASN C    C  N N 43  
ASN O    O  N N 44  
ASN CB   C  N N 45  
ASN CG   C  N N 46  
ASN OD1  O  N N 47  
ASN ND2  N  N N 48  
ASN OXT  O  N N 49  
ASN H    H  N N 50  
ASN H2   H  N N 51  
ASN HA   H  N N 52  
ASN HB2  H  N N 53  
ASN HB3  H  N N 54  
ASN HD21 H  N N 55  
ASN HD22 H  N N 56  
ASN HXT  H  N N 57  
ASP N    N  N N 58  
ASP CA   C  N S 59  
ASP C    C  N N 60  
ASP O    O  N N 61  
ASP CB   C  N N 62  
ASP CG   C  N N 63  
ASP OD1  O  N N 64  
ASP OD2  O  N N 65  
ASP OXT  O  N N 66  
ASP H    H  N N 67  
ASP H2   H  N N 68  
ASP HA   H  N N 69  
ASP HB2  H  N N 70  
ASP HB3  H  N N 71  
ASP HD2  H  N N 72  
ASP HXT  H  N N 73  
CYS N    N  N N 74  
CYS CA   C  N R 75  
CYS C    C  N N 76  
CYS O    O  N N 77  
CYS CB   C  N N 78  
CYS SG   S  N N 79  
CYS OXT  O  N N 80  
CYS H    H  N N 81  
CYS H2   H  N N 82  
CYS HA   H  N N 83  
CYS HB2  H  N N 84  
CYS HB3  H  N N 85  
CYS HG   H  N N 86  
CYS HXT  H  N N 87  
FE  FE   FE N N 88  
GLN N    N  N N 89  
GLN CA   C  N S 90  
GLN C    C  N N 91  
GLN O    O  N N 92  
GLN CB   C  N N 93  
GLN CG   C  N N 94  
GLN CD   C  N N 95  
GLN OE1  O  N N 96  
GLN NE2  N  N N 97  
GLN OXT  O  N N 98  
GLN H    H  N N 99  
GLN H2   H  N N 100 
GLN HA   H  N N 101 
GLN HB2  H  N N 102 
GLN HB3  H  N N 103 
GLN HG2  H  N N 104 
GLN HG3  H  N N 105 
GLN HE21 H  N N 106 
GLN HE22 H  N N 107 
GLN HXT  H  N N 108 
GLU N    N  N N 109 
GLU CA   C  N S 110 
GLU C    C  N N 111 
GLU O    O  N N 112 
GLU CB   C  N N 113 
GLU CG   C  N N 114 
GLU CD   C  N N 115 
GLU OE1  O  N N 116 
GLU OE2  O  N N 117 
GLU OXT  O  N N 118 
GLU H    H  N N 119 
GLU H2   H  N N 120 
GLU HA   H  N N 121 
GLU HB2  H  N N 122 
GLU HB3  H  N N 123 
GLU HG2  H  N N 124 
GLU HG3  H  N N 125 
GLU HE2  H  N N 126 
GLU HXT  H  N N 127 
GLY N    N  N N 128 
GLY CA   C  N N 129 
GLY C    C  N N 130 
GLY O    O  N N 131 
GLY OXT  O  N N 132 
GLY H    H  N N 133 
GLY H2   H  N N 134 
GLY HA2  H  N N 135 
GLY HA3  H  N N 136 
GLY HXT  H  N N 137 
HIS N    N  N N 138 
HIS CA   C  N S 139 
HIS C    C  N N 140 
HIS O    O  N N 141 
HIS CB   C  N N 142 
HIS CG   C  Y N 143 
HIS ND1  N  Y N 144 
HIS CD2  C  Y N 145 
HIS CE1  C  Y N 146 
HIS NE2  N  Y N 147 
HIS OXT  O  N N 148 
HIS H    H  N N 149 
HIS H2   H  N N 150 
HIS HA   H  N N 151 
HIS HB2  H  N N 152 
HIS HB3  H  N N 153 
HIS HD1  H  N N 154 
HIS HD2  H  N N 155 
HIS HE1  H  N N 156 
HIS HE2  H  N N 157 
HIS HXT  H  N N 158 
HOH O    O  N N 159 
HOH H1   H  N N 160 
HOH H2   H  N N 161 
ILE N    N  N N 162 
ILE CA   C  N S 163 
ILE C    C  N N 164 
ILE O    O  N N 165 
ILE CB   C  N S 166 
ILE CG1  C  N N 167 
ILE CG2  C  N N 168 
ILE CD1  C  N N 169 
ILE OXT  O  N N 170 
ILE H    H  N N 171 
ILE H2   H  N N 172 
ILE HA   H  N N 173 
ILE HB   H  N N 174 
ILE HG12 H  N N 175 
ILE HG13 H  N N 176 
ILE HG21 H  N N 177 
ILE HG22 H  N N 178 
ILE HG23 H  N N 179 
ILE HD11 H  N N 180 
ILE HD12 H  N N 181 
ILE HD13 H  N N 182 
ILE HXT  H  N N 183 
LEU N    N  N N 184 
LEU CA   C  N S 185 
LEU C    C  N N 186 
LEU O    O  N N 187 
LEU CB   C  N N 188 
LEU CG   C  N N 189 
LEU CD1  C  N N 190 
LEU CD2  C  N N 191 
LEU OXT  O  N N 192 
LEU H    H  N N 193 
LEU H2   H  N N 194 
LEU HA   H  N N 195 
LEU HB2  H  N N 196 
LEU HB3  H  N N 197 
LEU HG   H  N N 198 
LEU HD11 H  N N 199 
LEU HD12 H  N N 200 
LEU HD13 H  N N 201 
LEU HD21 H  N N 202 
LEU HD22 H  N N 203 
LEU HD23 H  N N 204 
LEU HXT  H  N N 205 
LYS N    N  N N 206 
LYS CA   C  N S 207 
LYS C    C  N N 208 
LYS O    O  N N 209 
LYS CB   C  N N 210 
LYS CG   C  N N 211 
LYS CD   C  N N 212 
LYS CE   C  N N 213 
LYS NZ   N  N N 214 
LYS OXT  O  N N 215 
LYS H    H  N N 216 
LYS H2   H  N N 217 
LYS HA   H  N N 218 
LYS HB2  H  N N 219 
LYS HB3  H  N N 220 
LYS HG2  H  N N 221 
LYS HG3  H  N N 222 
LYS HD2  H  N N 223 
LYS HD3  H  N N 224 
LYS HE2  H  N N 225 
LYS HE3  H  N N 226 
LYS HZ1  H  N N 227 
LYS HZ2  H  N N 228 
LYS HZ3  H  N N 229 
LYS HXT  H  N N 230 
MET N    N  N N 231 
MET CA   C  N S 232 
MET C    C  N N 233 
MET O    O  N N 234 
MET CB   C  N N 235 
MET CG   C  N N 236 
MET SD   S  N N 237 
MET CE   C  N N 238 
MET OXT  O  N N 239 
MET H    H  N N 240 
MET H2   H  N N 241 
MET HA   H  N N 242 
MET HB2  H  N N 243 
MET HB3  H  N N 244 
MET HG2  H  N N 245 
MET HG3  H  N N 246 
MET HE1  H  N N 247 
MET HE2  H  N N 248 
MET HE3  H  N N 249 
MET HXT  H  N N 250 
NI  NI   NI N N 251 
PHE N    N  N N 252 
PHE CA   C  N S 253 
PHE C    C  N N 254 
PHE O    O  N N 255 
PHE CB   C  N N 256 
PHE CG   C  Y N 257 
PHE CD1  C  Y N 258 
PHE CD2  C  Y N 259 
PHE CE1  C  Y N 260 
PHE CE2  C  Y N 261 
PHE CZ   C  Y N 262 
PHE OXT  O  N N 263 
PHE H    H  N N 264 
PHE H2   H  N N 265 
PHE HA   H  N N 266 
PHE HB2  H  N N 267 
PHE HB3  H  N N 268 
PHE HD1  H  N N 269 
PHE HD2  H  N N 270 
PHE HE1  H  N N 271 
PHE HE2  H  N N 272 
PHE HZ   H  N N 273 
PHE HXT  H  N N 274 
PRO N    N  N N 275 
PRO CA   C  N S 276 
PRO C    C  N N 277 
PRO O    O  N N 278 
PRO CB   C  N N 279 
PRO CG   C  N N 280 
PRO CD   C  N N 281 
PRO OXT  O  N N 282 
PRO H    H  N N 283 
PRO HA   H  N N 284 
PRO HB2  H  N N 285 
PRO HB3  H  N N 286 
PRO HG2  H  N N 287 
PRO HG3  H  N N 288 
PRO HD2  H  N N 289 
PRO HD3  H  N N 290 
PRO HXT  H  N N 291 
SER N    N  N N 292 
SER CA   C  N S 293 
SER C    C  N N 294 
SER O    O  N N 295 
SER CB   C  N N 296 
SER OG   O  N N 297 
SER OXT  O  N N 298 
SER H    H  N N 299 
SER H2   H  N N 300 
SER HA   H  N N 301 
SER HB2  H  N N 302 
SER HB3  H  N N 303 
SER HG   H  N N 304 
SER HXT  H  N N 305 
THR N    N  N N 306 
THR CA   C  N S 307 
THR C    C  N N 308 
THR O    O  N N 309 
THR CB   C  N R 310 
THR OG1  O  N N 311 
THR CG2  C  N N 312 
THR OXT  O  N N 313 
THR H    H  N N 314 
THR H2   H  N N 315 
THR HA   H  N N 316 
THR HB   H  N N 317 
THR HG1  H  N N 318 
THR HG21 H  N N 319 
THR HG22 H  N N 320 
THR HG23 H  N N 321 
THR HXT  H  N N 322 
TRP N    N  N N 323 
TRP CA   C  N S 324 
TRP C    C  N N 325 
TRP O    O  N N 326 
TRP CB   C  N N 327 
TRP CG   C  Y N 328 
TRP CD1  C  Y N 329 
TRP CD2  C  Y N 330 
TRP NE1  N  Y N 331 
TRP CE2  C  Y N 332 
TRP CE3  C  Y N 333 
TRP CZ2  C  Y N 334 
TRP CZ3  C  Y N 335 
TRP CH2  C  Y N 336 
TRP OXT  O  N N 337 
TRP H    H  N N 338 
TRP H2   H  N N 339 
TRP HA   H  N N 340 
TRP HB2  H  N N 341 
TRP HB3  H  N N 342 
TRP HD1  H  N N 343 
TRP HE1  H  N N 344 
TRP HE3  H  N N 345 
TRP HZ2  H  N N 346 
TRP HZ3  H  N N 347 
TRP HH2  H  N N 348 
TRP HXT  H  N N 349 
TYR N    N  N N 350 
TYR CA   C  N S 351 
TYR C    C  N N 352 
TYR O    O  N N 353 
TYR CB   C  N N 354 
TYR CG   C  Y N 355 
TYR CD1  C  Y N 356 
TYR CD2  C  Y N 357 
TYR CE1  C  Y N 358 
TYR CE2  C  Y N 359 
TYR CZ   C  Y N 360 
TYR OH   O  N N 361 
TYR OXT  O  N N 362 
TYR H    H  N N 363 
TYR H2   H  N N 364 
TYR HA   H  N N 365 
TYR HB2  H  N N 366 
TYR HB3  H  N N 367 
TYR HD1  H  N N 368 
TYR HD2  H  N N 369 
TYR HE1  H  N N 370 
TYR HE2  H  N N 371 
TYR HH   H  N N 372 
TYR HXT  H  N N 373 
VAL N    N  N N 374 
VAL CA   C  N S 375 
VAL C    C  N N 376 
VAL O    O  N N 377 
VAL CB   C  N N 378 
VAL CG1  C  N N 379 
VAL CG2  C  N N 380 
VAL OXT  O  N N 381 
VAL H    H  N N 382 
VAL H2   H  N N 383 
VAL HA   H  N N 384 
VAL HB   H  N N 385 
VAL HG11 H  N N 386 
VAL HG12 H  N N 387 
VAL HG13 H  N N 388 
VAL HG21 H  N N 389 
VAL HG22 H  N N 390 
VAL HG23 H  N N 391 
VAL HXT  H  N N 392 
# 
loop_
_chem_comp_bond.comp_id 
_chem_comp_bond.atom_id_1 
_chem_comp_bond.atom_id_2 
_chem_comp_bond.value_order 
_chem_comp_bond.pdbx_aromatic_flag 
_chem_comp_bond.pdbx_stereo_config 
_chem_comp_bond.pdbx_ordinal 
ALA N   CA   sing N N 1   
ALA N   H    sing N N 2   
ALA N   H2   sing N N 3   
ALA CA  C    sing N N 4   
ALA CA  CB   sing N N 5   
ALA CA  HA   sing N N 6   
ALA C   O    doub N N 7   
ALA C   OXT  sing N N 8   
ALA CB  HB1  sing N N 9   
ALA CB  HB2  sing N N 10  
ALA CB  HB3  sing N N 11  
ALA OXT HXT  sing N N 12  
ARG N   CA   sing N N 13  
ARG N   H    sing N N 14  
ARG N   H2   sing N N 15  
ARG CA  C    sing N N 16  
ARG CA  CB   sing N N 17  
ARG CA  HA   sing N N 18  
ARG C   O    doub N N 19  
ARG C   OXT  sing N N 20  
ARG CB  CG   sing N N 21  
ARG CB  HB2  sing N N 22  
ARG CB  HB3  sing N N 23  
ARG CG  CD   sing N N 24  
ARG CG  HG2  sing N N 25  
ARG CG  HG3  sing N N 26  
ARG CD  NE   sing N N 27  
ARG CD  HD2  sing N N 28  
ARG CD  HD3  sing N N 29  
ARG NE  CZ   sing N N 30  
ARG NE  HE   sing N N 31  
ARG CZ  NH1  sing N N 32  
ARG CZ  NH2  doub N N 33  
ARG NH1 HH11 sing N N 34  
ARG NH1 HH12 sing N N 35  
ARG NH2 HH21 sing N N 36  
ARG NH2 HH22 sing N N 37  
ARG OXT HXT  sing N N 38  
ASN N   CA   sing N N 39  
ASN N   H    sing N N 40  
ASN N   H2   sing N N 41  
ASN CA  C    sing N N 42  
ASN CA  CB   sing N N 43  
ASN CA  HA   sing N N 44  
ASN C   O    doub N N 45  
ASN C   OXT  sing N N 46  
ASN CB  CG   sing N N 47  
ASN CB  HB2  sing N N 48  
ASN CB  HB3  sing N N 49  
ASN CG  OD1  doub N N 50  
ASN CG  ND2  sing N N 51  
ASN ND2 HD21 sing N N 52  
ASN ND2 HD22 sing N N 53  
ASN OXT HXT  sing N N 54  
ASP N   CA   sing N N 55  
ASP N   H    sing N N 56  
ASP N   H2   sing N N 57  
ASP CA  C    sing N N 58  
ASP CA  CB   sing N N 59  
ASP CA  HA   sing N N 60  
ASP C   O    doub N N 61  
ASP C   OXT  sing N N 62  
ASP CB  CG   sing N N 63  
ASP CB  HB2  sing N N 64  
ASP CB  HB3  sing N N 65  
ASP CG  OD1  doub N N 66  
ASP CG  OD2  sing N N 67  
ASP OD2 HD2  sing N N 68  
ASP OXT HXT  sing N N 69  
CYS N   CA   sing N N 70  
CYS N   H    sing N N 71  
CYS N   H2   sing N N 72  
CYS CA  C    sing N N 73  
CYS CA  CB   sing N N 74  
CYS CA  HA   sing N N 75  
CYS C   O    doub N N 76  
CYS C   OXT  sing N N 77  
CYS CB  SG   sing N N 78  
CYS CB  HB2  sing N N 79  
CYS CB  HB3  sing N N 80  
CYS SG  HG   sing N N 81  
CYS OXT HXT  sing N N 82  
GLN N   CA   sing N N 83  
GLN N   H    sing N N 84  
GLN N   H2   sing N N 85  
GLN CA  C    sing N N 86  
GLN CA  CB   sing N N 87  
GLN CA  HA   sing N N 88  
GLN C   O    doub N N 89  
GLN C   OXT  sing N N 90  
GLN CB  CG   sing N N 91  
GLN CB  HB2  sing N N 92  
GLN CB  HB3  sing N N 93  
GLN CG  CD   sing N N 94  
GLN CG  HG2  sing N N 95  
GLN CG  HG3  sing N N 96  
GLN CD  OE1  doub N N 97  
GLN CD  NE2  sing N N 98  
GLN NE2 HE21 sing N N 99  
GLN NE2 HE22 sing N N 100 
GLN OXT HXT  sing N N 101 
GLU N   CA   sing N N 102 
GLU N   H    sing N N 103 
GLU N   H2   sing N N 104 
GLU CA  C    sing N N 105 
GLU CA  CB   sing N N 106 
GLU CA  HA   sing N N 107 
GLU C   O    doub N N 108 
GLU C   OXT  sing N N 109 
GLU CB  CG   sing N N 110 
GLU CB  HB2  sing N N 111 
GLU CB  HB3  sing N N 112 
GLU CG  CD   sing N N 113 
GLU CG  HG2  sing N N 114 
GLU CG  HG3  sing N N 115 
GLU CD  OE1  doub N N 116 
GLU CD  OE2  sing N N 117 
GLU OE2 HE2  sing N N 118 
GLU OXT HXT  sing N N 119 
GLY N   CA   sing N N 120 
GLY N   H    sing N N 121 
GLY N   H2   sing N N 122 
GLY CA  C    sing N N 123 
GLY CA  HA2  sing N N 124 
GLY CA  HA3  sing N N 125 
GLY C   O    doub N N 126 
GLY C   OXT  sing N N 127 
GLY OXT HXT  sing N N 128 
HIS N   CA   sing N N 129 
HIS N   H    sing N N 130 
HIS N   H2   sing N N 131 
HIS CA  C    sing N N 132 
HIS CA  CB   sing N N 133 
HIS CA  HA   sing N N 134 
HIS C   O    doub N N 135 
HIS C   OXT  sing N N 136 
HIS CB  CG   sing N N 137 
HIS CB  HB2  sing N N 138 
HIS CB  HB3  sing N N 139 
HIS CG  ND1  sing Y N 140 
HIS CG  CD2  doub Y N 141 
HIS ND1 CE1  doub Y N 142 
HIS ND1 HD1  sing N N 143 
HIS CD2 NE2  sing Y N 144 
HIS CD2 HD2  sing N N 145 
HIS CE1 NE2  sing Y N 146 
HIS CE1 HE1  sing N N 147 
HIS NE2 HE2  sing N N 148 
HIS OXT HXT  sing N N 149 
HOH O   H1   sing N N 150 
HOH O   H2   sing N N 151 
ILE N   CA   sing N N 152 
ILE N   H    sing N N 153 
ILE N   H2   sing N N 154 
ILE CA  C    sing N N 155 
ILE CA  CB   sing N N 156 
ILE CA  HA   sing N N 157 
ILE C   O    doub N N 158 
ILE C   OXT  sing N N 159 
ILE CB  CG1  sing N N 160 
ILE CB  CG2  sing N N 161 
ILE CB  HB   sing N N 162 
ILE CG1 CD1  sing N N 163 
ILE CG1 HG12 sing N N 164 
ILE CG1 HG13 sing N N 165 
ILE CG2 HG21 sing N N 166 
ILE CG2 HG22 sing N N 167 
ILE CG2 HG23 sing N N 168 
ILE CD1 HD11 sing N N 169 
ILE CD1 HD12 sing N N 170 
ILE CD1 HD13 sing N N 171 
ILE OXT HXT  sing N N 172 
LEU N   CA   sing N N 173 
LEU N   H    sing N N 174 
LEU N   H2   sing N N 175 
LEU CA  C    sing N N 176 
LEU CA  CB   sing N N 177 
LEU CA  HA   sing N N 178 
LEU C   O    doub N N 179 
LEU C   OXT  sing N N 180 
LEU CB  CG   sing N N 181 
LEU CB  HB2  sing N N 182 
LEU CB  HB3  sing N N 183 
LEU CG  CD1  sing N N 184 
LEU CG  CD2  sing N N 185 
LEU CG  HG   sing N N 186 
LEU CD1 HD11 sing N N 187 
LEU CD1 HD12 sing N N 188 
LEU CD1 HD13 sing N N 189 
LEU CD2 HD21 sing N N 190 
LEU CD2 HD22 sing N N 191 
LEU CD2 HD23 sing N N 192 
LEU OXT HXT  sing N N 193 
LYS N   CA   sing N N 194 
LYS N   H    sing N N 195 
LYS N   H2   sing N N 196 
LYS CA  C    sing N N 197 
LYS CA  CB   sing N N 198 
LYS CA  HA   sing N N 199 
LYS C   O    doub N N 200 
LYS C   OXT  sing N N 201 
LYS CB  CG   sing N N 202 
LYS CB  HB2  sing N N 203 
LYS CB  HB3  sing N N 204 
LYS CG  CD   sing N N 205 
LYS CG  HG2  sing N N 206 
LYS CG  HG3  sing N N 207 
LYS CD  CE   sing N N 208 
LYS CD  HD2  sing N N 209 
LYS CD  HD3  sing N N 210 
LYS CE  NZ   sing N N 211 
LYS CE  HE2  sing N N 212 
LYS CE  HE3  sing N N 213 
LYS NZ  HZ1  sing N N 214 
LYS NZ  HZ2  sing N N 215 
LYS NZ  HZ3  sing N N 216 
LYS OXT HXT  sing N N 217 
MET N   CA   sing N N 218 
MET N   H    sing N N 219 
MET N   H2   sing N N 220 
MET CA  C    sing N N 221 
MET CA  CB   sing N N 222 
MET CA  HA   sing N N 223 
MET C   O    doub N N 224 
MET C   OXT  sing N N 225 
MET CB  CG   sing N N 226 
MET CB  HB2  sing N N 227 
MET CB  HB3  sing N N 228 
MET CG  SD   sing N N 229 
MET CG  HG2  sing N N 230 
MET CG  HG3  sing N N 231 
MET SD  CE   sing N N 232 
MET CE  HE1  sing N N 233 
MET CE  HE2  sing N N 234 
MET CE  HE3  sing N N 235 
MET OXT HXT  sing N N 236 
PHE N   CA   sing N N 237 
PHE N   H    sing N N 238 
PHE N   H2   sing N N 239 
PHE CA  C    sing N N 240 
PHE CA  CB   sing N N 241 
PHE CA  HA   sing N N 242 
PHE C   O    doub N N 243 
PHE C   OXT  sing N N 244 
PHE CB  CG   sing N N 245 
PHE CB  HB2  sing N N 246 
PHE CB  HB3  sing N N 247 
PHE CG  CD1  doub Y N 248 
PHE CG  CD2  sing Y N 249 
PHE CD1 CE1  sing Y N 250 
PHE CD1 HD1  sing N N 251 
PHE CD2 CE2  doub Y N 252 
PHE CD2 HD2  sing N N 253 
PHE CE1 CZ   doub Y N 254 
PHE CE1 HE1  sing N N 255 
PHE CE2 CZ   sing Y N 256 
PHE CE2 HE2  sing N N 257 
PHE CZ  HZ   sing N N 258 
PHE OXT HXT  sing N N 259 
PRO N   CA   sing N N 260 
PRO N   CD   sing N N 261 
PRO N   H    sing N N 262 
PRO CA  C    sing N N 263 
PRO CA  CB   sing N N 264 
PRO CA  HA   sing N N 265 
PRO C   O    doub N N 266 
PRO C   OXT  sing N N 267 
PRO CB  CG   sing N N 268 
PRO CB  HB2  sing N N 269 
PRO CB  HB3  sing N N 270 
PRO CG  CD   sing N N 271 
PRO CG  HG2  sing N N 272 
PRO CG  HG3  sing N N 273 
PRO CD  HD2  sing N N 274 
PRO CD  HD3  sing N N 275 
PRO OXT HXT  sing N N 276 
SER N   CA   sing N N 277 
SER N   H    sing N N 278 
SER N   H2   sing N N 279 
SER CA  C    sing N N 280 
SER CA  CB   sing N N 281 
SER CA  HA   sing N N 282 
SER C   O    doub N N 283 
SER C   OXT  sing N N 284 
SER CB  OG   sing N N 285 
SER CB  HB2  sing N N 286 
SER CB  HB3  sing N N 287 
SER OG  HG   sing N N 288 
SER OXT HXT  sing N N 289 
THR N   CA   sing N N 290 
THR N   H    sing N N 291 
THR N   H2   sing N N 292 
THR CA  C    sing N N 293 
THR CA  CB   sing N N 294 
THR CA  HA   sing N N 295 
THR C   O    doub N N 296 
THR C   OXT  sing N N 297 
THR CB  OG1  sing N N 298 
THR CB  CG2  sing N N 299 
THR CB  HB   sing N N 300 
THR OG1 HG1  sing N N 301 
THR CG2 HG21 sing N N 302 
THR CG2 HG22 sing N N 303 
THR CG2 HG23 sing N N 304 
THR OXT HXT  sing N N 305 
TRP N   CA   sing N N 306 
TRP N   H    sing N N 307 
TRP N   H2   sing N N 308 
TRP CA  C    sing N N 309 
TRP CA  CB   sing N N 310 
TRP CA  HA   sing N N 311 
TRP C   O    doub N N 312 
TRP C   OXT  sing N N 313 
TRP CB  CG   sing N N 314 
TRP CB  HB2  sing N N 315 
TRP CB  HB3  sing N N 316 
TRP CG  CD1  doub Y N 317 
TRP CG  CD2  sing Y N 318 
TRP CD1 NE1  sing Y N 319 
TRP CD1 HD1  sing N N 320 
TRP CD2 CE2  doub Y N 321 
TRP CD2 CE3  sing Y N 322 
TRP NE1 CE2  sing Y N 323 
TRP NE1 HE1  sing N N 324 
TRP CE2 CZ2  sing Y N 325 
TRP CE3 CZ3  doub Y N 326 
TRP CE3 HE3  sing N N 327 
TRP CZ2 CH2  doub Y N 328 
TRP CZ2 HZ2  sing N N 329 
TRP CZ3 CH2  sing Y N 330 
TRP CZ3 HZ3  sing N N 331 
TRP CH2 HH2  sing N N 332 
TRP OXT HXT  sing N N 333 
TYR N   CA   sing N N 334 
TYR N   H    sing N N 335 
TYR N   H2   sing N N 336 
TYR CA  C    sing N N 337 
TYR CA  CB   sing N N 338 
TYR CA  HA   sing N N 339 
TYR C   O    doub N N 340 
TYR C   OXT  sing N N 341 
TYR CB  CG   sing N N 342 
TYR CB  HB2  sing N N 343 
TYR CB  HB3  sing N N 344 
TYR CG  CD1  doub Y N 345 
TYR CG  CD2  sing Y N 346 
TYR CD1 CE1  sing Y N 347 
TYR CD1 HD1  sing N N 348 
TYR CD2 CE2  doub Y N 349 
TYR CD2 HD2  sing N N 350 
TYR CE1 CZ   doub Y N 351 
TYR CE1 HE1  sing N N 352 
TYR CE2 CZ   sing Y N 353 
TYR CE2 HE2  sing N N 354 
TYR CZ  OH   sing N N 355 
TYR OH  HH   sing N N 356 
TYR OXT HXT  sing N N 357 
VAL N   CA   sing N N 358 
VAL N   H    sing N N 359 
VAL N   H2   sing N N 360 
VAL CA  C    sing N N 361 
VAL CA  CB   sing N N 362 
VAL CA  HA   sing N N 363 
VAL C   O    doub N N 364 
VAL C   OXT  sing N N 365 
VAL CB  CG1  sing N N 366 
VAL CB  CG2  sing N N 367 
VAL CB  HB   sing N N 368 
VAL CG1 HG11 sing N N 369 
VAL CG1 HG12 sing N N 370 
VAL CG1 HG13 sing N N 371 
VAL CG2 HG21 sing N N 372 
VAL CG2 HG22 sing N N 373 
VAL CG2 HG23 sing N N 374 
VAL OXT HXT  sing N N 375 
# 
_pdbx_audit_support.funding_organization   'National Natural Science Foundation of China (NSFC)' 
_pdbx_audit_support.country                China 
_pdbx_audit_support.grant_number           31972018 
_pdbx_audit_support.ordinal                1 
# 
_pdbx_entity_instance_feature.ordinal        1 
_pdbx_entity_instance_feature.comp_id        NI 
_pdbx_entity_instance_feature.asym_id        ? 
_pdbx_entity_instance_feature.seq_num        ? 
_pdbx_entity_instance_feature.auth_comp_id   NI 
_pdbx_entity_instance_feature.auth_asym_id   ? 
_pdbx_entity_instance_feature.auth_seq_num   ? 
_pdbx_entity_instance_feature.feature_type   'SUBJECT OF INVESTIGATION' 
_pdbx_entity_instance_feature.details        ? 
# 
loop_
_pdbx_entity_nonpoly.entity_id 
_pdbx_entity_nonpoly.name 
_pdbx_entity_nonpoly.comp_id 
2 'NICKEL (II) ION' NI  
3 'FE (III) ION'    FE  
4 water             HOH 
# 
_pdbx_initial_refinement_model.id               1 
_pdbx_initial_refinement_model.entity_id_list   ? 
_pdbx_initial_refinement_model.type             'experimental model' 
_pdbx_initial_refinement_model.source_name      PDB 
_pdbx_initial_refinement_model.accession_code   6A4U 
_pdbx_initial_refinement_model.details          ? 
# 
_pdbx_struct_assembly_auth_evidence.id                     1 
_pdbx_struct_assembly_auth_evidence.assembly_id            1 
_pdbx_struct_assembly_auth_evidence.experimental_support   'gel filtration' 
_pdbx_struct_assembly_auth_evidence.details                ? 
# 
